data_6UK3
#
_entry.id   6UK3
#
_cell.length_a   96.030
_cell.length_b   112.730
_cell.length_c   105.920
_cell.angle_alpha   90.000
_cell.angle_beta   114.725
_cell.angle_gamma   90.000
#
_symmetry.space_group_name_H-M   'P 1 21 1'
#
loop_
_entity.id
_entity.type
_entity.pdbx_description
1 polymer Adenosylhomocysteinase
2 non-polymer NICOTINAMIDE-ADENINE-DINUCLEOTIDE
3 non-polymer ADENOSINE
4 non-polymer 'FORMIC ACID'
5 non-polymer 'POTASSIUM ION'
6 non-polymer 'OXAMIC ACID'
7 non-polymer 'ACETATE ION'
8 water water
#
_entity_poly.entity_id   1
_entity_poly.type   'polypeptide(L)'
_entity_poly.pdbx_seq_one_letter_code
;MAHHHHHHMQTQTQTQPAGNAFQYEIRDISLAEFGRKEINLAEHEMPGLMQTREKYGAEQPLKGVRLAGSLHMTIQTAVL
IETLQALGANVRWCSCNIFSTQDHAAAAIVAAGTPVFAWKGETLEEYWECTWKTLLFPDDMGPQLIVDDGGDATLMVHRG
FYAEDNPSILDDDEGSEELAIVNKLLKRIQKEKPGYWHKIVPELKGVSEETTTGVHRLYEMMKEGKLLFPALNVNDSVTK
SKFDNVYGCRHSLVDAIMRATDVMLSGKVACVLGYGDVGKGSAESLKGQGARVVVTEVDPICALQACMAGYEVVRIEDVL
DKAEIFVTTTGNCDIIRIEHMEKMRHNAIVCNIGHFDNEIQVKALKEFPGIKRIEIKPQVDQFVFPDGHAIVLLAEGRLV
NLGCATGHPSFVMSNSFTNQTLAQISLWKEKYELGVYTLPKKLDEEVARLHLEKLGAKLTVLTDKQAKYLGIAKDGPYKP
DHYRY
;
_entity_poly.pdbx_strand_id   A,B,C,D
#
# COMPACT_ATOMS: atom_id res chain seq x y z
N THR A 11 -0.75 -41.78 13.40
CA THR A 11 -0.07 -41.87 12.13
C THR A 11 1.01 -42.96 12.14
N GLN A 12 0.89 -43.89 11.20
CA GLN A 12 1.85 -44.99 11.12
C GLN A 12 3.18 -44.49 10.59
N THR A 13 4.26 -44.82 11.30
CA THR A 13 5.60 -44.34 10.96
C THR A 13 6.52 -45.47 10.52
N GLN A 14 7.65 -45.08 9.97
CA GLN A 14 8.75 -45.97 9.62
C GLN A 14 9.94 -45.67 10.52
N THR A 15 10.46 -46.71 11.17
CA THR A 15 11.70 -46.59 11.93
C THR A 15 12.81 -47.29 11.15
N GLN A 16 14.06 -47.06 11.58
CA GLN A 16 15.19 -47.65 10.89
C GLN A 16 15.10 -49.18 10.95
N PRO A 17 15.59 -49.88 9.92
CA PRO A 17 15.67 -51.34 10.00
C PRO A 17 16.56 -51.76 11.16
N ALA A 18 16.28 -52.95 11.69
CA ALA A 18 17.13 -53.47 12.75
C ALA A 18 18.57 -53.54 12.29
N GLY A 19 19.50 -53.13 13.17
CA GLY A 19 20.89 -53.11 12.81
C GLY A 19 21.31 -52.02 11.85
N ASN A 20 20.43 -51.06 11.56
CA ASN A 20 20.81 -49.94 10.70
C ASN A 20 21.95 -49.16 11.35
N ALA A 21 22.75 -48.51 10.52
CA ALA A 21 23.86 -47.71 11.04
C ALA A 21 23.37 -46.59 11.94
N PHE A 22 22.15 -46.08 11.72
CA PHE A 22 21.65 -44.97 12.51
C PHE A 22 20.14 -45.10 12.70
N GLN A 23 19.61 -44.38 13.67
CA GLN A 23 18.20 -44.42 14.04
C GLN A 23 17.42 -43.30 13.35
N TYR A 24 16.14 -43.55 13.08
CA TYR A 24 15.24 -42.52 12.58
C TYR A 24 13.80 -42.96 12.79
N GLU A 25 12.88 -41.99 12.71
CA GLU A 25 11.45 -42.29 12.68
C GLU A 25 10.75 -41.19 11.90
N ILE A 26 10.19 -41.55 10.74
CA ILE A 26 9.57 -40.59 9.81
C ILE A 26 8.32 -41.24 9.23
N ARG A 27 7.58 -40.46 8.44
CA ARG A 27 6.35 -40.97 7.82
CA ARG A 27 6.36 -40.97 7.83
C ARG A 27 6.64 -41.92 6.67
N ASP A 28 7.49 -41.52 5.72
CA ASP A 28 7.59 -42.28 4.47
C ASP A 28 8.90 -41.95 3.74
N ILE A 29 9.82 -42.91 3.75
CA ILE A 29 11.11 -42.72 3.09
C ILE A 29 10.98 -42.55 1.58
N SER A 30 9.89 -43.03 0.98
CA SER A 30 9.73 -42.91 -0.46
C SER A 30 9.56 -41.47 -0.93
N LEU A 31 9.31 -40.54 -0.01
CA LEU A 31 9.22 -39.12 -0.34
C LEU A 31 10.57 -38.46 -0.53
N ALA A 32 11.67 -39.22 -0.37
CA ALA A 32 13.00 -38.60 -0.32
C ALA A 32 13.35 -37.89 -1.63
N GLU A 33 13.06 -38.52 -2.77
CA GLU A 33 13.45 -37.92 -4.05
C GLU A 33 12.74 -36.59 -4.27
N PHE A 34 11.45 -36.52 -3.93
CA PHE A 34 10.70 -35.27 -4.00
C PHE A 34 11.29 -34.24 -3.04
N GLY A 35 11.55 -34.63 -1.80
CA GLY A 35 12.18 -33.71 -0.87
C GLY A 35 13.50 -33.18 -1.36
N ARG A 36 14.32 -34.05 -1.95
CA ARG A 36 15.63 -33.62 -2.42
C ARG A 36 15.51 -32.61 -3.57
N LYS A 37 14.54 -32.80 -4.46
CA LYS A 37 14.30 -31.81 -5.52
C LYS A 37 13.96 -30.46 -4.92
N GLU A 38 13.11 -30.42 -3.89
CA GLU A 38 12.76 -29.12 -3.32
C GLU A 38 13.91 -28.54 -2.50
N ILE A 39 14.75 -29.38 -1.91
CA ILE A 39 15.95 -28.88 -1.23
C ILE A 39 16.89 -28.22 -2.23
N ASN A 40 17.09 -28.86 -3.39
CA ASN A 40 17.96 -28.28 -4.42
C ASN A 40 17.48 -26.91 -4.84
N LEU A 41 16.16 -26.77 -5.03
CA LEU A 41 15.59 -25.46 -5.35
C LEU A 41 15.81 -24.47 -4.20
N ALA A 42 15.58 -24.93 -2.97
CA ALA A 42 15.71 -24.04 -1.82
C ALA A 42 17.15 -23.56 -1.64
N GLU A 43 18.14 -24.40 -1.92
CA GLU A 43 19.53 -23.97 -1.80
C GLU A 43 19.78 -22.72 -2.62
N HIS A 44 19.23 -22.67 -3.84
CA HIS A 44 19.40 -21.48 -4.67
CA HIS A 44 19.41 -21.48 -4.67
C HIS A 44 18.74 -20.25 -4.06
N GLU A 45 17.68 -20.45 -3.29
CA GLU A 45 16.99 -19.36 -2.61
C GLU A 45 17.61 -19.00 -1.27
N MET A 46 18.70 -19.64 -0.86
CA MET A 46 19.30 -19.39 0.46
C MET A 46 20.78 -19.04 0.32
N PRO A 47 21.09 -17.92 -0.36
CA PRO A 47 22.49 -17.60 -0.63
C PRO A 47 23.30 -17.33 0.62
N GLY A 48 22.71 -16.73 1.65
CA GLY A 48 23.45 -16.50 2.88
C GLY A 48 23.89 -17.80 3.51
N LEU A 49 22.97 -18.78 3.55
CA LEU A 49 23.31 -20.05 4.15
CA LEU A 49 23.29 -20.08 4.14
C LEU A 49 24.35 -20.80 3.31
N MET A 50 24.19 -20.82 1.99
CA MET A 50 25.12 -21.56 1.14
C MET A 50 26.50 -20.89 1.12
N GLN A 51 26.55 -19.55 1.16
CA GLN A 51 27.86 -18.91 1.19
C GLN A 51 28.55 -19.10 2.53
N THR A 52 27.79 -19.17 3.61
CA THR A 52 28.38 -19.45 4.91
C THR A 52 28.91 -20.88 4.95
N ARG A 53 28.16 -21.80 4.35
CA ARG A 53 28.64 -23.16 4.21
C ARG A 53 30.01 -23.19 3.52
N GLU A 54 30.17 -22.41 2.44
CA GLU A 54 31.44 -22.39 1.72
C GLU A 54 32.53 -21.70 2.53
N LYS A 55 32.21 -20.60 3.21
CA LYS A 55 33.21 -19.82 3.91
C LYS A 55 33.89 -20.62 5.02
N TYR A 56 33.12 -21.43 5.75
CA TYR A 56 33.64 -22.14 6.91
C TYR A 56 33.97 -23.60 6.60
N GLY A 57 33.80 -24.03 5.34
CA GLY A 57 33.99 -25.43 5.01
C GLY A 57 35.39 -25.95 5.29
N ALA A 58 36.42 -25.19 4.90
CA ALA A 58 37.78 -25.69 5.11
C ALA A 58 38.11 -25.78 6.60
N GLU A 59 37.62 -24.83 7.38
CA GLU A 59 37.94 -24.77 8.81
C GLU A 59 37.31 -25.92 9.58
N GLN A 60 36.15 -26.41 9.13
CA GLN A 60 35.40 -27.43 9.85
C GLN A 60 35.20 -27.04 11.33
N PRO A 61 34.57 -25.89 11.58
CA PRO A 61 34.50 -25.37 12.96
C PRO A 61 33.67 -26.23 13.89
N LEU A 62 32.79 -27.09 13.36
CA LEU A 62 31.94 -27.95 14.18
C LEU A 62 32.38 -29.41 14.11
N LYS A 63 33.65 -29.66 13.80
CA LYS A 63 34.16 -31.01 13.59
C LYS A 63 33.79 -31.93 14.75
N GLY A 64 33.01 -32.96 14.45
CA GLY A 64 32.69 -34.00 15.42
C GLY A 64 31.72 -33.61 16.51
N VAL A 65 31.17 -32.39 16.50
CA VAL A 65 30.34 -31.93 17.61
C VAL A 65 28.99 -32.66 17.56
N ARG A 66 28.59 -33.24 18.70
CA ARG A 66 27.25 -33.82 18.80
C ARG A 66 26.23 -32.68 18.88
N LEU A 67 25.38 -32.58 17.87
CA LEU A 67 24.50 -31.43 17.73
C LEU A 67 23.07 -31.94 17.57
N ALA A 68 22.20 -31.56 18.51
CA ALA A 68 20.78 -31.91 18.47
C ALA A 68 19.99 -30.66 18.10
N GLY A 69 19.07 -30.81 17.15
CA GLY A 69 18.18 -29.71 16.79
C GLY A 69 16.72 -30.09 17.04
N SER A 70 15.97 -29.15 17.61
CA SER A 70 14.52 -29.26 17.80
C SER A 70 13.93 -28.03 17.13
N LEU A 71 13.53 -28.19 15.88
CA LEU A 71 13.12 -27.04 15.07
C LEU A 71 12.39 -27.58 13.85
N HIS A 72 11.22 -26.99 13.55
CA HIS A 72 10.34 -27.37 12.44
C HIS A 72 11.07 -28.06 11.29
N MET A 73 10.76 -29.33 11.05
CA MET A 73 11.50 -30.14 10.07
C MET A 73 10.96 -29.86 8.66
N THR A 74 11.32 -28.68 8.15
CA THR A 74 10.90 -28.21 6.84
C THR A 74 12.04 -28.36 5.82
N ILE A 75 11.71 -28.06 4.55
CA ILE A 75 12.73 -27.98 3.50
C ILE A 75 13.82 -26.98 3.89
N GLN A 76 13.44 -25.85 4.50
CA GLN A 76 14.42 -24.84 4.89
C GLN A 76 15.35 -25.36 5.97
N THR A 77 14.80 -26.09 6.94
CA THR A 77 15.61 -26.68 7.99
C THR A 77 16.54 -27.74 7.44
N ALA A 78 16.13 -28.44 6.38
CA ALA A 78 17.02 -29.40 5.74
C ALA A 78 18.30 -28.74 5.28
N VAL A 79 18.21 -27.52 4.72
CA VAL A 79 19.40 -26.81 4.28
C VAL A 79 20.25 -26.39 5.47
N LEU A 80 19.62 -26.03 6.59
CA LEU A 80 20.37 -25.74 7.81
C LEU A 80 21.10 -27.00 8.31
N ILE A 81 20.40 -28.12 8.41
CA ILE A 81 21.00 -29.37 8.87
C ILE A 81 22.24 -29.69 8.05
N GLU A 82 22.11 -29.59 6.72
CA GLU A 82 23.22 -29.95 5.85
C GLU A 82 24.33 -28.92 5.87
N THR A 83 24.03 -27.67 6.24
CA THR A 83 25.08 -26.69 6.47
C THR A 83 25.88 -27.05 7.72
N LEU A 84 25.18 -27.37 8.82
CA LEU A 84 25.87 -27.78 10.04
C LEU A 84 26.71 -29.03 9.78
N GLN A 85 26.19 -29.98 9.02
CA GLN A 85 26.95 -31.18 8.69
C GLN A 85 28.16 -30.85 7.82
N ALA A 86 27.99 -29.93 6.86
CA ALA A 86 29.10 -29.53 6.01
C ALA A 86 30.22 -28.87 6.81
N LEU A 87 29.92 -28.35 8.01
CA LEU A 87 30.92 -27.74 8.87
C LEU A 87 31.46 -28.71 9.91
N GLY A 88 31.04 -29.98 9.86
CA GLY A 88 31.62 -31.05 10.64
C GLY A 88 30.71 -31.67 11.69
N ALA A 89 29.52 -31.13 11.90
CA ALA A 89 28.70 -31.53 13.03
C ALA A 89 28.09 -32.92 12.83
N ASN A 90 27.86 -33.60 13.96
CA ASN A 90 27.24 -34.92 14.02
C ASN A 90 25.81 -34.68 14.51
N VAL A 91 24.84 -34.67 13.58
CA VAL A 91 23.55 -34.04 13.80
C VAL A 91 22.45 -35.08 14.00
N ARG A 92 21.54 -34.81 14.95
CA ARG A 92 20.25 -35.49 15.09
C ARG A 92 19.18 -34.41 15.17
N TRP A 93 17.98 -34.71 14.66
CA TRP A 93 16.97 -33.66 14.54
C TRP A 93 15.56 -34.16 14.81
N CYS A 94 14.75 -33.27 15.40
CA CYS A 94 13.30 -33.46 15.51
C CYS A 94 12.61 -32.13 15.24
N SER A 95 11.31 -32.20 15.00
CA SER A 95 10.55 -30.96 14.87
C SER A 95 10.21 -30.40 16.25
N CYS A 96 9.89 -29.11 16.28
CA CYS A 96 9.42 -28.48 17.51
C CYS A 96 7.90 -28.25 17.50
N ASN A 97 7.18 -28.86 16.57
CA ASN A 97 5.74 -28.70 16.49
C ASN A 97 5.16 -29.97 15.87
N ILE A 98 4.01 -30.41 16.38
CA ILE A 98 3.42 -31.66 15.93
C ILE A 98 2.90 -31.61 14.49
N PHE A 99 2.65 -30.43 13.93
CA PHE A 99 2.12 -30.31 12.58
C PHE A 99 3.06 -29.68 11.57
N SER A 100 4.27 -29.28 11.98
CA SER A 100 5.10 -28.45 11.10
C SER A 100 6.05 -29.24 10.21
N THR A 101 6.26 -30.53 10.47
CA THR A 101 7.17 -31.28 9.62
C THR A 101 6.65 -31.35 8.19
N GLN A 102 7.57 -31.20 7.23
CA GLN A 102 7.31 -31.51 5.84
C GLN A 102 7.90 -32.90 5.61
N ASP A 103 7.02 -33.89 5.39
CA ASP A 103 7.47 -35.27 5.39
C ASP A 103 8.49 -35.54 4.29
N HIS A 104 8.41 -34.82 3.17
CA HIS A 104 9.40 -35.03 2.12
C HIS A 104 10.76 -34.50 2.52
N ALA A 105 10.81 -33.38 3.25
CA ALA A 105 12.07 -32.88 3.79
C ALA A 105 12.70 -33.89 4.74
N ALA A 106 11.89 -34.43 5.66
CA ALA A 106 12.39 -35.42 6.61
C ALA A 106 12.95 -36.63 5.88
N ALA A 107 12.23 -37.12 4.86
CA ALA A 107 12.69 -38.29 4.13
C ALA A 107 14.00 -38.02 3.39
N ALA A 108 14.13 -36.84 2.78
CA ALA A 108 15.35 -36.53 2.04
C ALA A 108 16.56 -36.48 2.96
N ILE A 109 16.37 -36.00 4.19
CA ILE A 109 17.47 -35.91 5.14
C ILE A 109 17.83 -37.29 5.68
N VAL A 110 16.83 -38.13 5.97
CA VAL A 110 17.11 -39.52 6.37
C VAL A 110 17.84 -40.27 5.25
N ALA A 111 17.41 -40.06 4.00
CA ALA A 111 18.05 -40.74 2.88
C ALA A 111 19.51 -40.34 2.74
N ALA A 112 19.86 -39.14 3.18
CA ALA A 112 21.24 -38.70 3.20
C ALA A 112 22.03 -39.25 4.38
N GLY A 113 21.40 -40.00 5.27
CA GLY A 113 22.08 -40.65 6.37
C GLY A 113 21.91 -40.01 7.74
N THR A 114 20.93 -39.15 7.93
CA THR A 114 20.85 -38.34 9.14
C THR A 114 19.70 -38.78 10.02
N PRO A 115 19.94 -38.96 11.32
CA PRO A 115 18.84 -39.25 12.26
C PRO A 115 17.83 -38.10 12.32
N VAL A 116 16.59 -38.41 11.98
CA VAL A 116 15.45 -37.49 12.09
C VAL A 116 14.31 -38.24 12.74
N PHE A 117 13.66 -37.59 13.70
CA PHE A 117 12.50 -38.15 14.41
C PHE A 117 11.40 -37.09 14.29
N ALA A 118 10.61 -37.19 13.22
CA ALA A 118 9.67 -36.11 12.92
C ALA A 118 8.72 -36.55 11.82
N TRP A 119 7.44 -36.25 12.00
CA TRP A 119 6.46 -36.42 10.94
C TRP A 119 5.30 -35.45 11.18
N LYS A 120 4.58 -35.15 10.11
CA LYS A 120 3.41 -34.28 10.24
C LYS A 120 2.28 -35.04 10.91
N GLY A 121 1.71 -34.47 11.97
CA GLY A 121 0.61 -35.10 12.66
C GLY A 121 0.98 -36.00 13.82
N GLU A 122 2.05 -35.66 14.55
CA GLU A 122 2.40 -36.39 15.76
C GLU A 122 1.37 -36.17 16.85
N THR A 123 1.21 -37.17 17.70
CA THR A 123 0.54 -36.91 18.98
C THR A 123 1.52 -36.22 19.93
N LEU A 124 1.00 -35.68 21.02
CA LEU A 124 1.88 -35.04 21.99
C LEU A 124 2.84 -36.04 22.62
N GLU A 125 2.35 -37.26 22.89
CA GLU A 125 3.23 -38.30 23.41
C GLU A 125 4.36 -38.59 22.43
N GLU A 126 4.02 -38.74 21.15
CA GLU A 126 5.03 -38.99 20.12
C GLU A 126 6.01 -37.83 20.02
N TYR A 127 5.50 -36.61 20.11
CA TYR A 127 6.34 -35.42 20.03
C TYR A 127 7.48 -35.48 21.03
N TRP A 128 7.17 -35.77 22.29
CA TRP A 128 8.20 -35.78 23.31
C TRP A 128 9.10 -37.00 23.21
N GLU A 129 8.56 -38.14 22.75
CA GLU A 129 9.41 -39.30 22.46
C GLU A 129 10.44 -38.95 21.40
N CYS A 130 10.05 -38.17 20.39
CA CYS A 130 10.98 -37.76 19.35
C CYS A 130 12.05 -36.84 19.91
N THR A 131 11.68 -35.93 20.82
CA THR A 131 12.67 -35.05 21.45
C THR A 131 13.72 -35.88 22.17
N TRP A 132 13.29 -36.91 22.89
CA TRP A 132 14.22 -37.77 23.61
C TRP A 132 15.13 -38.53 22.66
N LYS A 133 14.58 -39.09 21.59
CA LYS A 133 15.43 -39.79 20.61
C LYS A 133 16.47 -38.87 20.01
N THR A 134 16.14 -37.59 19.84
CA THR A 134 17.07 -36.64 19.26
C THR A 134 18.21 -36.32 20.22
N LEU A 135 17.89 -36.15 21.51
CA LEU A 135 18.91 -35.77 22.49
C LEU A 135 19.82 -36.95 22.83
N LEU A 136 19.31 -38.17 22.75
CA LEU A 136 20.06 -39.37 23.17
C LEU A 136 20.98 -39.79 22.03
N PHE A 137 22.27 -39.50 22.17
CA PHE A 137 23.26 -39.94 21.22
C PHE A 137 23.75 -41.34 21.58
N PRO A 138 24.35 -42.04 20.62
CA PRO A 138 24.84 -43.40 20.89
C PRO A 138 25.78 -43.44 22.09
N ASP A 139 25.83 -44.61 22.72
CA ASP A 139 26.63 -44.83 23.92
C ASP A 139 26.20 -43.95 25.08
N ASP A 140 24.88 -43.68 25.16
CA ASP A 140 24.30 -42.90 26.25
C ASP A 140 24.95 -41.54 26.40
N MET A 141 25.21 -40.89 25.28
CA MET A 141 25.74 -39.54 25.29
C MET A 141 24.61 -38.55 25.03
N GLY A 142 24.96 -37.27 25.11
CA GLY A 142 24.03 -36.21 24.85
C GLY A 142 24.61 -35.19 23.89
N PRO A 143 23.84 -34.17 23.55
CA PRO A 143 24.35 -33.14 22.64
C PRO A 143 25.40 -32.27 23.31
N GLN A 144 26.39 -31.86 22.54
CA GLN A 144 27.32 -30.82 22.95
C GLN A 144 26.84 -29.44 22.59
N LEU A 145 25.95 -29.33 21.60
CA LEU A 145 25.28 -28.10 21.21
C LEU A 145 23.84 -28.44 20.86
N ILE A 146 22.94 -27.50 21.12
CA ILE A 146 21.52 -27.65 20.76
C ILE A 146 21.11 -26.44 19.93
N VAL A 147 20.38 -26.70 18.85
CA VAL A 147 19.61 -25.69 18.13
C VAL A 147 18.15 -25.87 18.57
N ASP A 148 17.53 -24.82 19.08
CA ASP A 148 16.22 -24.94 19.68
C ASP A 148 15.31 -23.85 19.13
N ASP A 149 14.04 -24.17 18.99
CA ASP A 149 13.03 -23.22 18.50
C ASP A 149 11.84 -23.40 19.43
N GLY A 150 11.68 -22.45 20.36
CA GLY A 150 10.60 -22.50 21.33
C GLY A 150 11.00 -23.01 22.69
N GLY A 151 12.19 -23.60 22.82
CA GLY A 151 12.71 -23.98 24.12
C GLY A 151 12.31 -25.34 24.64
N ASP A 152 11.64 -26.19 23.85
CA ASP A 152 11.22 -27.48 24.38
C ASP A 152 12.39 -28.41 24.66
N ALA A 153 13.39 -28.45 23.77
CA ALA A 153 14.55 -29.29 24.07
C ALA A 153 15.29 -28.77 25.29
N THR A 154 15.46 -27.45 25.37
CA THR A 154 16.09 -26.84 26.53
C THR A 154 15.32 -27.15 27.80
N LEU A 155 13.99 -27.09 27.73
CA LEU A 155 13.15 -27.41 28.87
C LEU A 155 13.37 -28.84 29.34
N MET A 156 13.40 -29.78 28.40
CA MET A 156 13.57 -31.18 28.77
C MET A 156 14.90 -31.42 29.45
N VAL A 157 15.98 -30.82 28.93
CA VAL A 157 17.30 -30.99 29.54
C VAL A 157 17.29 -30.46 30.97
N HIS A 158 16.74 -29.26 31.17
CA HIS A 158 16.72 -28.65 32.50
C HIS A 158 15.84 -29.45 33.45
N ARG A 159 14.62 -29.82 33.02
CA ARG A 159 13.73 -30.56 33.90
C ARG A 159 14.33 -31.92 34.23
N GLY A 160 14.95 -32.58 33.26
CA GLY A 160 15.57 -33.86 33.54
C GLY A 160 16.67 -33.75 34.58
N PHE A 161 17.52 -32.71 34.45
CA PHE A 161 18.58 -32.48 35.42
C PHE A 161 18.03 -32.21 36.82
N TYR A 162 17.10 -31.25 36.93
CA TYR A 162 16.61 -30.90 38.25
C TYR A 162 15.77 -32.02 38.87
N ALA A 163 15.06 -32.79 38.05
CA ALA A 163 14.30 -33.92 38.59
C ALA A 163 15.20 -35.04 39.10
N GLU A 164 16.42 -35.16 38.59
CA GLU A 164 17.35 -36.13 39.14
C GLU A 164 17.73 -35.78 40.58
N ASP A 165 17.72 -34.48 40.92
CA ASP A 165 17.98 -34.06 42.29
C ASP A 165 16.75 -34.19 43.16
N ASN A 166 15.57 -33.91 42.59
CA ASN A 166 14.30 -33.95 43.33
C ASN A 166 13.26 -34.65 42.46
N PRO A 167 13.22 -35.99 42.51
CA PRO A 167 12.30 -36.73 41.63
C PRO A 167 10.84 -36.40 41.83
N SER A 168 10.47 -35.82 42.98
CA SER A 168 9.06 -35.50 43.20
C SER A 168 8.51 -34.53 42.17
N ILE A 169 9.36 -33.74 41.50
CA ILE A 169 8.79 -32.85 40.50
C ILE A 169 8.18 -33.60 39.33
N LEU A 170 8.55 -34.87 39.15
CA LEU A 170 7.94 -35.67 38.10
C LEU A 170 6.52 -36.12 38.43
N ASP A 171 6.03 -35.79 39.63
CA ASP A 171 4.66 -36.11 40.01
C ASP A 171 3.76 -34.88 40.09
N ASP A 172 4.26 -33.70 39.68
CA ASP A 172 3.47 -32.48 39.66
CA ASP A 172 3.43 -32.51 39.66
C ASP A 172 3.29 -32.06 38.21
N ASP A 173 2.11 -32.29 37.65
CA ASP A 173 1.83 -31.91 36.28
CA ASP A 173 1.82 -31.92 36.28
C ASP A 173 1.34 -30.48 36.16
N GLU A 174 1.14 -29.78 37.28
CA GLU A 174 0.69 -28.39 37.28
C GLU A 174 -0.61 -28.21 36.50
N GLY A 175 -1.46 -29.23 36.49
CA GLY A 175 -2.70 -29.16 35.75
C GLY A 175 -2.55 -29.21 34.25
N SER A 176 -1.39 -29.64 33.75
CA SER A 176 -1.10 -29.67 32.32
C SER A 176 -0.95 -31.12 31.87
N GLU A 177 -1.85 -31.55 30.98
CA GLU A 177 -1.70 -32.88 30.40
CA GLU A 177 -1.73 -32.87 30.36
C GLU A 177 -0.38 -33.04 29.66
N GLU A 178 0.12 -31.97 29.04
CA GLU A 178 1.39 -32.08 28.34
C GLU A 178 2.56 -32.22 29.31
N LEU A 179 2.55 -31.45 30.39
CA LEU A 179 3.62 -31.62 31.39
C LEU A 179 3.57 -33.02 31.99
N ALA A 180 2.37 -33.59 32.14
CA ALA A 180 2.27 -34.97 32.60
C ALA A 180 2.98 -35.93 31.65
N ILE A 181 2.86 -35.67 30.33
CA ILE A 181 3.56 -36.48 29.34
C ILE A 181 5.07 -36.38 29.54
N VAL A 182 5.58 -35.16 29.67
CA VAL A 182 7.01 -34.98 29.88
C VAL A 182 7.46 -35.66 31.16
N ASN A 183 6.70 -35.48 32.24
CA ASN A 183 7.05 -36.07 33.52
C ASN A 183 7.13 -37.59 33.43
N LYS A 184 6.15 -38.21 32.76
CA LYS A 184 6.14 -39.67 32.65
C LYS A 184 7.34 -40.16 31.87
N LEU A 185 7.70 -39.47 30.79
CA LEU A 185 8.88 -39.81 30.02
C LEU A 185 10.16 -39.69 30.85
N LEU A 186 10.31 -38.57 31.56
CA LEU A 186 11.50 -38.38 32.39
C LEU A 186 11.58 -39.43 33.49
N LYS A 187 10.43 -39.82 34.06
CA LYS A 187 10.45 -40.85 35.10
CA LYS A 187 10.44 -40.85 35.09
C LYS A 187 10.90 -42.19 34.52
N ARG A 188 10.48 -42.50 33.30
CA ARG A 188 10.97 -43.72 32.64
C ARG A 188 12.48 -43.65 32.42
N ILE A 189 12.98 -42.48 32.00
CA ILE A 189 14.41 -42.33 31.77
C ILE A 189 15.20 -42.45 33.07
N GLN A 190 14.64 -41.98 34.20
CA GLN A 190 15.32 -42.18 35.49
C GLN A 190 15.49 -43.65 35.80
N LYS A 191 14.52 -44.49 35.39
CA LYS A 191 14.65 -45.92 35.62
C LYS A 191 15.61 -46.57 34.63
N GLU A 192 15.54 -46.19 33.35
CA GLU A 192 16.36 -46.82 32.33
C GLU A 192 17.80 -46.31 32.36
N LYS A 193 18.00 -45.03 32.63
CA LYS A 193 19.31 -44.38 32.56
C LYS A 193 19.48 -43.44 33.75
N PRO A 194 19.62 -44.00 34.95
CA PRO A 194 19.80 -43.15 36.13
C PRO A 194 21.00 -42.23 35.97
N GLY A 195 20.80 -40.96 36.33
CA GLY A 195 21.87 -39.99 36.28
C GLY A 195 22.24 -39.49 34.91
N TYR A 196 21.46 -39.84 33.88
CA TYR A 196 21.76 -39.43 32.52
C TYR A 196 21.94 -37.91 32.39
N TRP A 197 21.01 -37.14 32.97
CA TRP A 197 21.05 -35.70 32.74
C TRP A 197 22.26 -35.07 33.42
N HIS A 198 22.61 -35.55 34.62
CA HIS A 198 23.84 -35.10 35.27
C HIS A 198 25.08 -35.52 34.49
N LYS A 199 25.01 -36.64 33.76
CA LYS A 199 26.14 -37.04 32.93
C LYS A 199 26.31 -36.11 31.72
N ILE A 200 25.21 -35.72 31.08
CA ILE A 200 25.33 -35.00 29.81
C ILE A 200 25.42 -33.48 29.97
N VAL A 201 24.81 -32.90 31.00
CA VAL A 201 24.84 -31.44 31.15
C VAL A 201 26.24 -30.85 31.17
N PRO A 202 27.23 -31.44 31.85
CA PRO A 202 28.58 -30.85 31.83
C PRO A 202 29.22 -30.80 30.46
N GLU A 203 28.75 -31.59 29.50
CA GLU A 203 29.32 -31.62 28.16
C GLU A 203 28.52 -30.78 27.16
N LEU A 204 27.37 -30.24 27.58
CA LEU A 204 26.51 -29.43 26.74
C LEU A 204 26.98 -27.99 26.86
N LYS A 205 27.58 -27.46 25.79
CA LYS A 205 28.28 -26.19 25.82
CA LYS A 205 28.27 -26.18 25.86
C LYS A 205 27.40 -25.00 25.47
N GLY A 206 26.22 -25.22 24.89
CA GLY A 206 25.36 -24.09 24.59
C GLY A 206 24.13 -24.45 23.81
N VAL A 207 23.17 -23.53 23.79
CA VAL A 207 21.97 -23.63 22.97
C VAL A 207 21.80 -22.34 22.19
N SER A 208 21.42 -22.44 20.92
CA SER A 208 21.02 -21.27 20.15
C SER A 208 19.51 -21.33 19.94
N GLU A 209 18.82 -20.27 20.37
CA GLU A 209 17.37 -20.27 20.44
C GLU A 209 16.78 -19.34 19.39
N GLU A 210 15.85 -19.89 18.59
CA GLU A 210 15.31 -19.27 17.38
C GLU A 210 14.26 -18.20 17.64
N THR A 211 13.42 -18.33 18.68
CA THR A 211 12.17 -17.59 18.66
C THR A 211 11.91 -16.81 19.95
N THR A 212 11.05 -15.80 19.81
CA THR A 212 10.76 -14.87 20.91
C THR A 212 10.35 -15.60 22.19
N THR A 213 9.45 -16.58 22.08
CA THR A 213 9.00 -17.30 23.27
C THR A 213 10.13 -18.10 23.90
N GLY A 214 10.97 -18.72 23.08
CA GLY A 214 12.10 -19.46 23.63
C GLY A 214 13.06 -18.56 24.38
N VAL A 215 13.32 -17.36 23.85
CA VAL A 215 14.19 -16.42 24.54
C VAL A 215 13.58 -15.98 25.86
N HIS A 216 12.26 -15.76 25.86
CA HIS A 216 11.58 -15.43 27.11
C HIS A 216 11.79 -16.52 28.15
N ARG A 217 11.67 -17.78 27.74
CA ARG A 217 11.93 -18.89 28.65
C ARG A 217 13.37 -18.87 29.18
N LEU A 218 14.34 -18.51 28.31
CA LEU A 218 15.73 -18.45 28.76
C LEU A 218 15.93 -17.39 29.83
N TYR A 219 15.25 -16.25 29.67
CA TYR A 219 15.36 -15.19 30.68
C TYR A 219 14.64 -15.55 31.97
N GLU A 220 13.53 -16.29 31.89
CA GLU A 220 12.93 -16.83 33.10
C GLU A 220 13.94 -17.67 33.88
N MET A 221 14.66 -18.54 33.17
CA MET A 221 15.62 -19.41 33.85
C MET A 221 16.82 -18.63 34.37
N MET A 222 17.36 -17.72 33.57
CA MET A 222 18.53 -16.96 34.01
CA MET A 222 18.53 -16.96 34.01
C MET A 222 18.22 -16.11 35.22
N LYS A 223 17.00 -15.56 35.31
CA LYS A 223 16.62 -14.73 36.45
C LYS A 223 16.50 -15.56 37.72
N GLU A 224 15.98 -16.77 37.61
CA GLU A 224 15.88 -17.68 38.75
C GLU A 224 17.19 -18.37 39.08
N GLY A 225 18.25 -18.11 38.31
CA GLY A 225 19.53 -18.75 38.55
C GLY A 225 19.54 -20.23 38.22
N LYS A 226 18.70 -20.66 37.27
CA LYS A 226 18.54 -22.06 36.94
C LYS A 226 19.08 -22.44 35.57
N LEU A 227 19.50 -21.48 34.76
CA LEU A 227 20.05 -21.80 33.45
C LEU A 227 21.36 -22.58 33.62
N LEU A 228 21.49 -23.68 32.90
CA LEU A 228 22.59 -24.63 33.09
C LEU A 228 23.72 -24.49 32.09
N PHE A 229 23.52 -23.79 30.98
CA PHE A 229 24.56 -23.63 29.97
C PHE A 229 24.27 -22.33 29.22
N PRO A 230 25.29 -21.77 28.56
CA PRO A 230 25.10 -20.49 27.86
C PRO A 230 24.09 -20.61 26.72
N ALA A 231 23.48 -19.49 26.37
CA ALA A 231 22.51 -19.43 25.29
C ALA A 231 22.82 -18.28 24.36
N LEU A 232 22.72 -18.54 23.07
CA LEU A 232 22.78 -17.51 22.05
C LEU A 232 21.37 -17.25 21.56
N ASN A 233 20.89 -16.03 21.80
CA ASN A 233 19.58 -15.55 21.37
C ASN A 233 19.67 -15.19 19.88
N VAL A 234 19.16 -16.08 19.03
CA VAL A 234 19.15 -15.85 17.59
C VAL A 234 17.97 -14.98 17.19
N ASN A 235 16.83 -15.11 17.89
CA ASN A 235 15.66 -14.30 17.54
C ASN A 235 16.02 -12.82 17.44
N ASP A 236 16.83 -12.32 18.36
CA ASP A 236 17.08 -10.90 18.45
C ASP A 236 18.30 -10.43 17.66
N SER A 237 18.88 -11.27 16.80
CA SER A 237 19.62 -10.70 15.69
C SER A 237 18.67 -9.80 14.92
N VAL A 238 19.16 -8.63 14.50
CA VAL A 238 18.32 -7.75 13.69
C VAL A 238 17.83 -8.48 12.46
N THR A 239 18.72 -9.23 11.82
CA THR A 239 18.39 -9.90 10.57
C THR A 239 17.47 -11.09 10.77
N LYS A 240 17.16 -11.45 12.01
CA LYS A 240 16.14 -12.46 12.27
C LYS A 240 14.83 -11.76 12.64
N SER A 241 14.78 -11.15 13.84
CA SER A 241 13.54 -10.54 14.35
C SER A 241 12.86 -9.60 13.35
N LYS A 242 13.63 -8.76 12.66
CA LYS A 242 13.01 -7.76 11.80
CA LYS A 242 13.05 -7.75 11.78
C LYS A 242 12.79 -8.26 10.37
N PHE A 243 13.08 -9.53 10.10
CA PHE A 243 12.89 -10.09 8.76
C PHE A 243 12.03 -11.34 8.79
N ASP A 244 12.50 -12.37 9.49
CA ASP A 244 11.72 -13.58 9.69
C ASP A 244 10.38 -13.24 10.34
N ASN A 245 10.40 -12.60 11.51
CA ASN A 245 9.16 -12.43 12.27
C ASN A 245 8.18 -11.55 11.52
N VAL A 246 8.69 -10.57 10.76
CA VAL A 246 7.84 -9.62 10.04
C VAL A 246 7.52 -10.12 8.64
N TYR A 247 8.52 -10.14 7.75
CA TYR A 247 8.25 -10.50 6.35
C TYR A 247 7.93 -11.98 6.19
N GLY A 248 8.47 -12.84 7.06
CA GLY A 248 8.11 -14.25 6.98
C GLY A 248 6.62 -14.44 7.18
N CYS A 249 6.08 -13.82 8.24
CA CYS A 249 4.64 -13.91 8.50
C CYS A 249 3.82 -13.18 7.44
N ARG A 250 4.34 -12.09 6.89
CA ARG A 250 3.65 -11.44 5.78
C ARG A 250 3.38 -12.44 4.65
N HIS A 251 4.36 -13.32 4.39
CA HIS A 251 4.19 -14.36 3.39
C HIS A 251 3.30 -15.50 3.89
N SER A 252 3.63 -16.06 5.05
CA SER A 252 3.13 -17.39 5.38
C SER A 252 1.79 -17.39 6.13
N LEU A 253 1.36 -16.28 6.72
CA LEU A 253 0.05 -16.26 7.38
C LEU A 253 -1.08 -16.40 6.35
N VAL A 254 -1.13 -15.47 5.38
CA VAL A 254 -2.18 -15.51 4.37
C VAL A 254 -2.09 -16.81 3.55
N ASP A 255 -0.86 -17.28 3.32
CA ASP A 255 -0.67 -18.54 2.62
C ASP A 255 -1.44 -19.66 3.32
N ALA A 256 -1.27 -19.78 4.64
CA ALA A 256 -1.96 -20.82 5.40
C ALA A 256 -3.46 -20.63 5.40
N ILE A 257 -3.93 -19.38 5.57
CA ILE A 257 -5.37 -19.13 5.59
C ILE A 257 -5.99 -19.50 4.25
N MET A 258 -5.31 -19.15 3.15
CA MET A 258 -5.83 -19.50 1.83
C MET A 258 -5.86 -21.01 1.62
N ARG A 259 -4.77 -21.71 1.95
CA ARG A 259 -4.75 -23.16 1.75
C ARG A 259 -5.80 -23.85 2.58
N ALA A 260 -5.98 -23.38 3.83
CA ALA A 260 -6.88 -24.08 4.75
C ALA A 260 -8.34 -23.84 4.41
N THR A 261 -8.68 -22.64 3.95
CA THR A 261 -10.08 -22.23 3.84
C THR A 261 -10.49 -21.70 2.48
N ASP A 262 -9.54 -21.21 1.66
CA ASP A 262 -9.89 -20.57 0.39
C ASP A 262 -10.90 -19.45 0.57
N VAL A 263 -10.85 -18.74 1.71
CA VAL A 263 -11.79 -17.65 1.95
CA VAL A 263 -11.77 -17.64 1.99
C VAL A 263 -11.21 -16.36 1.40
N MET A 264 -12.07 -15.57 0.75
CA MET A 264 -11.63 -14.25 0.30
C MET A 264 -11.40 -13.34 1.51
N LEU A 265 -10.23 -12.70 1.55
CA LEU A 265 -9.93 -11.78 2.63
CA LEU A 265 -9.91 -11.77 2.61
C LEU A 265 -10.48 -10.39 2.35
N SER A 266 -10.60 -10.02 1.07
CA SER A 266 -10.99 -8.67 0.70
C SER A 266 -12.33 -8.28 1.32
N GLY A 267 -12.38 -7.08 1.87
CA GLY A 267 -13.60 -6.56 2.46
C GLY A 267 -13.96 -7.09 3.81
N LYS A 268 -13.34 -8.18 4.27
CA LYS A 268 -13.63 -8.71 5.59
C LYS A 268 -12.86 -7.94 6.66
N VAL A 269 -13.44 -7.91 7.85
CA VAL A 269 -12.72 -7.43 9.03
C VAL A 269 -11.90 -8.59 9.58
N ALA A 270 -10.60 -8.38 9.70
CA ALA A 270 -9.69 -9.38 10.24
C ALA A 270 -9.07 -8.80 11.49
N CYS A 271 -9.18 -9.51 12.60
CA CYS A 271 -8.67 -9.06 13.88
C CYS A 271 -7.32 -9.71 14.14
N VAL A 272 -6.28 -8.88 14.20
CA VAL A 272 -4.94 -9.32 14.52
C VAL A 272 -4.68 -8.94 15.96
N LEU A 273 -4.45 -9.93 16.81
CA LEU A 273 -4.31 -9.71 18.23
C LEU A 273 -2.82 -9.69 18.54
N GLY A 274 -2.32 -8.52 18.95
CA GLY A 274 -0.90 -8.30 19.08
C GLY A 274 -0.36 -7.52 17.90
N TYR A 275 0.59 -6.63 18.16
CA TYR A 275 1.19 -5.81 17.11
C TYR A 275 2.69 -5.65 17.38
N GLY A 276 3.34 -6.74 17.78
CA GLY A 276 4.78 -6.82 17.81
C GLY A 276 5.29 -7.17 16.43
N ASP A 277 6.43 -7.87 16.36
CA ASP A 277 7.00 -8.17 15.05
C ASP A 277 6.06 -9.06 14.23
N VAL A 278 5.56 -10.14 14.85
CA VAL A 278 4.67 -11.06 14.15
C VAL A 278 3.34 -10.40 13.82
N GLY A 279 2.80 -9.61 14.75
CA GLY A 279 1.56 -8.91 14.47
C GLY A 279 1.70 -7.90 13.35
N LYS A 280 2.83 -7.19 13.31
CA LYS A 280 3.08 -6.26 12.21
C LYS A 280 3.07 -6.98 10.86
N GLY A 281 3.80 -8.08 10.76
CA GLY A 281 3.84 -8.81 9.50
C GLY A 281 2.50 -9.45 9.17
N SER A 282 1.79 -9.92 10.20
CA SER A 282 0.48 -10.55 10.00
C SER A 282 -0.53 -9.55 9.47
N ALA A 283 -0.55 -8.33 10.04
CA ALA A 283 -1.45 -7.30 9.54
C ALA A 283 -1.16 -7.00 8.08
N GLU A 284 0.12 -6.89 7.71
CA GLU A 284 0.45 -6.65 6.31
CA GLU A 284 0.45 -6.65 6.31
C GLU A 284 0.02 -7.81 5.42
N SER A 285 0.13 -9.04 5.93
CA SER A 285 -0.27 -10.21 5.15
C SER A 285 -1.72 -10.09 4.72
N LEU A 286 -2.58 -9.66 5.64
CA LEU A 286 -4.01 -9.58 5.36
CA LEU A 286 -4.02 -9.57 5.37
C LEU A 286 -4.36 -8.30 4.60
N LYS A 287 -3.73 -7.18 4.95
CA LYS A 287 -3.99 -5.92 4.27
C LYS A 287 -3.71 -6.01 2.77
N GLY A 288 -2.69 -6.78 2.38
CA GLY A 288 -2.37 -6.92 0.96
C GLY A 288 -3.48 -7.52 0.15
N GLN A 289 -4.42 -8.22 0.79
CA GLN A 289 -5.57 -8.78 0.11
C GLN A 289 -6.83 -7.94 0.23
N GLY A 290 -6.71 -6.72 0.74
CA GLY A 290 -7.87 -5.86 0.89
C GLY A 290 -8.72 -6.13 2.11
N ALA A 291 -8.22 -6.93 3.05
CA ALA A 291 -8.91 -7.05 4.33
C ALA A 291 -8.80 -5.73 5.06
N ARG A 292 -9.80 -5.46 5.89
CA ARG A 292 -9.79 -4.32 6.81
C ARG A 292 -9.32 -4.87 8.16
N VAL A 293 -8.07 -4.59 8.50
CA VAL A 293 -7.44 -5.17 9.67
C VAL A 293 -7.69 -4.29 10.88
N VAL A 294 -8.14 -4.90 11.96
CA VAL A 294 -8.27 -4.26 13.26
C VAL A 294 -7.30 -4.96 14.21
N VAL A 295 -6.71 -4.20 15.11
CA VAL A 295 -5.56 -4.67 15.89
C VAL A 295 -5.86 -4.54 17.37
N THR A 296 -5.51 -5.55 18.16
CA THR A 296 -5.53 -5.40 19.62
C THR A 296 -4.11 -5.33 20.15
N GLU A 297 -3.94 -4.62 21.27
CA GLU A 297 -2.63 -4.50 21.89
C GLU A 297 -2.79 -4.13 23.36
N VAL A 298 -1.81 -4.54 24.16
CA VAL A 298 -1.66 -4.07 25.53
C VAL A 298 -0.56 -3.01 25.65
N ASP A 299 0.34 -2.91 24.67
CA ASP A 299 1.47 -2.00 24.74
C ASP A 299 1.11 -0.73 24.01
N PRO A 300 1.07 0.44 24.68
CA PRO A 300 0.61 1.66 24.01
C PRO A 300 1.51 2.11 22.87
N ILE A 301 2.81 1.79 22.92
CA ILE A 301 3.68 2.15 21.81
C ILE A 301 3.30 1.35 20.56
N CYS A 302 3.15 0.04 20.72
CA CYS A 302 2.74 -0.78 19.60
C CYS A 302 1.35 -0.39 19.09
N ALA A 303 0.43 -0.08 20.02
CA ALA A 303 -0.88 0.40 19.61
C ALA A 303 -0.78 1.67 18.78
N LEU A 304 0.07 2.62 19.20
CA LEU A 304 0.22 3.84 18.44
C LEU A 304 0.82 3.58 17.07
N GLN A 305 1.76 2.63 16.97
CA GLN A 305 2.28 2.26 15.65
C GLN A 305 1.16 1.75 14.75
N ALA A 306 0.27 0.91 15.28
CA ALA A 306 -0.83 0.40 14.47
C ALA A 306 -1.72 1.54 13.96
N CYS A 307 -2.01 2.51 14.84
CA CYS A 307 -2.80 3.66 14.42
C CYS A 307 -2.12 4.43 13.30
N MET A 308 -0.81 4.61 13.41
CA MET A 308 -0.07 5.36 12.40
C MET A 308 0.00 4.64 11.07
N ALA A 309 -0.24 3.33 11.07
CA ALA A 309 -0.33 2.54 9.85
C ALA A 309 -1.75 2.50 9.28
N GLY A 310 -2.69 3.18 9.93
CA GLY A 310 -4.05 3.28 9.46
C GLY A 310 -4.98 2.19 9.94
N TYR A 311 -4.57 1.39 10.92
CA TYR A 311 -5.43 0.34 11.47
C TYR A 311 -6.20 0.88 12.67
N GLU A 312 -7.45 0.42 12.80
CA GLU A 312 -8.24 0.69 14.00
C GLU A 312 -7.76 -0.22 15.12
N VAL A 313 -7.52 0.36 16.29
CA VAL A 313 -7.08 -0.41 17.46
C VAL A 313 -8.30 -0.63 18.35
N VAL A 314 -8.62 -1.90 18.62
CA VAL A 314 -9.86 -2.30 19.25
C VAL A 314 -9.54 -3.32 20.33
N ARG A 315 -10.50 -3.51 21.25
CA ARG A 315 -10.49 -4.70 22.09
CA ARG A 315 -10.51 -4.70 22.09
C ARG A 315 -11.30 -5.79 21.39
N ILE A 316 -10.92 -7.05 21.63
CA ILE A 316 -11.54 -8.14 20.87
C ILE A 316 -13.07 -8.12 21.01
N GLU A 317 -13.57 -7.79 22.20
CA GLU A 317 -15.02 -7.77 22.40
C GLU A 317 -15.71 -6.77 21.48
N ASP A 318 -15.00 -5.71 21.06
CA ASP A 318 -15.59 -4.69 20.21
C ASP A 318 -15.89 -5.20 18.80
N VAL A 319 -15.29 -6.32 18.38
CA VAL A 319 -15.40 -6.73 16.98
C VAL A 319 -15.93 -8.16 16.81
N LEU A 320 -16.49 -8.73 17.88
CA LEU A 320 -17.02 -10.09 17.79
C LEU A 320 -18.19 -10.18 16.81
N ASP A 321 -18.91 -9.08 16.60
CA ASP A 321 -20.02 -9.05 15.66
C ASP A 321 -19.60 -8.57 14.27
N LYS A 322 -18.30 -8.40 14.03
CA LYS A 322 -17.80 -7.82 12.79
C LYS A 322 -16.73 -8.70 12.14
N ALA A 323 -15.71 -9.08 12.91
CA ALA A 323 -14.59 -9.81 12.34
C ALA A 323 -14.98 -11.21 11.90
N GLU A 324 -14.40 -11.65 10.80
CA GLU A 324 -14.57 -13.03 10.35
C GLU A 324 -13.26 -13.81 10.33
N ILE A 325 -12.16 -13.19 10.73
CA ILE A 325 -10.87 -13.85 10.87
C ILE A 325 -10.23 -13.29 12.13
N PHE A 326 -9.66 -14.16 12.95
CA PHE A 326 -8.94 -13.79 14.16
C PHE A 326 -7.60 -14.50 14.13
N VAL A 327 -6.51 -13.75 14.34
CA VAL A 327 -5.16 -14.28 14.31
C VAL A 327 -4.42 -13.82 15.57
N THR A 328 -4.01 -14.75 16.42
CA THR A 328 -3.26 -14.39 17.62
C THR A 328 -1.76 -14.39 17.33
N THR A 329 -1.06 -13.36 17.81
CA THR A 329 0.36 -13.17 17.51
C THR A 329 1.16 -12.83 18.77
N THR A 330 0.66 -13.18 19.96
CA THR A 330 1.15 -12.49 21.16
C THR A 330 2.29 -13.20 21.89
N GLY A 331 2.38 -14.53 21.83
CA GLY A 331 3.24 -15.21 22.77
C GLY A 331 2.68 -15.29 24.18
N ASN A 332 1.41 -14.91 24.36
CA ASN A 332 0.75 -14.81 25.66
C ASN A 332 -0.41 -15.81 25.70
N CYS A 333 -1.00 -15.99 26.87
CA CYS A 333 -2.06 -16.97 27.05
C CYS A 333 -3.43 -16.31 27.03
N ASP A 334 -4.44 -17.10 26.64
CA ASP A 334 -5.86 -16.73 26.83
C ASP A 334 -6.23 -15.44 26.08
N ILE A 335 -5.80 -15.38 24.82
CA ILE A 335 -6.09 -14.23 23.96
C ILE A 335 -7.49 -14.34 23.36
N ILE A 336 -7.85 -15.53 22.87
CA ILE A 336 -9.19 -15.79 22.36
C ILE A 336 -9.83 -16.79 23.30
N ARG A 337 -10.83 -16.33 24.05
CA ARG A 337 -11.45 -17.11 25.11
C ARG A 337 -12.72 -17.76 24.60
N ILE A 338 -13.18 -18.78 25.35
CA ILE A 338 -14.38 -19.49 24.92
C ILE A 338 -15.58 -18.55 24.83
N GLU A 339 -15.68 -17.60 25.77
CA GLU A 339 -16.82 -16.66 25.72
C GLU A 339 -16.75 -15.75 24.50
N HIS A 340 -15.55 -15.50 23.96
CA HIS A 340 -15.43 -14.78 22.70
C HIS A 340 -15.96 -15.63 21.55
N MET A 341 -15.52 -16.89 21.49
CA MET A 341 -15.91 -17.77 20.39
C MET A 341 -17.41 -18.03 20.40
N GLU A 342 -18.04 -18.03 21.59
CA GLU A 342 -19.50 -18.13 21.68
C GLU A 342 -20.21 -16.99 20.98
N LYS A 343 -19.55 -15.83 20.80
CA LYS A 343 -20.19 -14.65 20.24
C LYS A 343 -19.73 -14.34 18.83
N MET A 344 -18.93 -15.21 18.21
CA MET A 344 -18.36 -14.91 16.91
C MET A 344 -19.37 -15.10 15.78
N ARG A 345 -19.09 -14.44 14.66
CA ARG A 345 -19.87 -14.61 13.44
C ARG A 345 -19.72 -16.02 12.90
N HIS A 346 -20.74 -16.47 12.18
CA HIS A 346 -20.77 -17.83 11.67
C HIS A 346 -19.57 -18.13 10.77
N ASN A 347 -18.92 -19.25 11.05
CA ASN A 347 -17.75 -19.75 10.33
C ASN A 347 -16.54 -18.82 10.43
N ALA A 348 -16.50 -17.96 11.43
CA ALA A 348 -15.31 -17.14 11.65
C ALA A 348 -14.08 -18.03 11.79
N ILE A 349 -12.99 -17.62 11.15
CA ILE A 349 -11.75 -18.36 11.16
C ILE A 349 -10.93 -17.93 12.36
N VAL A 350 -10.45 -18.90 13.13
CA VAL A 350 -9.72 -18.65 14.37
C VAL A 350 -8.38 -19.39 14.26
N CYS A 351 -7.29 -18.66 14.41
CA CYS A 351 -5.99 -19.28 14.28
C CYS A 351 -4.94 -18.52 15.08
N ASN A 352 -3.79 -19.16 15.24
CA ASN A 352 -2.70 -18.70 16.09
C ASN A 352 -1.41 -18.84 15.30
N ILE A 353 -0.64 -17.76 15.23
CA ILE A 353 0.68 -17.77 14.63
C ILE A 353 1.77 -17.49 15.65
N GLY A 354 1.40 -17.34 16.92
N GLY A 354 1.43 -17.54 16.95
CA GLY A 354 2.33 -17.00 17.99
CA GLY A 354 2.39 -17.49 18.05
C GLY A 354 3.01 -18.19 18.63
C GLY A 354 2.61 -18.79 18.83
N HIS A 355 2.41 -18.76 19.67
N HIS A 355 3.87 -19.21 18.92
CA HIS A 355 3.10 -19.82 20.39
CA HIS A 355 4.40 -20.54 19.28
C HIS A 355 2.15 -20.90 20.89
C HIS A 355 3.55 -21.71 19.82
N PHE A 356 2.69 -22.13 20.92
N PHE A 356 2.64 -21.52 20.79
CA PHE A 356 2.12 -23.33 21.50
CA PHE A 356 2.02 -22.63 21.55
C PHE A 356 0.66 -23.46 21.09
C PHE A 356 0.60 -23.01 21.12
N ASP A 357 -0.25 -23.58 22.02
CA ASP A 357 -1.65 -23.82 21.67
C ASP A 357 -2.60 -23.16 22.67
N ASN A 358 -2.10 -22.26 23.51
CA ASN A 358 -2.88 -21.66 24.57
C ASN A 358 -3.20 -20.20 24.33
N GLU A 359 -2.85 -19.64 23.17
CA GLU A 359 -3.35 -18.32 22.84
C GLU A 359 -4.86 -18.37 22.62
N ILE A 360 -5.35 -19.44 22.02
CA ILE A 360 -6.77 -19.73 21.89
C ILE A 360 -7.12 -20.76 22.95
N GLN A 361 -8.29 -20.62 23.57
CA GLN A 361 -8.78 -21.59 24.55
C GLN A 361 -9.33 -22.82 23.83
N VAL A 362 -8.42 -23.58 23.23
CA VAL A 362 -8.80 -24.76 22.44
C VAL A 362 -9.43 -25.82 23.33
N LYS A 363 -8.88 -26.02 24.53
CA LYS A 363 -9.42 -27.03 25.45
C LYS A 363 -10.86 -26.69 25.84
N ALA A 364 -11.12 -25.43 26.20
CA ALA A 364 -12.47 -25.05 26.58
C ALA A 364 -13.43 -25.14 25.40
N LEU A 365 -12.94 -24.88 24.19
CA LEU A 365 -13.77 -25.04 23.00
C LEU A 365 -14.14 -26.51 22.80
N LYS A 366 -13.14 -27.39 22.86
CA LYS A 366 -13.40 -28.82 22.65
C LYS A 366 -14.34 -29.38 23.71
N GLU A 367 -14.29 -28.86 24.93
CA GLU A 367 -15.09 -29.34 26.04
C GLU A 367 -16.39 -28.57 26.21
N PHE A 368 -16.71 -27.65 25.32
CA PHE A 368 -17.90 -26.84 25.49
C PHE A 368 -19.14 -27.74 25.43
N PRO A 369 -20.08 -27.60 26.37
CA PRO A 369 -21.21 -28.54 26.42
C PRO A 369 -22.04 -28.51 25.14
N GLY A 370 -22.22 -29.69 24.55
CA GLY A 370 -23.02 -29.84 23.35
C GLY A 370 -22.34 -29.44 22.05
N ILE A 371 -21.07 -29.03 22.08
CA ILE A 371 -20.41 -28.64 20.84
C ILE A 371 -20.21 -29.87 19.96
N LYS A 372 -20.24 -29.64 18.64
CA LYS A 372 -20.01 -30.69 17.66
C LYS A 372 -18.81 -30.29 16.83
N ARG A 373 -17.87 -31.22 16.68
CA ARG A 373 -16.66 -30.98 15.91
C ARG A 373 -16.75 -31.75 14.60
N ILE A 374 -16.51 -31.06 13.49
CA ILE A 374 -16.52 -31.66 12.16
C ILE A 374 -15.19 -31.33 11.51
N GLU A 375 -14.40 -32.35 11.19
CA GLU A 375 -13.16 -32.11 10.46
C GLU A 375 -13.49 -31.87 8.99
N ILE A 376 -13.20 -30.65 8.52
CA ILE A 376 -13.37 -30.35 7.10
C ILE A 376 -12.31 -31.10 6.31
N LYS A 377 -11.07 -30.98 6.75
CA LYS A 377 -9.92 -31.71 6.24
C LYS A 377 -8.84 -31.58 7.29
N PRO A 378 -7.74 -32.33 7.18
CA PRO A 378 -6.73 -32.27 8.25
C PRO A 378 -6.33 -30.84 8.60
N GLN A 379 -6.37 -30.55 9.91
CA GLN A 379 -6.01 -29.25 10.49
C GLN A 379 -7.00 -28.14 10.19
N VAL A 380 -8.20 -28.48 9.75
CA VAL A 380 -9.29 -27.51 9.53
C VAL A 380 -10.53 -28.11 10.17
N ASP A 381 -10.94 -27.57 11.33
CA ASP A 381 -11.99 -28.16 12.13
C ASP A 381 -13.09 -27.14 12.36
N GLN A 382 -14.30 -27.49 11.98
CA GLN A 382 -15.47 -26.65 12.25
C GLN A 382 -16.09 -27.07 13.58
N PHE A 383 -16.26 -26.13 14.49
CA PHE A 383 -16.91 -26.37 15.77
C PHE A 383 -18.27 -25.70 15.74
N VAL A 384 -19.33 -26.51 15.81
CA VAL A 384 -20.70 -26.05 15.71
C VAL A 384 -21.27 -25.97 17.12
N PHE A 385 -21.69 -24.77 17.52
CA PHE A 385 -22.26 -24.57 18.84
C PHE A 385 -23.74 -24.95 18.84
N PRO A 386 -24.29 -25.30 20.00
CA PRO A 386 -25.73 -25.63 20.07
C PRO A 386 -26.65 -24.55 19.52
N ASP A 387 -26.27 -23.27 19.63
CA ASP A 387 -27.12 -22.22 19.08
C ASP A 387 -27.10 -22.15 17.56
N GLY A 388 -26.28 -22.97 16.90
CA GLY A 388 -26.26 -23.05 15.45
C GLY A 388 -25.07 -22.39 14.80
N HIS A 389 -24.44 -21.41 15.46
CA HIS A 389 -23.28 -20.79 14.84
C HIS A 389 -22.06 -21.67 15.00
N ALA A 390 -21.14 -21.55 14.04
CA ALA A 390 -19.91 -22.33 14.05
C ALA A 390 -18.71 -21.40 13.96
N ILE A 391 -17.56 -21.91 14.35
CA ILE A 391 -16.29 -21.29 14.05
CA ILE A 391 -16.29 -21.29 14.02
C ILE A 391 -15.40 -22.34 13.39
N VAL A 392 -14.38 -21.87 12.67
CA VAL A 392 -13.44 -22.75 11.99
C VAL A 392 -12.08 -22.55 12.62
N LEU A 393 -11.57 -23.57 13.31
CA LEU A 393 -10.28 -23.53 13.99
C LEU A 393 -9.23 -24.16 13.10
N LEU A 394 -8.10 -23.47 12.93
CA LEU A 394 -7.02 -23.98 12.10
C LEU A 394 -5.91 -24.59 12.95
N ALA A 395 -5.41 -25.75 12.52
CA ALA A 395 -4.25 -26.41 13.11
C ALA A 395 -4.38 -26.64 14.61
N GLU A 396 -5.63 -26.85 15.08
CA GLU A 396 -5.91 -27.04 16.50
C GLU A 396 -5.30 -25.95 17.36
N GLY A 397 -5.23 -24.73 16.82
CA GLY A 397 -4.70 -23.62 17.58
C GLY A 397 -3.20 -23.54 17.65
N ARG A 398 -2.49 -24.41 16.93
CA ARG A 398 -1.04 -24.36 16.87
CA ARG A 398 -1.04 -24.38 16.86
C ARG A 398 -0.60 -23.57 15.64
N LEU A 399 0.71 -23.27 15.58
CA LEU A 399 1.24 -22.35 14.56
C LEU A 399 0.63 -22.56 13.18
N VAL A 400 -0.14 -21.59 12.70
CA VAL A 400 -0.96 -21.84 11.52
C VAL A 400 -0.13 -21.83 10.25
N ASN A 401 0.91 -21.00 10.19
CA ASN A 401 1.69 -20.90 8.97
C ASN A 401 2.41 -22.21 8.66
N LEU A 402 2.92 -22.86 9.71
CA LEU A 402 3.62 -24.13 9.54
C LEU A 402 2.67 -25.32 9.55
N GLY A 403 1.52 -25.21 10.23
CA GLY A 403 0.61 -26.33 10.32
C GLY A 403 -0.31 -26.49 9.13
N CYS A 404 -0.68 -25.37 8.49
CA CYS A 404 -1.60 -25.38 7.36
C CYS A 404 -0.96 -24.96 6.05
N ALA A 405 0.30 -24.54 6.08
CA ALA A 405 1.06 -24.29 4.85
C ALA A 405 2.46 -24.81 5.05
N THR A 406 3.50 -24.08 4.61
CA THR A 406 4.86 -24.57 4.68
C THR A 406 5.76 -23.65 5.50
N GLY A 407 5.18 -22.77 6.30
CA GLY A 407 5.97 -21.80 7.02
C GLY A 407 6.59 -20.75 6.10
N HIS A 408 7.58 -20.05 6.65
CA HIS A 408 8.21 -18.95 5.92
C HIS A 408 8.94 -19.49 4.69
N PRO A 409 9.10 -18.66 3.67
CA PRO A 409 9.82 -19.09 2.47
C PRO A 409 11.33 -19.12 2.68
N SER A 410 11.99 -19.90 1.81
CA SER A 410 13.43 -20.15 1.96
C SER A 410 14.26 -18.88 2.08
N PHE A 411 13.98 -17.86 1.26
CA PHE A 411 14.87 -16.69 1.20
C PHE A 411 14.98 -15.99 2.55
N VAL A 412 13.85 -15.84 3.27
CA VAL A 412 13.92 -15.20 4.58
C VAL A 412 14.48 -16.18 5.63
N MET A 413 14.21 -17.48 5.50
CA MET A 413 14.80 -18.44 6.43
C MET A 413 16.31 -18.51 6.28
N SER A 414 16.84 -18.08 5.14
CA SER A 414 18.28 -17.99 4.98
C SER A 414 18.87 -16.97 5.95
N ASN A 415 18.16 -15.88 6.24
CA ASN A 415 18.61 -14.97 7.29
C ASN A 415 18.65 -15.69 8.63
N SER A 416 17.52 -16.32 9.00
CA SER A 416 17.42 -16.91 10.33
C SER A 416 18.45 -18.01 10.50
N PHE A 417 18.66 -18.80 9.45
CA PHE A 417 19.50 -19.97 9.56
C PHE A 417 20.97 -19.66 9.34
N THR A 418 21.32 -18.58 8.64
CA THR A 418 22.69 -18.11 8.69
C THR A 418 23.03 -17.65 10.11
N ASN A 419 22.10 -16.94 10.76
CA ASN A 419 22.28 -16.61 12.17
C ASN A 419 22.45 -17.86 13.03
N GLN A 420 21.62 -18.88 12.83
CA GLN A 420 21.76 -20.12 13.61
C GLN A 420 23.14 -20.74 13.40
N THR A 421 23.60 -20.79 12.15
CA THR A 421 24.89 -21.40 11.86
C THR A 421 26.01 -20.63 12.56
N LEU A 422 26.00 -19.30 12.45
CA LEU A 422 27.02 -18.49 13.10
C LEU A 422 26.94 -18.62 14.62
N ALA A 423 25.72 -18.75 15.16
CA ALA A 423 25.55 -18.91 16.60
C ALA A 423 26.14 -20.23 17.09
N GLN A 424 25.91 -21.31 16.35
CA GLN A 424 26.51 -22.59 16.70
C GLN A 424 28.03 -22.54 16.67
N ILE A 425 28.59 -21.95 15.62
CA ILE A 425 30.03 -21.76 15.54
C ILE A 425 30.53 -20.99 16.75
N SER A 426 29.84 -19.90 17.09
CA SER A 426 30.27 -19.05 18.19
C SER A 426 30.21 -19.79 19.52
N LEU A 427 29.10 -20.47 19.80
CA LEU A 427 28.98 -21.22 21.05
C LEU A 427 30.08 -22.26 21.19
N TRP A 428 30.51 -22.87 20.07
CA TRP A 428 31.54 -23.89 20.15
C TRP A 428 32.94 -23.29 20.32
N LYS A 429 33.23 -22.18 19.61
CA LYS A 429 34.59 -21.65 19.59
C LYS A 429 34.87 -20.70 20.74
N GLU A 430 33.87 -19.97 21.22
CA GLU A 430 34.09 -18.92 22.21
C GLU A 430 33.76 -19.41 23.61
N LYS A 431 34.33 -18.72 24.59
CA LYS A 431 34.08 -19.00 25.99
C LYS A 431 32.98 -18.05 26.45
N TYR A 432 31.77 -18.58 26.54
CA TYR A 432 30.64 -17.86 27.10
C TYR A 432 30.42 -18.32 28.54
N GLU A 433 30.16 -17.36 29.42
CA GLU A 433 29.70 -17.70 30.76
C GLU A 433 28.21 -17.98 30.73
N LEU A 434 27.67 -18.42 31.86
CA LEU A 434 26.23 -18.60 31.95
C LEU A 434 25.54 -17.27 31.69
N GLY A 435 24.65 -17.26 30.71
CA GLY A 435 23.94 -16.05 30.35
C GLY A 435 23.36 -16.21 28.97
N VAL A 436 22.69 -15.15 28.52
CA VAL A 436 22.05 -15.09 27.22
C VAL A 436 22.71 -13.98 26.41
N TYR A 437 23.18 -14.32 25.22
CA TYR A 437 24.02 -13.43 24.41
C TYR A 437 23.41 -13.28 23.01
N THR A 438 23.83 -12.23 22.32
CA THR A 438 23.49 -12.05 20.91
C THR A 438 24.78 -11.96 20.09
N LEU A 439 24.63 -12.20 18.79
CA LEU A 439 25.77 -12.09 17.89
C LEU A 439 26.19 -10.63 17.76
N PRO A 440 27.49 -10.37 17.56
CA PRO A 440 27.95 -9.00 17.32
C PRO A 440 27.29 -8.40 16.08
N LYS A 441 27.13 -7.08 16.12
CA LYS A 441 26.45 -6.37 15.05
C LYS A 441 27.12 -6.59 13.69
N LYS A 442 28.45 -6.68 13.66
CA LYS A 442 29.11 -6.86 12.36
C LYS A 442 28.75 -8.20 11.72
N LEU A 443 28.54 -9.25 12.52
CA LEU A 443 28.06 -10.51 11.95
C LEU A 443 26.62 -10.41 11.50
N ASP A 444 25.79 -9.74 12.31
CA ASP A 444 24.40 -9.49 11.95
C ASP A 444 24.32 -8.77 10.60
N GLU A 445 25.16 -7.74 10.41
CA GLU A 445 25.23 -7.05 9.14
C GLU A 445 25.64 -7.97 8.00
N GLU A 446 26.61 -8.86 8.26
CA GLU A 446 27.06 -9.78 7.24
C GLU A 446 25.92 -10.66 6.74
N VAL A 447 25.05 -11.12 7.65
CA VAL A 447 23.90 -11.92 7.23
C VAL A 447 23.11 -11.19 6.16
N ALA A 448 22.80 -9.91 6.40
CA ALA A 448 22.07 -9.13 5.40
C ALA A 448 22.87 -8.97 4.12
N ARG A 449 24.16 -8.65 4.27
CA ARG A 449 25.01 -8.38 3.10
C ARG A 449 25.00 -9.54 2.12
N LEU A 450 25.01 -10.78 2.64
CA LEU A 450 25.07 -11.97 1.80
C LEU A 450 23.85 -12.15 0.92
N HIS A 451 22.75 -11.45 1.18
CA HIS A 451 21.52 -11.62 0.43
C HIS A 451 21.29 -10.53 -0.61
N LEU A 452 22.18 -9.53 -0.67
CA LEU A 452 21.94 -8.40 -1.56
C LEU A 452 22.20 -8.72 -3.02
N GLU A 453 23.22 -9.55 -3.30
CA GLU A 453 23.58 -9.80 -4.70
C GLU A 453 22.42 -10.44 -5.46
N LYS A 454 21.75 -11.43 -4.85
CA LYS A 454 20.66 -12.10 -5.56
C LYS A 454 19.53 -11.13 -5.87
N LEU A 455 19.34 -10.14 -5.01
CA LEU A 455 18.32 -9.10 -5.20
C LEU A 455 18.76 -7.99 -6.14
N GLY A 456 19.97 -8.05 -6.69
CA GLY A 456 20.44 -6.96 -7.53
C GLY A 456 20.57 -5.65 -6.79
N ALA A 457 20.82 -5.69 -5.49
CA ALA A 457 20.93 -4.49 -4.67
C ALA A 457 22.40 -4.13 -4.54
N LYS A 458 22.76 -2.92 -4.94
CA LYS A 458 24.16 -2.49 -4.87
C LYS A 458 24.35 -1.53 -3.70
N LEU A 459 25.21 -1.92 -2.77
CA LEU A 459 25.55 -1.07 -1.63
CA LEU A 459 25.53 -1.06 -1.64
C LEU A 459 26.51 0.03 -2.05
N THR A 460 26.34 1.21 -1.46
CA THR A 460 27.30 2.28 -1.59
C THR A 460 28.37 2.09 -0.52
N VAL A 461 29.61 2.43 -0.86
CA VAL A 461 30.72 2.32 0.08
C VAL A 461 31.12 3.71 0.53
N LEU A 462 31.24 3.91 1.85
CA LEU A 462 31.67 5.18 2.41
C LEU A 462 33.05 5.56 1.90
N THR A 463 33.22 6.85 1.56
CA THR A 463 34.56 7.35 1.29
C THR A 463 35.33 7.52 2.59
N ASP A 464 36.64 7.73 2.47
CA ASP A 464 37.47 8.04 3.63
C ASP A 464 36.88 9.23 4.40
N LYS A 465 36.51 10.28 3.67
CA LYS A 465 35.98 11.49 4.30
C LYS A 465 34.68 11.19 5.04
N GLN A 466 33.80 10.41 4.42
CA GLN A 466 32.53 10.08 5.06
C GLN A 466 32.72 9.19 6.28
N ALA A 467 33.62 8.20 6.17
CA ALA A 467 33.87 7.33 7.32
C ALA A 467 34.39 8.14 8.50
N LYS A 468 35.26 9.11 8.24
CA LYS A 468 35.75 9.98 9.30
C LYS A 468 34.65 10.88 9.83
N TYR A 469 33.81 11.40 8.93
CA TYR A 469 32.74 12.31 9.33
C TYR A 469 31.77 11.63 10.29
N LEU A 470 31.43 10.37 10.01
CA LEU A 470 30.52 9.60 10.85
C LEU A 470 31.23 8.87 11.98
N GLY A 471 32.55 8.72 11.89
CA GLY A 471 33.27 7.98 12.91
C GLY A 471 32.98 6.50 12.89
N ILE A 472 32.80 5.91 11.71
CA ILE A 472 32.61 4.47 11.62
C ILE A 472 33.49 3.92 10.52
N ALA A 473 33.74 2.63 10.62
CA ALA A 473 34.58 1.94 9.65
C ALA A 473 33.81 1.65 8.37
N LYS A 474 34.54 1.68 7.24
CA LYS A 474 33.90 1.40 5.95
C LYS A 474 33.17 0.06 5.94
N ASP A 475 33.71 -0.93 6.63
CA ASP A 475 33.13 -2.27 6.65
CA ASP A 475 33.10 -2.26 6.64
C ASP A 475 32.18 -2.49 7.84
N GLY A 476 31.81 -1.43 8.54
CA GLY A 476 30.90 -1.56 9.66
C GLY A 476 31.60 -1.90 10.96
N PRO A 477 30.84 -1.97 12.07
CA PRO A 477 29.39 -1.80 12.13
C PRO A 477 28.93 -0.37 11.85
N TYR A 478 27.74 -0.21 11.29
CA TYR A 478 27.28 1.09 10.82
C TYR A 478 26.40 1.82 11.83
N LYS A 479 25.91 1.13 12.86
CA LYS A 479 24.91 1.69 13.73
C LYS A 479 25.31 1.49 15.18
N PRO A 480 24.86 2.37 16.06
CA PRO A 480 25.11 2.17 17.50
C PRO A 480 24.46 0.89 18.00
N ASP A 481 24.97 0.42 19.13
CA ASP A 481 24.55 -0.89 19.66
C ASP A 481 23.04 -0.96 19.88
N HIS A 482 22.43 0.15 20.26
CA HIS A 482 21.02 0.27 20.64
CA HIS A 482 21.00 0.04 20.57
C HIS A 482 20.11 0.63 19.47
N TYR A 483 20.63 0.71 18.26
CA TYR A 483 19.83 1.14 17.12
C TYR A 483 18.71 0.15 16.86
N ARG A 484 17.54 0.68 16.50
CA ARG A 484 16.33 -0.13 16.44
C ARG A 484 15.91 -0.51 15.02
N TYR A 485 16.49 0.10 13.99
CA TYR A 485 16.14 -0.20 12.59
C TYR A 485 14.66 0.01 12.34
N THR B 11 -11.48 42.52 -3.06
CA THR B 11 -10.10 42.50 -3.54
C THR B 11 -9.89 43.50 -4.68
N GLN B 12 -8.96 44.43 -4.48
CA GLN B 12 -8.72 45.48 -5.47
C GLN B 12 -7.99 44.92 -6.68
N THR B 13 -8.47 45.25 -7.88
CA THR B 13 -7.94 44.70 -9.11
C THR B 13 -7.29 45.79 -9.96
N GLN B 14 -6.60 45.32 -11.00
CA GLN B 14 -6.01 46.15 -12.04
C GLN B 14 -6.72 45.86 -13.35
N THR B 15 -7.25 46.89 -13.98
CA THR B 15 -7.77 46.78 -15.33
C THR B 15 -6.76 47.39 -16.30
N GLN B 16 -6.97 47.13 -17.58
CA GLN B 16 -6.06 47.65 -18.60
C GLN B 16 -6.09 49.18 -18.56
N PRO B 17 -4.97 49.82 -18.90
CA PRO B 17 -4.99 51.28 -19.09
C PRO B 17 -5.96 51.64 -20.20
N ALA B 18 -6.61 52.80 -20.07
CA ALA B 18 -7.50 53.25 -21.13
C ALA B 18 -6.71 53.40 -22.42
N GLY B 19 -7.35 53.06 -23.54
CA GLY B 19 -6.63 53.03 -24.79
C GLY B 19 -5.61 51.91 -24.93
N ASN B 20 -5.65 50.91 -24.06
CA ASN B 20 -4.79 49.75 -24.22
C ASN B 20 -5.24 48.96 -25.45
N ALA B 21 -4.29 48.22 -26.02
CA ALA B 21 -4.63 47.40 -27.19
C ALA B 21 -5.68 46.34 -26.85
N PHE B 22 -5.72 45.88 -25.60
CA PHE B 22 -6.65 44.82 -25.22
C PHE B 22 -7.06 45.01 -23.77
N GLN B 23 -8.15 44.35 -23.40
CA GLN B 23 -8.75 44.47 -22.07
C GLN B 23 -8.28 43.35 -21.16
N TYR B 24 -8.22 43.63 -19.86
CA TYR B 24 -7.96 42.61 -18.86
C TYR B 24 -8.40 43.10 -17.49
N GLU B 25 -8.53 42.16 -16.56
CA GLU B 25 -8.74 42.51 -15.16
C GLU B 25 -8.13 41.41 -14.30
N ILE B 26 -7.07 41.74 -13.57
CA ILE B 26 -6.31 40.76 -12.78
C ILE B 26 -5.90 41.42 -11.47
N ARG B 27 -5.27 40.63 -10.59
CA ARG B 27 -4.86 41.16 -9.29
C ARG B 27 -3.63 42.07 -9.41
N ASP B 28 -2.56 41.60 -10.05
CA ASP B 28 -1.28 42.30 -9.94
C ASP B 28 -0.37 41.89 -11.09
N ILE B 29 -0.17 42.81 -12.04
CA ILE B 29 0.69 42.56 -13.20
C ILE B 29 2.14 42.33 -12.80
N SER B 30 2.57 42.82 -11.63
CA SER B 30 3.96 42.65 -11.22
C SER B 30 4.30 41.20 -10.93
N LEU B 31 3.31 40.32 -10.82
CA LEU B 31 3.55 38.89 -10.63
C LEU B 31 3.92 38.19 -11.93
N ALA B 32 3.97 38.90 -13.05
CA ALA B 32 4.14 38.26 -14.36
C ALA B 32 5.45 37.47 -14.44
N GLU B 33 6.55 38.04 -13.98
CA GLU B 33 7.84 37.36 -14.13
C GLU B 33 7.86 36.04 -13.37
N PHE B 34 7.33 36.04 -12.15
CA PHE B 34 7.21 34.82 -11.37
C PHE B 34 6.33 33.81 -12.09
N GLY B 35 5.16 34.25 -12.58
CA GLY B 35 4.29 33.34 -13.32
C GLY B 35 4.98 32.74 -14.53
N ARG B 36 5.75 33.54 -15.26
CA ARG B 36 6.40 33.04 -16.46
C ARG B 36 7.47 32.00 -16.11
N LYS B 37 8.18 32.19 -14.99
CA LYS B 37 9.13 31.18 -14.54
C LYS B 37 8.43 29.85 -14.28
N GLU B 38 7.28 29.88 -13.60
CA GLU B 38 6.58 28.64 -13.32
C GLU B 38 5.96 28.02 -14.58
N ILE B 39 5.53 28.85 -15.53
CA ILE B 39 5.06 28.33 -16.80
C ILE B 39 6.18 27.61 -17.54
N ASN B 40 7.38 28.21 -17.56
CA ASN B 40 8.51 27.55 -18.22
C ASN B 40 8.76 26.17 -17.61
N LEU B 41 8.72 26.08 -16.28
CA LEU B 41 8.89 24.77 -15.65
C LEU B 41 7.75 23.83 -16.03
N ALA B 42 6.52 24.35 -16.03
CA ALA B 42 5.36 23.51 -16.32
C ALA B 42 5.39 22.97 -17.74
N GLU B 43 5.90 23.75 -18.70
CA GLU B 43 5.97 23.25 -20.08
C GLU B 43 6.76 21.95 -20.15
N HIS B 44 7.84 21.85 -19.38
CA HIS B 44 8.64 20.62 -19.37
CA HIS B 44 8.63 20.61 -19.39
C HIS B 44 7.87 19.46 -18.76
N GLU B 45 6.92 19.75 -17.86
CA GLU B 45 6.09 18.73 -17.25
C GLU B 45 4.86 18.40 -18.06
N MET B 46 4.67 19.03 -19.23
CA MET B 46 3.47 18.83 -20.05
C MET B 46 3.85 18.41 -21.47
N PRO B 47 4.50 17.25 -21.61
CA PRO B 47 4.96 16.85 -22.96
C PRO B 47 3.84 16.62 -23.95
N GLY B 48 2.67 16.15 -23.50
CA GLY B 48 1.58 15.97 -24.44
C GLY B 48 1.15 17.29 -25.05
N LEU B 49 1.02 18.32 -24.22
CA LEU B 49 0.63 19.63 -24.72
CA LEU B 49 0.63 19.62 -24.72
C LEU B 49 1.68 20.20 -25.65
N MET B 50 2.95 20.13 -25.25
CA MET B 50 4.01 20.74 -26.04
C MET B 50 4.21 20.00 -27.36
N GLN B 51 4.08 18.67 -27.36
CA GLN B 51 4.18 17.93 -28.61
C GLN B 51 2.99 18.18 -29.52
N THR B 52 1.81 18.41 -28.94
CA THR B 52 0.64 18.77 -29.75
C THR B 52 0.83 20.15 -30.40
N ARG B 53 1.46 21.09 -29.69
CA ARG B 53 1.84 22.35 -30.31
C ARG B 53 2.69 22.13 -31.55
N GLU B 54 3.73 21.31 -31.43
CA GLU B 54 4.62 21.07 -32.55
C GLU B 54 3.88 20.39 -33.70
N LYS B 55 3.00 19.44 -33.38
CA LYS B 55 2.36 18.66 -34.42
C LYS B 55 1.44 19.51 -35.27
N TYR B 56 0.69 20.41 -34.67
CA TYR B 56 -0.31 21.20 -35.40
C TYR B 56 0.19 22.59 -35.74
N GLY B 57 1.44 22.92 -35.42
CA GLY B 57 1.92 24.28 -35.60
C GLY B 57 1.91 24.76 -37.05
N ALA B 58 2.43 23.93 -37.96
CA ALA B 58 2.46 24.33 -39.36
C ALA B 58 1.06 24.53 -39.91
N GLU B 59 0.13 23.67 -39.48
CA GLU B 59 -1.23 23.72 -40.02
C GLU B 59 -2.00 24.95 -39.56
N GLN B 60 -1.75 25.43 -38.34
CA GLN B 60 -2.55 26.50 -37.75
C GLN B 60 -4.04 26.19 -37.84
N PRO B 61 -4.49 25.07 -37.24
CA PRO B 61 -5.90 24.67 -37.40
C PRO B 61 -6.90 25.63 -36.79
N LEU B 62 -6.48 26.47 -35.85
CA LEU B 62 -7.39 27.41 -35.18
C LEU B 62 -7.14 28.85 -35.62
N LYS B 63 -6.59 29.02 -36.83
CA LYS B 63 -6.20 30.34 -37.32
C LYS B 63 -7.35 31.33 -37.22
N GLY B 64 -7.15 32.37 -36.42
CA GLY B 64 -8.09 33.47 -36.32
C GLY B 64 -9.36 33.20 -35.54
N VAL B 65 -9.52 32.00 -34.97
CA VAL B 65 -10.77 31.63 -34.34
C VAL B 65 -10.92 32.34 -33.00
N ARG B 66 -12.06 33.01 -32.81
CA ARG B 66 -12.36 33.63 -31.52
C ARG B 66 -12.69 32.53 -30.52
N LEU B 67 -11.90 32.44 -29.45
CA LEU B 67 -11.97 31.32 -28.52
C LEU B 67 -12.03 31.89 -27.12
N ALA B 68 -13.11 31.59 -26.40
CA ALA B 68 -13.28 32.01 -25.01
C ALA B 68 -13.15 30.80 -24.11
N GLY B 69 -12.37 30.95 -23.03
CA GLY B 69 -12.23 29.88 -22.06
C GLY B 69 -12.71 30.31 -20.69
N SER B 70 -13.47 29.44 -20.04
CA SER B 70 -13.89 29.60 -18.64
C SER B 70 -13.42 28.34 -17.92
N LEU B 71 -12.26 28.46 -17.29
CA LEU B 71 -11.58 27.31 -16.71
C LEU B 71 -10.47 27.83 -15.81
N HIS B 72 -10.39 27.29 -14.59
CA HIS B 72 -9.41 27.66 -13.56
C HIS B 72 -8.13 28.27 -14.12
N MET B 73 -7.89 29.55 -13.82
CA MET B 73 -6.76 30.28 -14.40
C MET B 73 -5.48 29.98 -13.61
N THR B 74 -4.95 28.78 -13.84
CA THR B 74 -3.76 28.27 -13.18
C THR B 74 -2.57 28.29 -14.13
N ILE B 75 -1.40 27.94 -13.58
CA ILE B 75 -0.20 27.79 -14.41
C ILE B 75 -0.44 26.76 -15.51
N GLN B 76 -1.18 25.69 -15.19
CA GLN B 76 -1.43 24.65 -16.18
C GLN B 76 -2.31 25.17 -17.30
N THR B 77 -3.33 25.93 -16.95
CA THR B 77 -4.19 26.53 -17.96
C THR B 77 -3.43 27.52 -18.82
N ALA B 78 -2.44 28.21 -18.25
CA ALA B 78 -1.60 29.10 -19.03
C ALA B 78 -0.95 28.36 -20.19
N VAL B 79 -0.49 27.12 -19.96
CA VAL B 79 0.11 26.33 -21.03
C VAL B 79 -0.93 25.93 -22.07
N LEU B 80 -2.16 25.66 -21.62
CA LEU B 80 -3.25 25.39 -22.56
C LEU B 80 -3.54 26.62 -23.42
N ILE B 81 -3.72 27.79 -22.78
CA ILE B 81 -3.98 29.02 -23.52
C ILE B 81 -2.94 29.24 -24.60
N GLU B 82 -1.67 29.08 -24.24
CA GLU B 82 -0.60 29.36 -25.19
C GLU B 82 -0.47 28.27 -26.25
N THR B 83 -0.96 27.06 -25.96
CA THR B 83 -1.08 26.05 -27.01
C THR B 83 -2.15 26.43 -28.02
N LEU B 84 -3.32 26.84 -27.54
CA LEU B 84 -4.38 27.27 -28.46
C LEU B 84 -3.91 28.46 -29.28
N GLN B 85 -3.19 29.41 -28.66
CA GLN B 85 -2.67 30.54 -29.40
C GLN B 85 -1.61 30.11 -30.40
N ALA B 86 -0.75 29.16 -30.03
CA ALA B 86 0.26 28.67 -30.95
C ALA B 86 -0.38 28.01 -32.17
N LEU B 87 -1.61 27.54 -32.05
CA LEU B 87 -2.34 26.95 -33.16
C LEU B 87 -3.19 27.96 -33.92
N GLY B 88 -3.14 29.24 -33.54
CA GLY B 88 -3.76 30.33 -34.28
C GLY B 88 -4.91 31.03 -33.59
N ALA B 89 -5.36 30.54 -32.44
CA ALA B 89 -6.60 31.04 -31.85
C ALA B 89 -6.42 32.45 -31.27
N ASN B 90 -7.53 33.20 -31.30
CA ASN B 90 -7.64 34.53 -30.71
C ASN B 90 -8.39 34.35 -29.39
N VAL B 91 -7.66 34.35 -28.27
CA VAL B 91 -8.14 33.80 -27.01
C VAL B 91 -8.47 34.90 -26.00
N ARG B 92 -9.57 34.70 -25.27
CA ARG B 92 -9.90 35.45 -24.06
C ARG B 92 -10.22 34.43 -22.97
N TRP B 93 -9.90 34.76 -21.71
CA TRP B 93 -10.01 33.76 -20.66
C TRP B 93 -10.48 34.33 -19.33
N CYS B 94 -11.23 33.50 -18.60
CA CYS B 94 -11.60 33.75 -17.21
C CYS B 94 -11.52 32.44 -16.45
N SER B 95 -11.53 32.53 -15.13
CA SER B 95 -11.61 31.32 -14.32
C SER B 95 -13.05 30.86 -14.20
N CYS B 96 -13.22 29.58 -13.85
CA CYS B 96 -14.55 29.02 -13.56
C CYS B 96 -14.80 28.86 -12.07
N ASN B 97 -13.97 29.47 -11.22
CA ASN B 97 -14.16 29.39 -9.78
C ASN B 97 -13.58 30.65 -9.15
N ILE B 98 -14.24 31.15 -8.10
CA ILE B 98 -13.83 32.41 -7.49
C ILE B 98 -12.51 32.32 -6.72
N PHE B 99 -12.06 31.11 -6.35
CA PHE B 99 -10.82 30.98 -5.59
C PHE B 99 -9.71 30.26 -6.34
N SER B 100 -9.92 29.80 -7.57
CA SER B 100 -8.95 28.91 -8.19
C SER B 100 -7.87 29.61 -9.00
N THR B 101 -8.03 30.90 -9.31
CA THR B 101 -7.01 31.58 -10.09
C THR B 101 -5.68 31.61 -9.34
N GLN B 102 -4.61 31.37 -10.07
CA GLN B 102 -3.26 31.63 -9.59
C GLN B 102 -2.85 32.99 -10.18
N ASP B 103 -2.72 34.00 -9.31
CA ASP B 103 -2.58 35.36 -9.79
C ASP B 103 -1.31 35.54 -10.61
N HIS B 104 -0.25 34.78 -10.32
CA HIS B 104 0.96 34.90 -11.12
C HIS B 104 0.78 34.33 -12.52
N ALA B 105 -0.01 33.26 -12.66
CA ALA B 105 -0.33 32.73 -13.99
C ALA B 105 -1.13 33.75 -14.79
N ALA B 106 -2.15 34.33 -14.16
CA ALA B 106 -2.94 35.36 -14.85
C ALA B 106 -2.07 36.51 -15.31
N ALA B 107 -1.17 36.98 -14.44
CA ALA B 107 -0.30 38.09 -14.78
C ALA B 107 0.64 37.74 -15.93
N ALA B 108 1.19 36.52 -15.92
CA ALA B 108 2.12 36.13 -16.99
C ALA B 108 1.42 36.06 -18.34
N ILE B 109 0.15 35.64 -18.35
CA ILE B 109 -0.60 35.56 -19.59
C ILE B 109 -0.99 36.96 -20.09
N VAL B 110 -1.39 37.85 -19.19
CA VAL B 110 -1.67 39.23 -19.57
C VAL B 110 -0.41 39.89 -20.12
N ALA B 111 0.74 39.65 -19.47
CA ALA B 111 1.99 40.25 -19.93
C ALA B 111 2.35 39.79 -21.34
N ALA B 112 1.90 38.60 -21.74
CA ALA B 112 2.11 38.11 -23.09
C ALA B 112 1.10 38.67 -24.09
N GLY B 113 0.15 39.48 -23.63
CA GLY B 113 -0.78 40.15 -24.52
C GLY B 113 -2.18 39.58 -24.58
N THR B 114 -2.57 38.74 -23.62
CA THR B 114 -3.82 38.00 -23.71
C THR B 114 -4.85 38.54 -22.73
N PRO B 115 -6.08 38.80 -23.18
CA PRO B 115 -7.16 39.18 -22.26
C PRO B 115 -7.46 38.08 -21.25
N VAL B 116 -7.32 38.42 -19.97
CA VAL B 116 -7.66 37.56 -18.85
C VAL B 116 -8.50 38.38 -17.88
N PHE B 117 -9.58 37.80 -17.38
CA PHE B 117 -10.45 38.43 -16.40
C PHE B 117 -10.56 37.42 -15.27
N ALA B 118 -9.63 37.48 -14.31
CA ALA B 118 -9.56 36.44 -13.29
C ALA B 118 -8.61 36.88 -12.18
N TRP B 119 -9.02 36.63 -10.93
CA TRP B 119 -8.14 36.81 -9.78
C TRP B 119 -8.64 35.91 -8.66
N LYS B 120 -7.74 35.60 -7.72
CA LYS B 120 -8.11 34.78 -6.58
C LYS B 120 -8.94 35.61 -5.61
N GLY B 121 -10.12 35.12 -5.26
CA GLY B 121 -10.97 35.81 -4.31
C GLY B 121 -11.98 36.77 -4.93
N GLU B 122 -12.54 36.40 -6.08
CA GLU B 122 -13.64 37.16 -6.65
C GLU B 122 -14.89 37.01 -5.81
N THR B 123 -15.75 38.03 -5.85
CA THR B 123 -17.12 37.85 -5.41
C THR B 123 -17.92 37.18 -6.52
N LEU B 124 -19.11 36.68 -6.15
CA LEU B 124 -19.97 36.06 -7.16
C LEU B 124 -20.38 37.07 -8.24
N GLU B 125 -20.65 38.31 -7.85
CA GLU B 125 -20.95 39.33 -8.84
C GLU B 125 -19.78 39.52 -9.79
N GLU B 126 -18.57 39.65 -9.25
CA GLU B 126 -17.40 39.83 -10.10
C GLU B 126 -17.16 38.62 -11.00
N TYR B 127 -17.39 37.42 -10.46
CA TYR B 127 -17.21 36.20 -11.23
C TYR B 127 -18.02 36.23 -12.52
N TRP B 128 -19.30 36.60 -12.42
CA TRP B 128 -20.13 36.62 -13.61
C TRP B 128 -19.79 37.78 -14.54
N GLU B 129 -19.36 38.92 -13.98
CA GLU B 129 -18.89 40.01 -14.85
C GLU B 129 -17.66 39.58 -15.65
N CYS B 130 -16.77 38.79 -15.04
CA CYS B 130 -15.61 38.29 -15.76
C CYS B 130 -16.02 37.35 -16.88
N THR B 131 -17.03 36.50 -16.64
CA THR B 131 -17.52 35.63 -17.68
C THR B 131 -17.99 36.44 -18.89
N TRP B 132 -18.74 37.51 -18.63
CA TRP B 132 -19.23 38.35 -19.71
C TRP B 132 -18.10 39.01 -20.48
N LYS B 133 -17.10 39.55 -19.75
CA LYS B 133 -15.97 40.18 -20.43
C LYS B 133 -15.21 39.19 -21.30
N THR B 134 -15.18 37.92 -20.90
CA THR B 134 -14.50 36.90 -21.68
C THR B 134 -15.26 36.59 -22.97
N LEU B 135 -16.58 36.44 -22.87
CA LEU B 135 -17.39 36.10 -24.05
C LEU B 135 -17.48 37.25 -25.04
N LEU B 136 -17.40 38.49 -24.56
CA LEU B 136 -17.61 39.65 -25.41
C LEU B 136 -16.32 40.00 -26.15
N PHE B 137 -16.28 39.68 -27.43
CA PHE B 137 -15.14 40.04 -28.26
C PHE B 137 -15.33 41.44 -28.84
N PRO B 138 -14.23 42.08 -29.27
CA PRO B 138 -14.34 43.41 -29.85
C PRO B 138 -15.30 43.45 -31.02
N ASP B 139 -15.86 44.65 -31.24
CA ASP B 139 -16.86 44.86 -32.30
C ASP B 139 -18.15 44.09 -32.03
N ASP B 140 -18.47 43.89 -30.74
CA ASP B 140 -19.70 43.21 -30.33
C ASP B 140 -19.81 41.80 -30.92
N MET B 141 -18.70 41.08 -30.93
CA MET B 141 -18.68 39.71 -31.41
C MET B 141 -18.70 38.74 -30.24
N GLY B 142 -18.79 37.45 -30.55
CA GLY B 142 -18.75 36.42 -29.54
C GLY B 142 -17.73 35.34 -29.89
N PRO B 143 -17.57 34.37 -29.00
CA PRO B 143 -16.64 33.28 -29.30
C PRO B 143 -17.19 32.38 -30.40
N GLN B 144 -16.27 31.87 -31.21
CA GLN B 144 -16.60 30.82 -32.17
C GLN B 144 -16.39 29.42 -31.60
N LEU B 145 -15.59 29.32 -30.55
CA LEU B 145 -15.41 28.09 -29.78
C LEU B 145 -15.31 28.48 -28.32
N ILE B 146 -15.78 27.59 -27.44
CA ILE B 146 -15.66 27.78 -26.00
C ILE B 146 -14.99 26.56 -25.38
N VAL B 147 -14.04 26.81 -24.48
CA VAL B 147 -13.53 25.82 -23.54
C VAL B 147 -14.22 26.08 -22.22
N ASP B 148 -14.90 25.08 -21.67
CA ASP B 148 -15.71 25.27 -20.47
C ASP B 148 -15.37 24.22 -19.45
N ASP B 149 -15.44 24.59 -18.17
CA ASP B 149 -15.18 23.69 -17.05
C ASP B 149 -16.30 23.93 -16.04
N GLY B 150 -17.29 23.04 -16.04
CA GLY B 150 -18.43 23.14 -15.16
C GLY B 150 -19.67 23.72 -15.79
N GLY B 151 -19.57 24.29 -16.99
CA GLY B 151 -20.73 24.70 -17.74
C GLY B 151 -21.26 26.10 -17.50
N ASP B 152 -20.55 26.95 -16.73
CA ASP B 152 -21.10 28.28 -16.45
C ASP B 152 -21.15 29.16 -17.69
N ALA B 153 -20.09 29.15 -18.51
CA ALA B 153 -20.14 29.94 -19.74
C ALA B 153 -21.23 29.42 -20.68
N THR B 154 -21.35 28.10 -20.77
CA THR B 154 -22.41 27.50 -21.59
C THR B 154 -23.79 27.89 -21.08
N LEU B 155 -23.96 27.87 -19.76
CA LEU B 155 -25.21 28.31 -19.14
C LEU B 155 -25.52 29.76 -19.54
N MET B 156 -24.53 30.64 -19.43
CA MET B 156 -24.79 32.05 -19.72
C MET B 156 -25.20 32.26 -21.17
N VAL B 157 -24.53 31.57 -22.11
CA VAL B 157 -24.89 31.72 -23.51
C VAL B 157 -26.32 31.27 -23.74
N HIS B 158 -26.67 30.09 -23.22
CA HIS B 158 -28.02 29.56 -23.44
C HIS B 158 -29.06 30.45 -22.79
N ARG B 159 -28.83 30.88 -21.55
CA ARG B 159 -29.83 31.70 -20.87
C ARG B 159 -29.98 33.05 -21.56
N GLY B 160 -28.86 33.63 -22.02
CA GLY B 160 -28.95 34.88 -22.76
C GLY B 160 -29.76 34.74 -24.04
N PHE B 161 -29.53 33.66 -24.78
CA PHE B 161 -30.27 33.43 -26.01
C PHE B 161 -31.76 33.26 -25.75
N TYR B 162 -32.11 32.36 -24.83
CA TYR B 162 -33.53 32.08 -24.59
C TYR B 162 -34.23 33.27 -23.93
N ALA B 163 -33.51 34.05 -23.11
CA ALA B 163 -34.10 35.24 -22.51
C ALA B 163 -34.37 36.34 -23.54
N GLU B 164 -33.65 36.35 -24.66
CA GLU B 164 -33.97 37.31 -25.71
C GLU B 164 -35.30 37.00 -26.37
N ASP B 165 -35.68 35.72 -26.41
CA ASP B 165 -37.01 35.35 -26.88
C ASP B 165 -38.07 35.58 -25.81
N ASN B 166 -37.72 35.39 -24.54
CA ASN B 166 -38.67 35.52 -23.44
C ASN B 166 -37.97 36.28 -22.31
N PRO B 167 -37.97 37.61 -22.36
CA PRO B 167 -37.25 38.39 -21.34
C PRO B 167 -37.78 38.20 -19.93
N SER B 168 -39.01 37.71 -19.76
CA SER B 168 -39.54 37.52 -18.42
C SER B 168 -38.78 36.46 -17.61
N ILE B 169 -38.02 35.58 -18.27
CA ILE B 169 -37.26 34.60 -17.51
C ILE B 169 -36.20 35.27 -16.65
N LEU B 170 -35.76 36.47 -17.05
CA LEU B 170 -34.81 37.22 -16.23
C LEU B 170 -35.44 37.77 -14.97
N ASP B 171 -36.77 37.66 -14.82
CA ASP B 171 -37.46 38.07 -13.62
C ASP B 171 -37.66 36.93 -12.63
N ASP B 172 -37.25 35.71 -12.97
CA ASP B 172 -37.41 34.55 -12.12
C ASP B 172 -36.03 34.12 -11.62
N ASP B 173 -35.71 34.48 -10.38
CA ASP B 173 -34.44 34.11 -9.78
C ASP B 173 -34.42 32.66 -9.29
N GLU B 174 -35.56 31.98 -9.34
CA GLU B 174 -35.65 30.57 -8.90
C GLU B 174 -35.17 30.39 -7.46
N GLY B 175 -35.29 31.43 -6.65
CA GLY B 175 -34.85 31.36 -5.27
C GLY B 175 -33.36 31.24 -5.11
N SER B 176 -32.58 31.74 -6.06
CA SER B 176 -31.12 31.61 -6.05
C SER B 176 -30.51 33.00 -6.14
N GLU B 177 -29.71 33.35 -5.12
CA GLU B 177 -29.00 34.63 -5.16
C GLU B 177 -28.05 34.70 -6.34
N GLU B 178 -27.46 33.57 -6.72
CA GLU B 178 -26.51 33.60 -7.84
C GLU B 178 -27.24 33.74 -9.17
N LEU B 179 -28.39 33.09 -9.33
CA LEU B 179 -29.16 33.28 -10.56
C LEU B 179 -29.67 34.71 -10.67
N ALA B 180 -29.96 35.35 -9.54
CA ALA B 180 -30.33 36.77 -9.56
C ALA B 180 -29.19 37.63 -10.08
N ILE B 181 -27.95 37.27 -9.73
CA ILE B 181 -26.79 37.97 -10.28
C ILE B 181 -26.73 37.82 -11.79
N VAL B 182 -26.90 36.59 -12.27
CA VAL B 182 -26.89 36.35 -13.71
C VAL B 182 -28.04 37.07 -14.41
N ASN B 183 -29.22 37.04 -13.79
CA ASN B 183 -30.38 37.72 -14.39
C ASN B 183 -30.15 39.21 -14.52
N LYS B 184 -29.60 39.85 -13.48
CA LYS B 184 -29.37 41.29 -13.54
C LYS B 184 -28.35 41.63 -14.62
N LEU B 185 -27.33 40.78 -14.77
CA LEU B 185 -26.33 41.00 -15.80
C LEU B 185 -26.93 40.85 -17.20
N LEU B 186 -27.72 39.80 -17.41
CA LEU B 186 -28.35 39.61 -18.72
C LEU B 186 -29.35 40.73 -19.04
N LYS B 187 -30.02 41.27 -18.01
CA LYS B 187 -30.89 42.41 -18.24
C LYS B 187 -30.10 43.62 -18.74
N ARG B 188 -28.93 43.86 -18.14
CA ARG B 188 -28.09 44.97 -18.59
C ARG B 188 -27.65 44.77 -20.02
N ILE B 189 -27.33 43.53 -20.39
CA ILE B 189 -26.87 43.23 -21.74
C ILE B 189 -28.01 43.39 -22.75
N GLN B 190 -29.23 43.01 -22.37
CA GLN B 190 -30.38 43.27 -23.24
C GLN B 190 -30.56 44.75 -23.49
N LYS B 191 -30.25 45.58 -22.50
CA LYS B 191 -30.40 47.03 -22.65
C LYS B 191 -29.28 47.63 -23.49
N GLU B 192 -28.04 47.20 -23.25
CA GLU B 192 -26.89 47.80 -23.93
C GLU B 192 -26.66 47.20 -25.31
N LYS B 193 -26.94 45.91 -25.47
CA LYS B 193 -26.70 45.19 -26.73
C LYS B 193 -27.89 44.29 -27.04
N PRO B 194 -29.03 44.88 -27.38
CA PRO B 194 -30.20 44.05 -27.71
C PRO B 194 -29.90 43.09 -28.86
N GLY B 195 -30.34 41.84 -28.70
CA GLY B 195 -30.12 40.82 -29.69
C GLY B 195 -28.73 40.25 -29.77
N TYR B 196 -27.86 40.58 -28.81
CA TYR B 196 -26.48 40.11 -28.85
C TYR B 196 -26.40 38.58 -28.94
N TRP B 197 -27.16 37.88 -28.11
CA TRP B 197 -27.03 36.43 -28.04
C TRP B 197 -27.51 35.78 -29.34
N HIS B 198 -28.60 36.29 -29.91
CA HIS B 198 -29.02 35.80 -31.22
C HIS B 198 -28.03 36.14 -32.33
N LYS B 199 -27.22 37.18 -32.14
CA LYS B 199 -26.19 37.52 -33.12
C LYS B 199 -25.00 36.57 -33.04
N ILE B 200 -24.61 36.16 -31.83
CA ILE B 200 -23.38 35.38 -31.68
C ILE B 200 -23.60 33.87 -31.75
N VAL B 201 -24.77 33.37 -31.32
CA VAL B 201 -25.00 31.92 -31.31
C VAL B 201 -24.82 31.27 -32.68
N PRO B 202 -25.29 31.85 -33.79
CA PRO B 202 -25.05 31.21 -35.10
C PRO B 202 -23.58 31.04 -35.46
N GLU B 203 -22.68 31.81 -34.87
CA GLU B 203 -21.25 31.70 -35.17
C GLU B 203 -20.49 30.85 -34.16
N LEU B 204 -21.17 30.37 -33.12
CA LEU B 204 -20.53 29.56 -32.09
C LEU B 204 -20.63 28.09 -32.50
N LYS B 205 -19.50 27.51 -32.88
CA LYS B 205 -19.49 26.18 -33.48
C LYS B 205 -19.41 25.04 -32.48
N GLY B 206 -19.08 25.30 -31.21
CA GLY B 206 -19.01 24.21 -30.26
C GLY B 206 -18.38 24.63 -28.95
N VAL B 207 -18.58 23.77 -27.95
CA VAL B 207 -17.96 23.90 -26.64
C VAL B 207 -17.33 22.56 -26.28
N SER B 208 -16.15 22.61 -25.68
CA SER B 208 -15.51 21.42 -25.12
C SER B 208 -15.55 21.52 -23.60
N GLU B 209 -16.13 20.51 -22.94
CA GLU B 209 -16.45 20.58 -21.52
C GLU B 209 -15.56 19.66 -20.72
N GLU B 210 -14.91 20.21 -19.69
CA GLU B 210 -13.85 19.57 -18.94
C GLU B 210 -14.32 18.57 -17.91
N THR B 211 -15.47 18.78 -17.26
CA THR B 211 -15.69 18.09 -15.99
C THR B 211 -17.05 17.39 -15.94
N THR B 212 -17.11 16.41 -15.03
CA THR B 212 -18.29 15.55 -14.90
C THR B 212 -19.58 16.36 -14.74
N THR B 213 -19.55 17.38 -13.88
CA THR B 213 -20.75 18.18 -13.64
C THR B 213 -21.16 18.96 -14.89
N GLY B 214 -20.20 19.49 -15.63
CA GLY B 214 -20.52 20.17 -16.86
C GLY B 214 -21.14 19.24 -17.89
N VAL B 215 -20.63 18.02 -17.97
CA VAL B 215 -21.20 17.04 -18.89
C VAL B 215 -22.64 16.70 -18.51
N HIS B 216 -22.90 16.59 -17.21
CA HIS B 216 -24.27 16.36 -16.75
C HIS B 216 -25.19 17.50 -17.19
N ARG B 217 -24.71 18.74 -17.09
CA ARG B 217 -25.50 19.88 -17.54
C ARG B 217 -25.79 19.80 -19.04
N LEU B 218 -24.80 19.35 -19.82
CA LEU B 218 -25.01 19.24 -21.27
C LEU B 218 -26.09 18.22 -21.59
N TYR B 219 -26.12 17.11 -20.86
CA TYR B 219 -27.14 16.10 -21.12
C TYR B 219 -28.51 16.55 -20.63
N GLU B 220 -28.58 17.34 -19.57
CA GLU B 220 -29.86 17.91 -19.16
C GLU B 220 -30.41 18.83 -20.25
N MET B 221 -29.55 19.58 -20.91
CA MET B 221 -30.00 20.42 -22.01
C MET B 221 -30.43 19.57 -23.21
N MET B 222 -29.74 18.45 -23.45
CA MET B 222 -30.17 17.56 -24.52
CA MET B 222 -30.16 17.55 -24.52
C MET B 222 -31.53 16.94 -24.22
N LYS B 223 -31.78 16.59 -22.96
CA LYS B 223 -33.09 16.05 -22.57
C LYS B 223 -34.20 16.99 -22.99
N GLU B 224 -34.02 18.28 -22.73
CA GLU B 224 -35.03 19.30 -23.02
C GLU B 224 -34.95 19.82 -24.44
N GLY B 225 -34.10 19.25 -25.28
CA GLY B 225 -33.94 19.74 -26.64
C GLY B 225 -33.50 21.19 -26.73
N LYS B 226 -32.72 21.66 -25.75
CA LYS B 226 -32.37 23.07 -25.67
C LYS B 226 -30.90 23.36 -25.99
N LEU B 227 -30.09 22.33 -26.23
CA LEU B 227 -28.69 22.56 -26.57
C LEU B 227 -28.60 23.29 -27.91
N LEU B 228 -27.83 24.40 -27.94
CA LEU B 228 -27.78 25.29 -29.09
C LEU B 228 -26.60 25.04 -30.02
N PHE B 229 -25.59 24.29 -29.60
CA PHE B 229 -24.42 24.04 -30.42
C PHE B 229 -23.78 22.73 -29.96
N PRO B 230 -22.96 22.10 -30.80
CA PRO B 230 -22.38 20.80 -30.43
C PRO B 230 -21.45 20.92 -29.23
N ALA B 231 -21.30 19.82 -28.52
CA ALA B 231 -20.41 19.76 -27.36
C ALA B 231 -19.51 18.56 -27.47
N LEU B 232 -18.23 18.76 -27.14
CA LEU B 232 -17.27 17.68 -27.01
C LEU B 232 -17.05 17.45 -25.53
N ASN B 233 -17.41 16.25 -25.06
CA ASN B 233 -17.25 15.83 -23.68
C ASN B 233 -15.80 15.41 -23.51
N VAL B 234 -15.00 16.30 -22.92
CA VAL B 234 -13.59 16.01 -22.63
C VAL B 234 -13.44 15.17 -21.37
N ASN B 235 -14.33 15.35 -20.39
CA ASN B 235 -14.21 14.60 -19.13
C ASN B 235 -14.12 13.11 -19.39
N ASP B 236 -14.92 12.59 -20.32
CA ASP B 236 -15.04 11.16 -20.52
C ASP B 236 -14.07 10.58 -21.54
N SER B 237 -13.08 11.35 -22.01
CA SER B 237 -11.89 10.69 -22.53
C SER B 237 -11.33 9.79 -21.44
N VAL B 238 -10.89 8.59 -21.81
CA VAL B 238 -10.28 7.71 -20.83
C VAL B 238 -9.11 8.43 -20.15
N THR B 239 -8.29 9.10 -20.96
CA THR B 239 -7.09 9.74 -20.46
C THR B 239 -7.38 10.99 -19.63
N LYS B 240 -8.63 11.43 -19.57
CA LYS B 240 -9.02 12.49 -18.64
C LYS B 240 -9.62 11.84 -17.40
N SER B 241 -10.81 11.27 -17.52
CA SER B 241 -11.56 10.77 -16.35
C SER B 241 -10.75 9.82 -15.47
N LYS B 242 -9.99 8.91 -16.07
CA LYS B 242 -9.31 7.91 -15.27
CA LYS B 242 -9.29 7.89 -15.32
C LYS B 242 -7.90 8.34 -14.84
N PHE B 243 -7.52 9.58 -15.13
CA PHE B 243 -6.20 10.08 -14.74
C PHE B 243 -6.32 11.37 -13.95
N ASP B 244 -6.87 12.41 -14.58
CA ASP B 244 -7.12 13.68 -13.89
C ASP B 244 -8.01 13.46 -12.67
N ASN B 245 -9.21 12.88 -12.87
CA ASN B 245 -10.16 12.81 -11.76
C ASN B 245 -9.62 11.95 -10.63
N VAL B 246 -8.85 10.91 -10.97
CA VAL B 246 -8.31 9.96 -9.99
C VAL B 246 -6.96 10.42 -9.45
N TYR B 247 -5.92 10.36 -10.29
CA TYR B 247 -4.57 10.67 -9.81
C TYR B 247 -4.37 12.15 -9.53
N GLY B 248 -5.10 13.02 -10.24
CA GLY B 248 -5.03 14.44 -9.92
C GLY B 248 -5.47 14.71 -8.48
N CYS B 249 -6.62 14.15 -8.10
CA CYS B 249 -7.10 14.32 -6.73
C CYS B 249 -6.21 13.61 -5.73
N ARG B 250 -5.64 12.45 -6.10
CA ARG B 250 -4.69 11.79 -5.21
C ARG B 250 -3.58 12.74 -4.81
N HIS B 251 -3.11 13.55 -5.76
CA HIS B 251 -2.10 14.56 -5.49
C HIS B 251 -2.68 15.76 -4.73
N SER B 252 -3.74 16.37 -5.28
CA SER B 252 -4.09 17.72 -4.86
C SER B 252 -5.04 17.80 -3.66
N LEU B 253 -5.74 16.73 -3.29
CA LEU B 253 -6.58 16.80 -2.10
C LEU B 253 -5.74 16.95 -0.83
N VAL B 254 -4.83 16.00 -0.60
CA VAL B 254 -4.01 16.05 0.61
C VAL B 254 -3.13 17.30 0.61
N ASP B 255 -2.66 17.72 -0.57
CA ASP B 255 -1.90 18.96 -0.71
C ASP B 255 -2.69 20.12 -0.09
N ALA B 256 -3.94 20.28 -0.50
CA ALA B 256 -4.75 21.38 0.01
C ALA B 256 -5.02 21.25 1.51
N ILE B 257 -5.32 20.04 1.99
CA ILE B 257 -5.56 19.87 3.42
C ILE B 257 -4.32 20.24 4.22
N MET B 258 -3.15 19.80 3.75
CA MET B 258 -1.91 20.12 4.45
C MET B 258 -1.64 21.62 4.46
N ARG B 259 -1.74 22.27 3.30
CA ARG B 259 -1.47 23.71 3.26
C ARG B 259 -2.45 24.47 4.13
N ALA B 260 -3.73 24.08 4.12
CA ALA B 260 -4.74 24.85 4.83
C ALA B 260 -4.66 24.67 6.33
N THR B 261 -4.29 23.47 6.81
CA THR B 261 -4.44 23.12 8.22
C THR B 261 -3.19 22.55 8.87
N ASP B 262 -2.27 21.99 8.10
CA ASP B 262 -1.09 21.32 8.67
C ASP B 262 -1.47 20.23 9.67
N VAL B 263 -2.63 19.59 9.50
CA VAL B 263 -3.07 18.54 10.40
CA VAL B 263 -3.04 18.54 10.42
C VAL B 263 -2.49 17.20 9.97
N MET B 264 -2.03 16.41 10.95
CA MET B 264 -1.58 15.06 10.65
C MET B 264 -2.77 14.21 10.24
N LEU B 265 -2.65 13.53 9.10
CA LEU B 265 -3.71 12.62 8.68
CA LEU B 265 -3.69 12.62 8.65
C LEU B 265 -3.57 11.25 9.31
N SER B 266 -2.35 10.82 9.63
CA SER B 266 -2.12 9.47 10.15
C SER B 266 -2.96 9.19 11.38
N GLY B 267 -3.60 8.02 11.39
CA GLY B 267 -4.39 7.58 12.52
C GLY B 267 -5.75 8.21 12.65
N LYS B 268 -6.05 9.26 11.89
CA LYS B 268 -7.37 9.87 11.96
C LYS B 268 -8.34 9.12 11.04
N VAL B 269 -9.61 9.17 11.40
CA VAL B 269 -10.67 8.70 10.53
C VAL B 269 -11.05 9.83 9.58
N ALA B 270 -10.98 9.56 8.28
CA ALA B 270 -11.33 10.54 7.26
C ALA B 270 -12.49 9.97 6.45
N CYS B 271 -13.56 10.74 6.36
CA CYS B 271 -14.77 10.31 5.67
C CYS B 271 -14.78 10.91 4.28
N VAL B 272 -14.71 10.06 3.26
CA VAL B 272 -14.79 10.45 1.87
C VAL B 272 -16.20 10.11 1.41
N LEU B 273 -16.95 11.13 1.02
CA LEU B 273 -18.35 10.98 0.63
C LEU B 273 -18.40 10.89 -0.89
N GLY B 274 -18.79 9.72 -1.38
CA GLY B 274 -18.71 9.39 -2.79
C GLY B 274 -17.46 8.58 -3.09
N TYR B 275 -17.59 7.67 -4.06
CA TYR B 275 -16.51 6.77 -4.45
C TYR B 275 -16.54 6.54 -5.96
N GLY B 276 -16.80 7.62 -6.72
CA GLY B 276 -16.58 7.64 -8.15
C GLY B 276 -15.12 7.90 -8.41
N ASP B 277 -14.83 8.55 -9.54
CA ASP B 277 -13.43 8.76 -9.90
C ASP B 277 -12.74 9.68 -8.90
N VAL B 278 -13.36 10.81 -8.56
CA VAL B 278 -12.79 11.74 -7.59
C VAL B 278 -12.71 11.11 -6.21
N GLY B 279 -13.75 10.37 -5.80
CA GLY B 279 -13.71 9.72 -4.50
C GLY B 279 -12.63 8.65 -4.41
N LYS B 280 -12.45 7.88 -5.48
CA LYS B 280 -11.37 6.89 -5.49
C LYS B 280 -10.01 7.56 -5.31
N GLY B 281 -9.74 8.65 -6.05
CA GLY B 281 -8.47 9.31 -5.92
C GLY B 281 -8.31 10.00 -4.57
N SER B 282 -9.42 10.56 -4.06
CA SER B 282 -9.40 11.23 -2.76
C SER B 282 -9.09 10.24 -1.64
N ALA B 283 -9.72 9.06 -1.67
CA ALA B 283 -9.41 8.05 -0.66
C ALA B 283 -7.93 7.67 -0.70
N GLU B 284 -7.37 7.51 -1.90
CA GLU B 284 -5.95 7.18 -1.98
CA GLU B 284 -5.94 7.21 -2.02
C GLU B 284 -5.09 8.33 -1.46
N SER B 285 -5.50 9.57 -1.69
CA SER B 285 -4.75 10.72 -1.21
C SER B 285 -4.56 10.65 0.31
N LEU B 286 -5.65 10.31 1.01
CA LEU B 286 -5.63 10.27 2.47
CA LEU B 286 -5.61 10.28 2.46
C LEU B 286 -4.98 8.99 2.99
N LYS B 287 -5.26 7.86 2.33
CA LYS B 287 -4.71 6.58 2.75
C LYS B 287 -3.18 6.59 2.72
N GLY B 288 -2.58 7.30 1.75
CA GLY B 288 -1.14 7.36 1.65
C GLY B 288 -0.46 7.98 2.85
N GLN B 289 -1.20 8.77 3.62
CA GLN B 289 -0.69 9.36 4.85
C GLN B 289 -1.06 8.58 6.11
N GLY B 290 -1.59 7.37 5.96
CA GLY B 290 -1.96 6.60 7.12
C GLY B 290 -3.29 6.96 7.74
N ALA B 291 -4.11 7.77 7.07
CA ALA B 291 -5.47 7.97 7.55
C ALA B 291 -6.26 6.68 7.39
N ARG B 292 -7.26 6.51 8.24
CA ARG B 292 -8.21 5.40 8.12
C ARG B 292 -9.43 5.95 7.41
N VAL B 293 -9.58 5.62 6.13
CA VAL B 293 -10.61 6.20 5.30
C VAL B 293 -11.89 5.38 5.41
N VAL B 294 -13.00 6.05 5.66
CA VAL B 294 -14.34 5.47 5.58
C VAL B 294 -15.07 6.17 4.46
N VAL B 295 -15.92 5.44 3.75
CA VAL B 295 -16.48 5.88 2.47
C VAL B 295 -18.01 5.83 2.55
N THR B 296 -18.68 6.86 2.02
CA THR B 296 -20.12 6.78 1.81
C THR B 296 -20.43 6.66 0.32
N GLU B 297 -21.54 6.00 0.00
CA GLU B 297 -21.95 5.84 -1.39
C GLU B 297 -23.43 5.53 -1.46
N VAL B 298 -24.05 5.93 -2.58
CA VAL B 298 -25.39 5.50 -2.95
C VAL B 298 -25.37 4.40 -4.01
N ASP B 299 -24.26 4.22 -4.72
CA ASP B 299 -24.18 3.27 -5.80
C ASP B 299 -23.59 1.98 -5.25
N PRO B 300 -24.31 0.85 -5.30
CA PRO B 300 -23.80 -0.38 -4.68
C PRO B 300 -22.55 -0.92 -5.35
N ILE B 301 -22.34 -0.64 -6.65
CA ILE B 301 -21.14 -1.11 -7.32
C ILE B 301 -19.94 -0.35 -6.78
N CYS B 302 -20.06 0.98 -6.68
CA CYS B 302 -18.97 1.77 -6.13
C CYS B 302 -18.72 1.43 -4.66
N ALA B 303 -19.80 1.19 -3.90
CA ALA B 303 -19.63 0.78 -2.51
C ALA B 303 -18.86 -0.54 -2.43
N LEU B 304 -19.19 -1.50 -3.30
CA LEU B 304 -18.47 -2.77 -3.26
C LEU B 304 -17.00 -2.60 -3.63
N GLN B 305 -16.70 -1.73 -4.59
CA GLN B 305 -15.31 -1.42 -4.90
C GLN B 305 -14.58 -0.90 -3.67
N ALA B 306 -15.21 0.00 -2.91
CA ALA B 306 -14.57 0.53 -1.72
C ALA B 306 -14.29 -0.58 -0.71
N CYS B 307 -15.24 -1.51 -0.52
CA CYS B 307 -15.01 -2.64 0.38
C CYS B 307 -13.83 -3.48 -0.09
N MET B 308 -13.73 -3.72 -1.39
CA MET B 308 -12.65 -4.55 -1.91
C MET B 308 -11.29 -3.89 -1.77
N ALA B 309 -11.26 -2.56 -1.57
CA ALA B 309 -10.04 -1.84 -1.28
C ALA B 309 -9.72 -1.79 0.21
N GLY B 310 -10.55 -2.41 1.04
CA GLY B 310 -10.31 -2.42 2.47
C GLY B 310 -10.87 -1.24 3.22
N TYR B 311 -11.75 -0.44 2.61
CA TYR B 311 -12.38 0.68 3.29
C TYR B 311 -13.71 0.26 3.88
N GLU B 312 -14.00 0.78 5.08
CA GLU B 312 -15.30 0.61 5.68
C GLU B 312 -16.30 1.54 4.99
N VAL B 313 -17.44 1.01 4.57
CA VAL B 313 -18.48 1.79 3.90
C VAL B 313 -19.56 2.10 4.93
N VAL B 314 -19.79 3.39 5.16
CA VAL B 314 -20.61 3.89 6.25
C VAL B 314 -21.60 4.92 5.70
N ARG B 315 -22.62 5.23 6.51
CA ARG B 315 -23.39 6.44 6.32
C ARG B 315 -22.76 7.53 7.19
N ILE B 316 -22.86 8.78 6.74
CA ILE B 316 -22.15 9.87 7.42
C ILE B 316 -22.50 9.93 8.90
N GLU B 317 -23.77 9.69 9.24
CA GLU B 317 -24.19 9.78 10.64
C GLU B 317 -23.44 8.79 11.52
N ASP B 318 -23.01 7.66 10.95
CA ASP B 318 -22.32 6.62 11.69
C ASP B 318 -20.94 7.05 12.18
N VAL B 319 -20.35 8.10 11.60
CA VAL B 319 -18.97 8.46 11.91
C VAL B 319 -18.83 9.90 12.40
N LEU B 320 -19.94 10.55 12.76
CA LEU B 320 -19.84 11.93 13.24
C LEU B 320 -19.08 12.02 14.56
N ASP B 321 -19.07 10.96 15.37
CA ASP B 321 -18.28 10.97 16.60
C ASP B 321 -16.88 10.38 16.42
N LYS B 322 -16.47 10.14 15.17
CA LYS B 322 -15.20 9.47 14.91
C LYS B 322 -14.33 10.27 13.93
N ALA B 323 -14.90 10.62 12.78
CA ALA B 323 -14.12 11.27 11.73
C ALA B 323 -13.70 12.67 12.13
N GLU B 324 -12.49 13.06 11.71
CA GLU B 324 -12.04 14.43 11.89
C GLU B 324 -11.75 15.13 10.58
N ILE B 325 -12.00 14.47 9.45
CA ILE B 325 -11.89 15.06 8.12
C ILE B 325 -13.07 14.53 7.32
N PHE B 326 -13.75 15.41 6.60
CA PHE B 326 -14.85 15.05 5.71
C PHE B 326 -14.57 15.71 4.37
N VAL B 327 -14.66 14.92 3.29
CA VAL B 327 -14.39 15.40 1.93
C VAL B 327 -15.53 14.96 1.02
N THR B 328 -16.26 15.92 0.44
CA THR B 328 -17.33 15.57 -0.49
C THR B 328 -16.82 15.50 -1.92
N THR B 329 -17.23 14.44 -2.63
CA THR B 329 -16.71 14.15 -3.97
C THR B 329 -17.82 13.84 -4.97
N THR B 330 -19.05 14.28 -4.72
CA THR B 330 -20.20 13.63 -5.35
C THR B 330 -20.71 14.32 -6.60
N GLY B 331 -20.56 15.64 -6.74
CA GLY B 331 -21.31 16.35 -7.76
C GLY B 331 -22.79 16.46 -7.46
N ASN B 332 -23.20 16.14 -6.24
CA ASN B 332 -24.58 16.14 -5.81
C ASN B 332 -24.74 17.18 -4.71
N CYS B 333 -25.98 17.41 -4.28
CA CYS B 333 -26.27 18.45 -3.31
C CYS B 333 -26.53 17.86 -1.93
N ASP B 334 -26.27 18.68 -0.90
CA ASP B 334 -26.69 18.37 0.48
C ASP B 334 -26.07 17.08 1.01
N ILE B 335 -24.75 16.98 0.84
CA ILE B 335 -24.01 15.81 1.30
C ILE B 335 -23.60 15.94 2.75
N ILE B 336 -23.13 17.12 3.15
CA ILE B 336 -22.82 17.41 4.54
C ILE B 336 -23.80 18.48 4.98
N ARG B 337 -24.73 18.10 5.83
CA ARG B 337 -25.83 18.95 6.25
C ARG B 337 -25.48 19.64 7.56
N ILE B 338 -26.21 20.72 7.86
CA ILE B 338 -25.95 21.46 9.09
C ILE B 338 -26.11 20.55 10.31
N GLU B 339 -27.11 19.65 10.30
CA GLU B 339 -27.28 18.76 11.45
C GLU B 339 -26.11 17.80 11.62
N HIS B 340 -25.38 17.50 10.54
CA HIS B 340 -24.16 16.72 10.66
C HIS B 340 -23.06 17.56 11.33
N MET B 341 -22.87 18.79 10.85
CA MET B 341 -21.81 19.63 11.39
C MET B 341 -22.04 19.96 12.86
N GLU B 342 -23.31 20.03 13.28
CA GLU B 342 -23.61 20.25 14.69
C GLU B 342 -23.10 19.13 15.57
N LYS B 343 -22.91 17.93 15.02
CA LYS B 343 -22.52 16.76 15.80
C LYS B 343 -21.06 16.37 15.60
N MET B 344 -20.29 17.16 14.86
CA MET B 344 -18.94 16.76 14.51
C MET B 344 -17.96 16.96 15.68
N ARG B 345 -16.85 16.23 15.61
CA ARG B 345 -15.78 16.37 16.58
C ARG B 345 -15.15 17.76 16.45
N HIS B 346 -14.58 18.23 17.55
CA HIS B 346 -14.03 19.58 17.60
C HIS B 346 -12.96 19.77 16.54
N ASN B 347 -13.10 20.87 15.80
CA ASN B 347 -12.16 21.28 14.74
C ASN B 347 -12.11 20.31 13.56
N ALA B 348 -13.13 19.47 13.40
CA ALA B 348 -13.21 18.62 12.22
C ALA B 348 -13.11 19.46 10.95
N ILE B 349 -12.33 18.97 10.00
CA ILE B 349 -12.10 19.64 8.73
C ILE B 349 -13.18 19.22 7.76
N VAL B 350 -13.86 20.21 7.16
CA VAL B 350 -14.96 19.97 6.24
C VAL B 350 -14.60 20.62 4.91
N CYS B 351 -14.61 19.86 3.83
CA CYS B 351 -14.21 20.41 2.54
C CYS B 351 -14.88 19.65 1.42
N ASN B 352 -14.80 20.25 0.23
CA ASN B 352 -15.50 19.78 -0.95
C ASN B 352 -14.52 19.82 -2.12
N ILE B 353 -14.39 18.70 -2.82
CA ILE B 353 -13.58 18.61 -4.03
C ILE B 353 -14.43 18.34 -5.26
N GLY B 354 -15.74 18.26 -5.10
N GLY B 354 -15.76 18.45 -5.13
CA GLY B 354 -16.65 17.94 -6.19
CA GLY B 354 -16.69 18.36 -6.25
C GLY B 354 -17.08 19.11 -7.02
C GLY B 354 -17.34 19.68 -6.69
N HIS B 355 -18.20 19.74 -6.66
N HIS B 355 -17.16 19.99 -7.98
CA HIS B 355 -18.72 20.81 -7.51
CA HIS B 355 -17.36 21.30 -8.63
C HIS B 355 -19.28 21.95 -6.69
C HIS B 355 -17.94 22.54 -7.94
N PHE B 356 -19.17 23.13 -7.29
N PHE B 356 -19.01 22.47 -7.12
CA PHE B 356 -19.72 24.40 -6.81
CA PHE B 356 -19.79 23.66 -6.71
C PHE B 356 -19.55 24.57 -5.31
C PHE B 356 -19.65 24.01 -5.21
N ASP B 357 -20.64 24.70 -4.61
CA ASP B 357 -20.59 25.04 -3.18
C ASP B 357 -21.76 24.48 -2.39
N ASN B 358 -22.55 23.60 -2.98
CA ASN B 358 -23.76 23.09 -2.35
C ASN B 358 -23.64 21.64 -1.90
N GLU B 359 -22.46 21.02 -2.04
CA GLU B 359 -22.27 19.71 -1.45
C GLU B 359 -22.29 19.80 0.08
N ILE B 360 -21.75 20.89 0.63
CA ILE B 360 -21.85 21.22 2.04
C ILE B 360 -22.90 22.30 2.19
N GLN B 361 -23.69 22.23 3.25
CA GLN B 361 -24.70 23.27 3.53
C GLN B 361 -24.03 24.49 4.16
N VAL B 362 -23.26 25.20 3.34
CA VAL B 362 -22.52 26.37 3.81
C VAL B 362 -23.47 27.48 4.25
N LYS B 363 -24.55 27.69 3.51
CA LYS B 363 -25.51 28.74 3.87
C LYS B 363 -26.12 28.48 5.24
N ALA B 364 -26.58 27.24 5.47
CA ALA B 364 -27.18 26.89 6.75
C ALA B 364 -26.15 26.99 7.88
N LEU B 365 -24.89 26.69 7.58
CA LEU B 365 -23.83 26.84 8.58
C LEU B 365 -23.64 28.31 8.93
N LYS B 366 -23.50 29.18 7.91
CA LYS B 366 -23.28 30.60 8.17
C LYS B 366 -24.46 31.22 8.92
N GLU B 367 -25.67 30.72 8.70
CA GLU B 367 -26.88 31.28 9.29
C GLU B 367 -27.28 30.58 10.59
N PHE B 368 -26.48 29.63 11.06
CA PHE B 368 -26.83 28.89 12.26
C PHE B 368 -26.93 29.83 13.45
N PRO B 369 -27.97 29.74 14.26
CA PRO B 369 -28.15 30.71 15.36
C PRO B 369 -26.98 30.68 16.34
N GLY B 370 -26.41 31.86 16.58
CA GLY B 370 -25.35 32.00 17.55
C GLY B 370 -23.98 31.55 17.11
N ILE B 371 -23.83 31.07 15.87
CA ILE B 371 -22.51 30.62 15.42
C ILE B 371 -21.57 31.79 15.28
N LYS B 372 -20.28 31.53 15.49
CA LYS B 372 -19.24 32.54 15.36
C LYS B 372 -18.25 32.07 14.30
N ARG B 373 -17.95 32.94 13.35
CA ARG B 373 -16.98 32.65 12.30
C ARG B 373 -15.68 33.37 12.59
N ILE B 374 -14.59 32.60 12.60
CA ILE B 374 -13.25 33.15 12.80
C ILE B 374 -12.41 32.75 11.61
N GLU B 375 -11.91 33.72 10.87
CA GLU B 375 -10.98 33.41 9.77
C GLU B 375 -9.61 33.11 10.36
N ILE B 376 -9.15 31.87 10.20
CA ILE B 376 -7.79 31.52 10.58
C ILE B 376 -6.81 32.19 9.63
N LYS B 377 -7.04 32.00 8.35
CA LYS B 377 -6.32 32.65 7.27
C LYS B 377 -7.20 32.52 6.03
N PRO B 378 -6.88 33.21 4.93
CA PRO B 378 -7.77 33.16 3.76
C PRO B 378 -8.15 31.73 3.37
N GLN B 379 -9.45 31.51 3.20
CA GLN B 379 -10.04 30.23 2.80
C GLN B 379 -9.93 29.15 3.88
N VAL B 380 -9.66 29.54 5.13
CA VAL B 380 -9.68 28.62 6.25
C VAL B 380 -10.49 29.29 7.36
N ASP B 381 -11.71 28.82 7.57
CA ASP B 381 -12.65 29.49 8.47
C ASP B 381 -13.09 28.52 9.56
N GLN B 382 -12.89 28.92 10.81
CA GLN B 382 -13.38 28.16 11.95
C GLN B 382 -14.77 28.66 12.32
N PHE B 383 -15.73 27.76 12.37
CA PHE B 383 -17.09 28.09 12.78
C PHE B 383 -17.30 27.49 14.17
N VAL B 384 -17.48 28.36 15.15
CA VAL B 384 -17.61 27.95 16.55
C VAL B 384 -19.10 27.94 16.91
N PHE B 385 -19.62 26.77 17.29
CA PHE B 385 -21.01 26.65 17.67
C PHE B 385 -21.21 27.09 19.11
N PRO B 386 -22.44 27.48 19.47
CA PRO B 386 -22.71 27.90 20.86
C PRO B 386 -22.29 26.89 21.92
N ASP B 387 -22.35 25.59 21.63
CA ASP B 387 -21.96 24.60 22.62
C ASP B 387 -20.45 24.49 22.80
N GLY B 388 -19.66 25.26 22.07
CA GLY B 388 -18.22 25.27 22.21
C GLY B 388 -17.47 24.49 21.15
N HIS B 389 -18.10 23.52 20.50
CA HIS B 389 -17.36 22.80 19.46
C HIS B 389 -17.30 23.63 18.20
N ALA B 390 -16.25 23.41 17.42
CA ALA B 390 -16.06 24.11 16.16
C ALA B 390 -15.85 23.10 15.04
N ILE B 391 -16.06 23.58 13.82
CA ILE B 391 -15.56 22.89 12.63
C ILE B 391 -14.71 23.87 11.85
N VAL B 392 -13.86 23.32 10.98
CA VAL B 392 -12.99 24.13 10.13
C VAL B 392 -13.40 23.89 8.69
N LEU B 393 -13.95 24.92 8.04
CA LEU B 393 -14.43 24.84 6.67
C LEU B 393 -13.36 25.39 5.74
N LEU B 394 -13.05 24.65 4.67
CA LEU B 394 -12.03 25.07 3.72
C LEU B 394 -12.66 25.66 2.47
N ALA B 395 -12.12 26.80 2.03
CA ALA B 395 -12.49 27.43 0.76
C ALA B 395 -13.98 27.73 0.65
N GLU B 396 -14.64 28.00 1.79
CA GLU B 396 -16.07 28.27 1.82
C GLU B 396 -16.88 27.18 1.12
N GLY B 397 -16.38 25.95 1.17
CA GLY B 397 -17.08 24.83 0.56
C GLY B 397 -16.90 24.70 -0.93
N ARG B 398 -16.06 25.53 -1.55
CA ARG B 398 -15.74 25.41 -2.96
C ARG B 398 -14.50 24.51 -3.16
N LEU B 399 -14.25 24.13 -4.41
CA LEU B 399 -13.20 23.15 -4.75
C LEU B 399 -11.94 23.36 -3.92
N VAL B 400 -11.66 22.41 -3.03
CA VAL B 400 -10.62 22.62 -2.03
C VAL B 400 -9.22 22.52 -2.63
N ASN B 401 -9.03 21.63 -3.61
CA ASN B 401 -7.69 21.46 -4.19
C ASN B 401 -7.22 22.73 -4.89
N LEU B 402 -8.12 23.39 -5.60
CA LEU B 402 -7.79 24.62 -6.29
C LEU B 402 -7.90 25.83 -5.39
N GLY B 403 -8.75 25.80 -4.37
CA GLY B 403 -8.95 26.96 -3.53
C GLY B 403 -7.91 27.11 -2.44
N CYS B 404 -7.38 25.99 -1.93
CA CYS B 404 -6.42 26.01 -0.84
C CYS B 404 -5.04 25.50 -1.25
N ALA B 405 -4.89 25.00 -2.47
CA ALA B 405 -3.57 24.70 -3.00
C ALA B 405 -3.49 25.17 -4.45
N THR B 406 -2.93 24.35 -5.34
CA THR B 406 -2.74 24.78 -6.73
C THR B 406 -3.47 23.87 -7.72
N GLY B 407 -4.40 23.05 -7.24
CA GLY B 407 -5.04 22.10 -8.12
C GLY B 407 -4.09 20.97 -8.53
N HIS B 408 -4.51 20.24 -9.57
CA HIS B 408 -3.75 19.09 -10.03
C HIS B 408 -2.38 19.55 -10.56
N PRO B 409 -1.39 18.66 -10.54
CA PRO B 409 -0.07 19.00 -11.05
C PRO B 409 -0.03 18.98 -12.58
N SER B 410 0.97 19.68 -13.12
CA SER B 410 1.06 19.88 -14.57
C SER B 410 1.02 18.57 -15.34
N PHE B 411 1.73 17.53 -14.89
CA PHE B 411 1.86 16.33 -15.72
C PHE B 411 0.51 15.67 -16.00
N VAL B 412 -0.38 15.63 -15.01
CA VAL B 412 -1.68 15.04 -15.27
C VAL B 412 -2.57 16.00 -16.03
N MET B 413 -2.44 17.32 -15.79
CA MET B 413 -3.20 18.27 -16.59
C MET B 413 -2.78 18.26 -18.04
N SER B 414 -1.58 17.78 -18.34
CA SER B 414 -1.19 17.61 -19.73
C SER B 414 -2.10 16.62 -20.45
N ASN B 415 -2.55 15.57 -19.74
CA ASN B 415 -3.56 14.68 -20.32
C ASN B 415 -4.83 15.44 -20.64
N SER B 416 -5.39 16.10 -19.61
CA SER B 416 -6.68 16.78 -19.77
C SER B 416 -6.61 17.83 -20.86
N PHE B 417 -5.51 18.58 -20.90
CA PHE B 417 -5.42 19.72 -21.79
C PHE B 417 -4.98 19.35 -23.20
N THR B 418 -4.29 18.22 -23.37
CA THR B 418 -4.13 17.69 -24.72
C THR B 418 -5.48 17.28 -25.27
N ASN B 419 -6.32 16.64 -24.44
CA ASN B 419 -7.69 16.35 -24.86
C ASN B 419 -8.45 17.63 -25.21
N GLN B 420 -8.33 18.68 -24.38
CA GLN B 420 -9.00 19.93 -24.70
C GLN B 420 -8.56 20.49 -26.05
N THR B 421 -7.25 20.47 -26.30
CA THR B 421 -6.72 21.03 -27.54
C THR B 421 -7.25 20.25 -28.74
N LEU B 422 -7.18 18.92 -28.68
CA LEU B 422 -7.72 18.09 -29.76
C LEU B 422 -9.22 18.29 -29.92
N ALA B 423 -9.94 18.48 -28.81
CA ALA B 423 -11.37 18.72 -28.88
C ALA B 423 -11.68 20.03 -29.61
N GLN B 424 -10.91 21.09 -29.30
CA GLN B 424 -11.10 22.37 -29.98
C GLN B 424 -10.83 22.25 -31.47
N ILE B 425 -9.74 21.59 -31.85
CA ILE B 425 -9.45 21.34 -33.26
C ILE B 425 -10.61 20.60 -33.91
N SER B 426 -11.10 19.54 -33.25
CA SER B 426 -12.17 18.72 -33.80
C SER B 426 -13.45 19.52 -33.99
N LEU B 427 -13.85 20.28 -32.97
CA LEU B 427 -15.06 21.09 -33.09
C LEU B 427 -14.97 22.07 -34.25
N TRP B 428 -13.78 22.63 -34.48
CA TRP B 428 -13.64 23.62 -35.55
C TRP B 428 -13.61 22.97 -36.93
N LYS B 429 -13.02 21.78 -37.04
CA LYS B 429 -12.81 21.18 -38.35
C LYS B 429 -13.92 20.23 -38.77
N GLU B 430 -14.62 19.61 -37.82
CA GLU B 430 -15.62 18.59 -38.12
C GLU B 430 -17.02 19.17 -38.14
N LYS B 431 -17.91 18.49 -38.85
CA LYS B 431 -19.30 18.91 -38.99
C LYS B 431 -20.15 18.13 -38.00
N TYR B 432 -20.07 18.52 -36.73
CA TYR B 432 -20.86 17.89 -35.68
C TYR B 432 -22.31 18.38 -35.74
N GLU B 433 -23.23 17.46 -35.48
CA GLU B 433 -24.63 17.86 -35.29
C GLU B 433 -24.83 18.27 -33.84
N LEU B 434 -26.03 18.78 -33.54
CA LEU B 434 -26.38 19.09 -32.16
C LEU B 434 -26.35 17.82 -31.32
N GLY B 435 -25.35 17.69 -30.46
CA GLY B 435 -25.25 16.52 -29.61
C GLY B 435 -24.00 16.63 -28.77
N VAL B 436 -23.78 15.60 -27.95
CA VAL B 436 -22.61 15.49 -27.10
C VAL B 436 -21.77 14.33 -27.59
N TYR B 437 -20.50 14.60 -27.87
CA TYR B 437 -19.60 13.65 -28.50
C TYR B 437 -18.37 13.45 -27.63
N THR B 438 -17.65 12.36 -27.90
CA THR B 438 -16.34 12.12 -27.31
C THR B 438 -15.31 11.91 -28.42
N LEU B 439 -14.04 12.09 -28.05
CA LEU B 439 -12.96 11.89 -29.02
C LEU B 439 -12.82 10.41 -29.34
N PRO B 440 -12.41 10.07 -30.56
CA PRO B 440 -12.23 8.65 -30.91
C PRO B 440 -11.14 8.02 -30.06
N LYS B 441 -11.29 6.71 -29.83
CA LYS B 441 -10.37 6.00 -28.95
C LYS B 441 -8.92 6.11 -29.40
N LYS B 442 -8.66 6.10 -30.71
CA LYS B 442 -7.27 6.19 -31.17
C LYS B 442 -6.62 7.50 -30.74
N LEU B 443 -7.39 8.60 -30.73
CA LEU B 443 -6.86 9.86 -30.24
C LEU B 443 -6.65 9.84 -28.72
N ASP B 444 -7.60 9.25 -28.00
CA ASP B 444 -7.47 9.06 -26.56
C ASP B 444 -6.18 8.29 -26.26
N GLU B 445 -5.93 7.23 -27.02
CA GLU B 445 -4.70 6.45 -26.87
C GLU B 445 -3.48 7.31 -27.16
N GLU B 446 -3.55 8.16 -28.18
CA GLU B 446 -2.42 9.03 -28.50
C GLU B 446 -2.07 9.95 -27.33
N VAL B 447 -3.08 10.48 -26.64
CA VAL B 447 -2.82 11.32 -25.47
C VAL B 447 -1.93 10.59 -24.48
N ALA B 448 -2.29 9.34 -24.15
CA ALA B 448 -1.47 8.57 -23.22
C ALA B 448 -0.09 8.31 -23.80
N ARG B 449 -0.02 7.92 -25.08
CA ARG B 449 1.24 7.57 -25.71
C ARG B 449 2.24 8.72 -25.59
N LEU B 450 1.77 9.96 -25.74
CA LEU B 450 2.65 11.13 -25.74
C LEU B 450 3.35 11.34 -24.40
N HIS B 451 2.86 10.73 -23.33
CA HIS B 451 3.43 10.91 -22.00
C HIS B 451 4.39 9.81 -21.58
N LEU B 452 4.52 8.76 -22.40
CA LEU B 452 5.31 7.60 -21.98
C LEU B 452 6.81 7.88 -22.00
N GLU B 453 7.29 8.66 -22.97
CA GLU B 453 8.73 8.87 -23.11
C GLU B 453 9.31 9.56 -21.86
N LYS B 454 8.64 10.60 -21.37
CA LYS B 454 9.18 11.28 -20.20
C LYS B 454 9.24 10.37 -18.98
N LEU B 455 8.30 9.42 -18.88
CA LEU B 455 8.30 8.45 -17.80
C LEU B 455 9.30 7.32 -18.02
N GLY B 456 9.93 7.24 -19.18
CA GLY B 456 10.83 6.14 -19.46
C GLY B 456 10.13 4.83 -19.74
N ALA B 457 8.82 4.86 -19.98
CA ALA B 457 8.05 3.63 -20.18
C ALA B 457 8.29 3.11 -21.59
N LYS B 458 8.55 1.81 -21.70
CA LYS B 458 8.86 1.16 -22.97
C LYS B 458 7.66 0.34 -23.40
N LEU B 459 6.99 0.78 -24.46
CA LEU B 459 5.82 0.09 -24.95
C LEU B 459 6.24 -1.06 -25.87
N THR B 460 5.55 -2.19 -25.72
CA THR B 460 5.76 -3.33 -26.62
C THR B 460 4.90 -3.13 -27.87
N VAL B 461 5.42 -3.59 -29.01
CA VAL B 461 4.70 -3.51 -30.28
C VAL B 461 4.25 -4.92 -30.68
N LEU B 462 2.96 -5.06 -31.01
CA LEU B 462 2.41 -6.33 -31.46
C LEU B 462 3.08 -6.77 -32.75
N THR B 463 3.29 -8.09 -32.87
CA THR B 463 3.71 -8.64 -34.15
C THR B 463 2.50 -8.74 -35.08
N ASP B 464 2.78 -8.93 -36.37
CA ASP B 464 1.69 -9.19 -37.30
C ASP B 464 0.86 -10.38 -36.86
N LYS B 465 1.52 -11.43 -36.36
CA LYS B 465 0.79 -12.62 -35.91
C LYS B 465 -0.12 -12.29 -34.73
N GLN B 466 0.39 -11.53 -33.77
CA GLN B 466 -0.39 -11.18 -32.59
C GLN B 466 -1.56 -10.26 -32.96
N ALA B 467 -1.30 -9.29 -33.85
CA ALA B 467 -2.37 -8.40 -34.29
C ALA B 467 -3.51 -9.19 -34.92
N LYS B 468 -3.16 -10.17 -35.78
CA LYS B 468 -4.18 -11.01 -36.39
C LYS B 468 -4.86 -11.90 -35.35
N TYR B 469 -4.10 -12.40 -34.38
CA TYR B 469 -4.67 -13.26 -33.34
C TYR B 469 -5.73 -12.52 -32.54
N LEU B 470 -5.46 -11.27 -32.17
CA LEU B 470 -6.40 -10.48 -31.38
C LEU B 470 -7.44 -9.77 -32.22
N GLY B 471 -7.23 -9.66 -33.53
CA GLY B 471 -8.13 -8.86 -34.33
C GLY B 471 -8.03 -7.37 -34.06
N ILE B 472 -6.84 -6.89 -33.74
CA ILE B 472 -6.62 -5.47 -33.53
C ILE B 472 -5.39 -5.04 -34.32
N ALA B 473 -5.35 -3.76 -34.68
CA ALA B 473 -4.24 -3.23 -35.46
C ALA B 473 -3.05 -2.90 -34.58
N LYS B 474 -1.85 -3.04 -35.15
CA LYS B 474 -0.63 -2.75 -34.40
C LYS B 474 -0.65 -1.35 -33.80
N ASP B 475 -1.23 -0.38 -34.53
CA ASP B 475 -1.28 1.00 -34.07
C ASP B 475 -2.55 1.32 -33.29
N GLY B 476 -3.37 0.32 -32.97
CA GLY B 476 -4.59 0.56 -32.23
C GLY B 476 -5.76 0.93 -33.14
N PRO B 477 -6.95 1.15 -32.56
CA PRO B 477 -7.23 1.08 -31.13
C PRO B 477 -7.11 -0.33 -30.57
N TYR B 478 -6.71 -0.45 -29.32
CA TYR B 478 -6.42 -1.74 -28.72
C TYR B 478 -7.59 -2.36 -27.99
N LYS B 479 -8.65 -1.59 -27.72
CA LYS B 479 -9.72 -2.07 -26.86
C LYS B 479 -11.07 -1.82 -27.52
N PRO B 480 -12.07 -2.65 -27.22
CA PRO B 480 -13.42 -2.38 -27.72
C PRO B 480 -13.96 -1.07 -27.19
N ASP B 481 -14.95 -0.53 -27.90
CA ASP B 481 -15.42 0.83 -27.64
C ASP B 481 -15.89 1.01 -26.20
N HIS B 482 -16.43 -0.04 -25.60
CA HIS B 482 -17.05 -0.05 -24.28
CA HIS B 482 -16.98 0.14 -24.25
C HIS B 482 -16.08 -0.46 -23.16
N TYR B 483 -14.82 -0.67 -23.47
CA TYR B 483 -13.85 -1.11 -22.47
C TYR B 483 -13.73 -0.07 -21.35
N ARG B 484 -13.59 -0.56 -20.12
CA ARG B 484 -13.68 0.30 -18.95
C ARG B 484 -12.34 0.64 -18.32
N TYR B 485 -11.25 -0.05 -18.69
CA TYR B 485 -9.91 0.22 -18.14
C TYR B 485 -9.90 0.06 -16.62
N THR C 11 17.17 40.40 5.92
CA THR C 11 15.78 40.63 6.29
C THR C 11 15.66 41.65 7.41
N GLN C 12 14.89 42.71 7.17
CA GLN C 12 14.66 43.73 8.18
C GLN C 12 13.86 43.11 9.33
N THR C 13 14.37 43.27 10.55
CA THR C 13 13.77 42.69 11.74
C THR C 13 13.24 43.79 12.65
N GLN C 14 12.49 43.34 13.65
CA GLN C 14 11.98 44.17 14.73
C GLN C 14 12.61 43.70 16.04
N THR C 15 13.26 44.61 16.75
CA THR C 15 13.74 44.32 18.08
C THR C 15 12.81 44.97 19.10
N GLN C 16 12.98 44.58 20.36
CA GLN C 16 12.14 45.13 21.42
C GLN C 16 12.36 46.64 21.51
N PRO C 17 11.34 47.40 21.92
CA PRO C 17 11.54 48.83 22.18
C PRO C 17 12.58 49.03 23.27
N ALA C 18 13.28 50.16 23.20
CA ALA C 18 14.23 50.47 24.25
C ALA C 18 13.50 50.54 25.60
N GLY C 19 14.11 49.95 26.61
CA GLY C 19 13.50 49.88 27.92
C GLY C 19 12.45 48.81 28.08
N ASN C 20 12.24 47.95 27.08
CA ASN C 20 11.26 46.88 27.20
C ASN C 20 11.64 45.95 28.35
N ALA C 21 10.64 45.30 28.93
CA ALA C 21 10.90 44.36 30.01
C ALA C 21 11.74 43.18 29.56
N PHE C 22 11.70 42.84 28.26
CA PHE C 22 12.44 41.70 27.75
C PHE C 22 12.89 41.97 26.32
N GLN C 23 13.90 41.21 25.88
CA GLN C 23 14.49 41.37 24.56
C GLN C 23 13.88 40.38 23.56
N TYR C 24 13.84 40.79 22.30
CA TYR C 24 13.45 39.87 21.23
C TYR C 24 13.95 40.42 19.91
N GLU C 25 13.99 39.56 18.90
CA GLU C 25 14.22 39.99 17.53
C GLU C 25 13.47 39.02 16.62
N ILE C 26 12.45 39.53 15.94
CA ILE C 26 11.59 38.72 15.09
C ILE C 26 11.30 39.52 13.83
N ARG C 27 10.58 38.90 12.90
CA ARG C 27 10.25 39.56 11.64
C ARG C 27 9.15 40.60 11.80
N ASP C 28 8.02 40.25 12.42
CA ASP C 28 6.85 41.12 12.35
C ASP C 28 5.87 40.76 13.46
N ILE C 29 5.79 41.62 14.48
CA ILE C 29 4.88 41.39 15.60
C ILE C 29 3.42 41.39 15.16
N SER C 30 3.10 42.02 14.03
CA SER C 30 1.70 42.07 13.60
C SER C 30 1.16 40.70 13.20
N LEU C 31 2.03 39.69 13.05
CA LEU C 31 1.59 38.33 12.77
C LEU C 31 1.10 37.60 14.02
N ALA C 32 1.11 38.25 15.18
CA ALA C 32 0.85 37.55 16.44
C ALA C 32 -0.55 36.94 16.48
N GLU C 33 -1.56 37.69 16.03
CA GLU C 33 -2.93 37.19 16.13
C GLU C 33 -3.12 35.94 15.30
N PHE C 34 -2.56 35.93 14.09
CA PHE C 34 -2.60 34.74 13.23
C PHE C 34 -1.85 33.58 13.88
N GLY C 35 -0.65 33.84 14.40
CA GLY C 35 0.08 32.79 15.09
C GLY C 35 -0.71 32.21 16.26
N ARG C 36 -1.37 33.07 17.03
CA ARG C 36 -2.13 32.59 18.18
C ARG C 36 -3.30 31.73 17.76
N LYS C 37 -3.98 32.08 16.66
CA LYS C 37 -5.04 31.22 16.14
C LYS C 37 -4.51 29.83 15.81
N GLU C 38 -3.35 29.76 15.16
CA GLU C 38 -2.83 28.43 14.79
C GLU C 38 -2.31 27.68 16.00
N ILE C 39 -1.79 28.39 17.01
CA ILE C 39 -1.40 27.73 18.25
C ILE C 39 -2.62 27.14 18.94
N ASN C 40 -3.73 27.87 18.98
CA ASN C 40 -4.95 27.34 19.58
C ASN C 40 -5.37 26.04 18.92
N LEU C 41 -5.31 26.00 17.59
CA LEU C 41 -5.65 24.77 16.87
C LEU C 41 -4.64 23.67 17.19
N ALA C 42 -3.35 24.02 17.24
CA ALA C 42 -2.33 23.00 17.47
C ALA C 42 -2.45 22.40 18.87
N GLU C 43 -2.85 23.18 19.86
CA GLU C 43 -3.02 22.63 21.20
C GLU C 43 -3.96 21.44 21.20
N HIS C 44 -5.06 21.52 20.43
CA HIS C 44 -5.99 20.41 20.35
CA HIS C 44 -5.98 20.40 20.36
C HIS C 44 -5.37 19.20 19.68
N GLU C 45 -4.40 19.42 18.79
CA GLU C 45 -3.68 18.35 18.12
C GLU C 45 -2.51 17.81 18.93
N MET C 46 -2.25 18.35 20.12
CA MET C 46 -1.10 17.95 20.93
C MET C 46 -1.53 17.50 22.31
N PRO C 47 -2.32 16.41 22.40
CA PRO C 47 -2.84 16.00 23.72
C PRO C 47 -1.76 15.56 24.69
N GLY C 48 -0.64 15.03 24.21
CA GLY C 48 0.43 14.65 25.11
C GLY C 48 0.99 15.85 25.84
N LEU C 49 1.25 16.93 25.10
CA LEU C 49 1.76 18.15 25.71
CA LEU C 49 1.76 18.15 25.71
C LEU C 49 0.75 18.75 26.67
N MET C 50 -0.51 18.86 26.24
CA MET C 50 -1.51 19.53 27.06
C MET C 50 -1.81 18.74 28.32
N GLN C 51 -1.86 17.40 28.23
CA GLN C 51 -2.05 16.60 29.43
C GLN C 51 -0.84 16.65 30.35
N THR C 52 0.37 16.74 29.78
CA THR C 52 1.55 16.89 30.61
C THR C 52 1.54 18.21 31.38
N ARG C 53 1.00 19.28 30.78
CA ARG C 53 0.79 20.53 31.50
C ARG C 53 -0.09 20.32 32.72
N GLU C 54 -1.23 19.66 32.52
CA GLU C 54 -2.15 19.44 33.63
C GLU C 54 -1.51 18.57 34.70
N LYS C 55 -0.74 17.56 34.30
CA LYS C 55 -0.18 16.63 35.29
C LYS C 55 0.85 17.31 36.17
N TYR C 56 1.75 18.11 35.60
CA TYR C 56 2.84 18.71 36.37
C TYR C 56 2.54 20.13 36.81
N GLY C 57 1.32 20.63 36.57
CA GLY C 57 1.02 22.03 36.82
C GLY C 57 1.16 22.43 38.28
N ALA C 58 0.59 21.64 39.19
CA ALA C 58 0.66 22.00 40.61
C ALA C 58 2.09 21.93 41.13
N GLU C 59 2.86 20.93 40.68
CA GLU C 59 4.22 20.75 41.19
C GLU C 59 5.15 21.88 40.75
N GLN C 60 4.95 22.44 39.56
CA GLN C 60 5.86 23.43 39.02
C GLN C 60 7.31 22.93 39.03
N PRO C 61 7.57 21.80 38.37
CA PRO C 61 8.91 21.19 38.48
C PRO C 61 10.04 22.04 37.92
N LEU C 62 9.75 23.01 37.06
CA LEU C 62 10.78 23.86 36.46
C LEU C 62 10.74 25.29 36.98
N LYS C 63 10.20 25.48 38.18
CA LYS C 63 10.00 26.82 38.73
C LYS C 63 11.30 27.62 38.69
N GLY C 64 11.25 28.74 37.96
CA GLY C 64 12.36 29.67 37.92
C GLY C 64 13.58 29.25 37.13
N VAL C 65 13.56 28.08 36.50
CA VAL C 65 14.74 27.57 35.81
C VAL C 65 15.01 28.38 34.54
N ARG C 66 16.23 28.89 34.41
CA ARG C 66 16.65 29.55 33.19
C ARG C 66 16.82 28.51 32.10
N LEU C 67 16.01 28.60 31.05
CA LEU C 67 15.92 27.56 30.04
C LEU C 67 16.06 28.20 28.66
N ALA C 68 17.07 27.77 27.92
CA ALA C 68 17.32 28.26 26.57
C ALA C 68 17.01 27.14 25.59
N GLY C 69 16.26 27.44 24.56
CA GLY C 69 15.99 26.48 23.49
C GLY C 69 16.53 26.96 22.16
N SER C 70 17.18 26.03 21.44
CA SER C 70 17.62 26.24 20.08
C SER C 70 16.99 25.13 19.26
N LEU C 71 15.86 25.45 18.64
CA LEU C 71 15.02 24.44 18.02
C LEU C 71 13.97 25.15 17.17
N HIS C 72 13.85 24.74 15.90
CA HIS C 72 12.93 25.29 14.91
C HIS C 72 11.75 26.04 15.53
N MET C 73 11.66 27.34 15.29
CA MET C 73 10.66 28.19 15.94
C MET C 73 9.35 28.13 15.17
N THR C 74 8.64 27.01 15.36
CA THR C 74 7.40 26.68 14.68
C THR C 74 6.21 26.83 15.62
N ILE C 75 5.01 26.70 15.05
CA ILE C 75 3.78 26.65 15.85
C ILE C 75 3.87 25.52 16.88
N GLN C 76 4.47 24.39 16.51
CA GLN C 76 4.55 23.26 17.43
C GLN C 76 5.49 23.57 18.58
N THR C 77 6.61 24.21 18.27
CA THR C 77 7.54 24.62 19.32
C THR C 77 6.91 25.68 20.24
N ALA C 78 6.01 26.50 19.70
CA ALA C 78 5.30 27.45 20.54
C ALA C 78 4.54 26.74 21.65
N VAL C 79 3.91 25.59 21.35
CA VAL C 79 3.20 24.83 22.37
C VAL C 79 4.17 24.22 23.36
N LEU C 80 5.36 23.81 22.90
CA LEU C 80 6.40 23.34 23.81
C LEU C 80 6.87 24.45 24.74
N ILE C 81 7.19 25.62 24.18
CA ILE C 81 7.64 26.75 24.98
C ILE C 81 6.63 27.05 26.08
N GLU C 82 5.35 27.11 25.72
CA GLU C 82 4.32 27.44 26.69
C GLU C 82 4.02 26.31 27.67
N THR C 83 4.33 25.07 27.30
CA THR C 83 4.32 23.98 28.27
C THR C 83 5.43 24.15 29.29
N LEU C 84 6.66 24.41 28.82
CA LEU C 84 7.77 24.61 29.74
C LEU C 84 7.49 25.78 30.67
N GLN C 85 6.92 26.86 30.13
CA GLN C 85 6.56 28.02 30.95
C GLN C 85 5.44 27.68 31.93
N ALA C 86 4.44 26.90 31.49
CA ALA C 86 3.36 26.48 32.39
C ALA C 86 3.87 25.63 33.54
N LEU C 87 5.06 25.06 33.41
CA LEU C 87 5.69 24.30 34.48
C LEU C 87 6.69 25.12 35.28
N GLY C 88 6.85 26.40 34.95
CA GLY C 88 7.62 27.34 35.77
C GLY C 88 8.86 27.91 35.12
N ALA C 89 9.24 27.47 33.93
CA ALA C 89 10.54 27.82 33.39
C ALA C 89 10.59 29.25 32.89
N ASN C 90 11.78 29.84 32.94
CA ASN C 90 12.07 31.18 32.43
C ASN C 90 12.79 30.97 31.10
N VAL C 91 12.06 31.13 30.00
CA VAL C 91 12.46 30.60 28.70
C VAL C 91 12.96 31.70 27.78
N ARG C 92 14.00 31.39 27.01
CA ARG C 92 14.43 32.18 25.86
C ARG C 92 14.62 31.22 24.69
N TRP C 93 14.34 31.67 23.46
CA TRP C 93 14.32 30.73 22.34
C TRP C 93 14.88 31.33 21.05
N CYS C 94 15.54 30.47 20.27
CA CYS C 94 15.92 30.76 18.90
C CYS C 94 15.68 29.50 18.06
N SER C 95 15.69 29.69 16.74
CA SER C 95 15.59 28.54 15.86
C SER C 95 16.97 27.89 15.68
N CYS C 96 16.96 26.63 15.25
CA CYS C 96 18.20 25.94 14.93
C CYS C 96 18.43 25.84 13.43
N ASN C 97 17.68 26.58 12.62
CA ASN C 97 17.86 26.56 11.17
C ASN C 97 17.45 27.92 10.64
N ILE C 98 18.16 28.40 9.62
CA ILE C 98 17.93 29.74 9.11
C ILE C 98 16.62 29.89 8.35
N PHE C 99 16.01 28.80 7.89
CA PHE C 99 14.76 28.87 7.13
C PHE C 99 13.56 28.28 7.85
N SER C 100 13.72 27.73 9.04
CA SER C 100 12.64 26.95 9.65
C SER C 100 11.68 27.74 10.52
N THR C 101 12.01 28.97 10.90
CA THR C 101 11.11 29.72 11.76
C THR C 101 9.80 30.00 11.03
N GLN C 102 8.70 29.87 11.75
CA GLN C 102 7.40 30.34 11.30
C GLN C 102 7.19 31.69 11.97
N ASP C 103 7.22 32.76 11.18
CA ASP C 103 7.22 34.10 11.75
C ASP C 103 5.96 34.39 12.56
N HIS C 104 4.82 33.78 12.22
CA HIS C 104 3.62 34.01 13.01
C HIS C 104 3.71 33.35 14.38
N ALA C 105 4.34 32.18 14.45
CA ALA C 105 4.58 31.52 15.73
C ALA C 105 5.49 32.36 16.61
N ALA C 106 6.59 32.85 16.04
CA ALA C 106 7.51 33.71 16.78
C ALA C 106 6.78 34.93 17.33
N ALA C 107 5.96 35.57 16.49
CA ALA C 107 5.25 36.77 16.91
C ALA C 107 4.24 36.46 18.02
N ALA C 108 3.51 35.35 17.90
CA ALA C 108 2.54 35.01 18.93
C ALA C 108 3.21 34.76 20.28
N ILE C 109 4.42 34.20 20.27
CA ILE C 109 5.13 33.93 21.52
C ILE C 109 5.72 35.21 22.12
N VAL C 110 6.24 36.10 21.27
CA VAL C 110 6.69 37.40 21.76
C VAL C 110 5.53 38.21 22.32
N ALA C 111 4.38 38.16 21.65
CA ALA C 111 3.20 38.89 22.14
C ALA C 111 2.77 38.38 23.51
N ALA C 112 3.10 37.13 23.82
CA ALA C 112 2.82 36.54 25.14
C ALA C 112 3.90 36.87 26.15
N GLY C 113 4.96 37.56 25.76
CA GLY C 113 5.97 38.06 26.67
C GLY C 113 7.30 37.31 26.70
N THR C 114 7.60 36.50 25.69
CA THR C 114 8.73 35.59 25.73
C THR C 114 9.83 36.04 24.77
N PRO C 115 11.08 36.09 25.24
CA PRO C 115 12.21 36.38 24.34
C PRO C 115 12.35 35.32 23.26
N VAL C 116 12.26 35.76 22.00
CA VAL C 116 12.50 34.92 20.83
C VAL C 116 13.43 35.71 19.92
N PHE C 117 14.44 35.02 19.38
CA PHE C 117 15.38 35.59 18.42
C PHE C 117 15.38 34.63 17.23
N ALA C 118 14.46 34.88 16.29
CA ALA C 118 14.25 33.95 15.20
C ALA C 118 13.39 34.61 14.14
N TRP C 119 13.76 34.39 12.88
CA TRP C 119 12.91 34.75 11.75
C TRP C 119 13.28 33.86 10.57
N LYS C 120 12.35 33.75 9.63
CA LYS C 120 12.59 32.95 8.43
C LYS C 120 13.51 33.72 7.49
N GLY C 121 14.60 33.09 7.06
CA GLY C 121 15.53 33.74 6.15
C GLY C 121 16.68 34.48 6.82
N GLU C 122 17.16 34.00 7.96
CA GLU C 122 18.35 34.56 8.58
C GLU C 122 19.58 34.31 7.73
N THR C 123 20.59 35.19 7.85
CA THR C 123 21.93 34.86 7.40
C THR C 123 22.63 34.00 8.44
N LEU C 124 23.74 33.37 8.05
CA LEU C 124 24.50 32.59 9.02
C LEU C 124 25.03 33.46 10.15
N GLU C 125 25.46 34.68 9.85
CA GLU C 125 25.91 35.57 10.92
C GLU C 125 24.77 35.89 11.87
N GLU C 126 23.59 36.20 11.32
CA GLU C 126 22.43 36.48 12.16
C GLU C 126 22.05 35.25 12.99
N TYR C 127 22.12 34.06 12.38
CA TYR C 127 21.80 32.82 13.08
C TYR C 127 22.59 32.69 14.37
N TRP C 128 23.91 32.88 14.30
CA TRP C 128 24.74 32.72 15.50
C TRP C 128 24.55 33.87 16.48
N GLU C 129 24.28 35.09 15.98
CA GLU C 129 23.94 36.18 16.89
C GLU C 129 22.67 35.87 17.68
N CYS C 130 21.69 35.23 17.02
CA CYS C 130 20.48 34.83 17.73
C CYS C 130 20.77 33.77 18.78
N THR C 131 21.65 32.81 18.46
CA THR C 131 22.04 31.80 19.45
C THR C 131 22.61 32.47 20.70
N TRP C 132 23.48 33.46 20.51
CA TRP C 132 24.07 34.15 21.66
C TRP C 132 23.02 34.89 22.48
N LYS C 133 22.10 35.61 21.80
CA LYS C 133 21.06 36.34 22.54
C LYS C 133 20.21 35.41 23.36
N THR C 134 20.00 34.18 22.87
CA THR C 134 19.20 33.20 23.59
C THR C 134 19.93 32.69 24.83
N LEU C 135 21.22 32.41 24.70
CA LEU C 135 21.98 31.85 25.81
C LEU C 135 22.25 32.89 26.90
N LEU C 136 22.37 34.16 26.52
CA LEU C 136 22.73 35.21 27.48
C LEU C 136 21.47 35.67 28.21
N PHE C 137 21.35 35.29 29.47
CA PHE C 137 20.25 35.72 30.31
C PHE C 137 20.58 37.03 31.01
N PRO C 138 19.58 37.78 31.43
CA PRO C 138 19.83 39.02 32.17
C PRO C 138 20.79 38.80 33.35
N ASP C 139 21.51 39.88 33.70
CA ASP C 139 22.53 39.85 34.75
C ASP C 139 23.70 38.95 34.38
N ASP C 140 24.01 38.89 33.09
CA ASP C 140 25.15 38.10 32.58
C ASP C 140 25.10 36.64 33.05
N MET C 141 23.90 36.07 33.04
CA MET C 141 23.69 34.69 33.43
C MET C 141 23.59 33.82 32.18
N GLY C 142 23.52 32.50 32.39
CA GLY C 142 23.35 31.57 31.31
C GLY C 142 22.22 30.61 31.60
N PRO C 143 21.94 29.68 30.68
CA PRO C 143 20.86 28.72 30.91
C PRO C 143 21.25 27.69 31.97
N GLN C 144 20.28 27.30 32.78
CA GLN C 144 20.44 26.14 33.65
C GLN C 144 20.04 24.84 32.97
N LEU C 145 19.24 24.92 31.90
CA LEU C 145 18.88 23.80 31.07
C LEU C 145 18.83 24.29 29.63
N ILE C 146 19.19 23.41 28.69
CA ILE C 146 19.10 23.70 27.27
C ILE C 146 18.25 22.66 26.59
N VAL C 147 17.35 23.09 25.71
CA VAL C 147 16.71 22.24 24.71
C VAL C 147 17.42 22.50 23.39
N ASP C 148 17.99 21.47 22.78
CA ASP C 148 18.81 21.64 21.59
C ASP C 148 18.34 20.70 20.50
N ASP C 149 18.48 21.15 19.26
CA ASP C 149 18.09 20.35 18.10
C ASP C 149 19.24 20.51 17.09
N GLY C 150 20.10 19.50 17.04
CA GLY C 150 21.25 19.50 16.14
C GLY C 150 22.56 19.86 16.81
N GLY C 151 22.52 20.34 18.05
CA GLY C 151 23.73 20.54 18.84
C GLY C 151 24.44 21.88 18.66
N ASP C 152 23.85 22.85 17.96
CA ASP C 152 24.56 24.12 17.74
C ASP C 152 24.74 24.91 19.04
N ALA C 153 23.69 24.98 19.87
CA ALA C 153 23.84 25.68 21.15
C ALA C 153 24.84 24.96 22.04
N THR C 154 24.78 23.62 22.07
CA THR C 154 25.74 22.85 22.84
C THR C 154 27.16 23.07 22.33
N LEU C 155 27.33 23.11 21.01
CA LEU C 155 28.63 23.39 20.42
C LEU C 155 29.16 24.73 20.90
N MET C 156 28.33 25.77 20.85
CA MET C 156 28.80 27.10 21.23
C MET C 156 29.22 27.15 22.70
N VAL C 157 28.44 26.53 23.59
CA VAL C 157 28.82 26.51 25.00
C VAL C 157 30.18 25.85 25.18
N HIS C 158 30.36 24.67 24.56
CA HIS C 158 31.62 23.95 24.72
C HIS C 158 32.79 24.73 24.13
N ARG C 159 32.63 25.26 22.91
CA ARG C 159 33.72 26.01 22.31
C ARG C 159 34.03 27.28 23.09
N GLY C 160 33.01 27.95 23.61
CA GLY C 160 33.26 29.11 24.45
C GLY C 160 34.05 28.77 25.70
N PHE C 161 33.67 27.67 26.36
CA PHE C 161 34.38 27.23 27.56
C PHE C 161 35.83 26.89 27.26
N TYR C 162 36.07 26.03 26.26
CA TYR C 162 37.43 25.59 26.00
C TYR C 162 38.31 26.70 25.44
N ALA C 163 37.72 27.64 24.66
CA ALA C 163 38.50 28.75 24.13
C ALA C 163 38.89 29.75 25.20
N GLU C 164 38.18 29.78 26.33
CA GLU C 164 38.64 30.63 27.43
C GLU C 164 39.93 30.10 28.03
N ASP C 165 40.12 28.77 28.01
CA ASP C 165 41.39 28.21 28.46
C ASP C 165 42.49 28.36 27.41
N ASN C 166 42.14 28.23 26.14
CA ASN C 166 43.08 28.37 25.03
C ASN C 166 42.48 29.27 23.97
N PRO C 167 42.69 30.58 24.06
CA PRO C 167 42.07 31.50 23.09
C PRO C 167 42.52 31.32 21.66
N SER C 168 43.69 30.70 21.42
CA SER C 168 44.11 30.43 20.05
C SER C 168 43.18 29.47 19.32
N ILE C 169 42.30 28.76 20.04
CA ILE C 169 41.26 27.97 19.39
C ILE C 169 40.43 28.84 18.47
N LEU C 170 40.16 30.08 18.88
CA LEU C 170 39.33 30.99 18.08
C LEU C 170 40.06 31.49 16.83
N ASP C 171 41.34 31.20 16.67
CA ASP C 171 42.07 31.62 15.49
C ASP C 171 42.12 30.55 14.40
N ASP C 172 41.60 29.35 14.66
CA ASP C 172 41.61 28.26 13.70
C ASP C 172 40.19 28.09 13.17
N ASP C 173 39.94 28.63 11.97
CA ASP C 173 38.63 28.50 11.33
C ASP C 173 38.39 27.12 10.72
N GLU C 174 39.44 26.29 10.63
CA GLU C 174 39.31 24.93 10.11
C GLU C 174 38.73 24.89 8.70
N GLY C 175 39.03 25.92 7.90
CA GLY C 175 38.53 25.97 6.53
C GLY C 175 37.04 26.12 6.41
N SER C 176 36.37 26.62 7.43
CA SER C 176 34.92 26.75 7.46
C SER C 176 34.55 28.21 7.64
N GLU C 177 33.82 28.77 6.67
CA GLU C 177 33.32 30.13 6.83
C GLU C 177 32.39 30.25 8.02
N GLU C 178 31.61 29.19 8.30
CA GLU C 178 30.68 29.26 9.43
C GLU C 178 31.42 29.18 10.76
N LEU C 179 32.46 28.34 10.86
CA LEU C 179 33.26 28.34 12.07
C LEU C 179 33.95 29.68 12.27
N ALA C 180 34.35 30.34 11.18
CA ALA C 180 34.89 31.69 11.27
C ALA C 180 33.88 32.65 11.89
N ILE C 181 32.60 32.48 11.56
CA ILE C 181 31.55 33.30 12.16
C ILE C 181 31.48 33.04 13.66
N VAL C 182 31.47 31.77 14.06
CA VAL C 182 31.43 31.41 15.47
C VAL C 182 32.66 31.93 16.20
N ASN C 183 33.84 31.76 15.59
CA ASN C 183 35.07 32.23 16.23
C ASN C 183 35.05 33.75 16.43
N LYS C 184 34.55 34.49 15.43
CA LYS C 184 34.52 35.95 15.55
C LYS C 184 33.58 36.37 16.67
N LEU C 185 32.44 35.71 16.79
CA LEU C 185 31.49 36.02 17.86
C LEU C 185 32.07 35.69 19.22
N LEU C 186 32.70 34.51 19.35
CA LEU C 186 33.32 34.14 20.62
C LEU C 186 34.45 35.08 20.99
N LYS C 187 35.17 35.63 20.00
CA LYS C 187 36.20 36.62 20.31
C LYS C 187 35.58 37.87 20.91
N ARG C 188 34.44 38.32 20.38
CA ARG C 188 33.78 39.50 20.92
C ARG C 188 33.30 39.23 22.35
N ILE C 189 32.77 38.04 22.60
CA ILE C 189 32.29 37.70 23.93
C ILE C 189 33.45 37.63 24.93
N GLN C 190 34.62 37.15 24.49
CA GLN C 190 35.79 37.20 25.37
C GLN C 190 36.18 38.63 25.72
N LYS C 191 36.00 39.56 24.79
CA LYS C 191 36.35 40.96 25.04
C LYS C 191 35.29 41.65 25.90
N GLU C 192 34.01 41.42 25.59
CA GLU C 192 32.93 42.08 26.32
C GLU C 192 32.70 41.44 27.69
N LYS C 193 32.75 40.10 27.77
CA LYS C 193 32.43 39.37 29.00
C LYS C 193 33.49 38.29 29.25
N PRO C 194 34.69 38.68 29.67
CA PRO C 194 35.72 37.68 29.97
C PRO C 194 35.26 36.70 31.04
N GLY C 195 35.56 35.42 30.82
CA GLY C 195 35.20 34.37 31.77
C GLY C 195 33.74 34.00 31.81
N TYR C 196 32.94 34.48 30.86
CA TYR C 196 31.50 34.18 30.88
C TYR C 196 31.23 32.68 30.84
N TRP C 197 31.92 31.95 29.95
CA TRP C 197 31.62 30.54 29.78
C TRP C 197 32.02 29.73 31.01
N HIS C 198 33.15 30.06 31.63
CA HIS C 198 33.49 29.42 32.89
C HIS C 198 32.55 29.82 34.02
N LYS C 199 31.88 30.97 33.90
CA LYS C 199 30.89 31.36 34.90
C LYS C 199 29.59 30.57 34.76
N ILE C 200 29.13 30.32 33.54
CA ILE C 200 27.80 29.72 33.37
C ILE C 200 27.82 28.20 33.32
N VAL C 201 28.92 27.58 32.88
CA VAL C 201 28.96 26.12 32.77
C VAL C 201 28.67 25.39 34.08
N PRO C 202 29.20 25.81 35.24
CA PRO C 202 28.89 25.09 36.48
C PRO C 202 27.41 25.13 36.86
N GLU C 203 26.63 26.07 36.32
CA GLU C 203 25.21 26.19 36.62
C GLU C 203 24.34 25.53 35.56
N LEU C 204 24.92 24.98 34.51
CA LEU C 204 24.17 24.38 33.41
C LEU C 204 24.01 22.89 33.71
N LYS C 205 22.79 22.50 34.09
CA LYS C 205 22.55 21.18 34.65
C LYS C 205 22.37 20.10 33.58
N GLY C 206 22.09 20.49 32.34
CA GLY C 206 21.92 19.49 31.29
C GLY C 206 21.36 20.02 30.00
N VAL C 207 21.49 19.24 28.95
CA VAL C 207 20.87 19.52 27.65
C VAL C 207 20.03 18.32 27.26
N SER C 208 18.86 18.58 26.65
CA SER C 208 18.08 17.51 26.03
C SER C 208 18.12 17.71 24.51
N GLU C 209 18.58 16.69 23.80
CA GLU C 209 18.90 16.81 22.39
C GLU C 209 17.87 16.07 21.53
N GLU C 210 17.32 16.79 20.55
CA GLU C 210 16.17 16.36 19.78
C GLU C 210 16.52 15.36 18.67
N THR C 211 17.69 15.46 18.04
CA THR C 211 17.81 14.83 16.73
C THR C 211 19.06 13.97 16.59
N THR C 212 19.00 13.06 15.61
CA THR C 212 20.02 12.05 15.44
C THR C 212 21.42 12.67 15.30
N THR C 213 21.53 13.74 14.52
CA THR C 213 22.84 14.38 14.32
C THR C 213 23.36 15.01 15.61
N GLY C 214 22.47 15.62 16.38
CA GLY C 214 22.90 16.18 17.65
C GLY C 214 23.38 15.12 18.62
N VAL C 215 22.71 13.97 18.64
CA VAL C 215 23.12 12.88 19.51
C VAL C 215 24.48 12.35 19.09
N HIS C 216 24.71 12.24 17.78
CA HIS C 216 26.03 11.85 17.29
C HIS C 216 27.11 12.81 17.80
N ARG C 217 26.83 14.11 17.77
CA ARG C 217 27.78 15.09 18.29
C ARG C 217 28.03 14.89 19.78
N LEU C 218 26.99 14.53 20.54
CA LEU C 218 27.18 14.29 21.97
C LEU C 218 28.12 13.11 22.22
N TYR C 219 27.95 12.03 21.45
CA TYR C 219 28.85 10.89 21.62
C TYR C 219 30.28 11.20 21.18
N GLU C 220 30.45 12.03 20.16
CA GLU C 220 31.80 12.44 19.77
C GLU C 220 32.50 13.18 20.91
N MET C 221 31.77 14.07 21.59
CA MET C 221 32.33 14.77 22.73
C MET C 221 32.60 13.80 23.90
N MET C 222 31.66 12.88 24.14
CA MET C 222 31.88 11.87 25.17
C MET C 222 33.11 11.02 24.87
N LYS C 223 33.29 10.63 23.60
CA LYS C 223 34.44 9.82 23.23
C LYS C 223 35.76 10.55 23.45
N GLU C 224 35.74 11.88 23.32
CA GLU C 224 36.92 12.69 23.56
C GLU C 224 37.05 13.12 25.02
N GLY C 225 36.09 12.75 25.87
CA GLY C 225 36.11 13.17 27.26
C GLY C 225 35.92 14.66 27.44
N LYS C 226 35.15 15.30 26.56
CA LYS C 226 35.00 16.75 26.56
C LYS C 226 33.60 17.23 26.89
N LEU C 227 32.64 16.33 27.06
CA LEU C 227 31.29 16.74 27.41
C LEU C 227 31.29 17.38 28.80
N LEU C 228 30.68 18.56 28.91
CA LEU C 228 30.79 19.37 30.12
C LEU C 228 29.59 19.25 31.06
N PHE C 229 28.47 18.70 30.59
CA PHE C 229 27.26 18.57 31.39
C PHE C 229 26.47 17.39 30.87
N PRO C 230 25.57 16.83 31.69
CA PRO C 230 24.80 15.65 31.25
C PRO C 230 23.88 15.97 30.08
N ALA C 231 23.58 14.93 29.31
CA ALA C 231 22.70 15.05 28.16
C ALA C 231 21.64 13.97 28.19
N LEU C 232 20.41 14.38 27.88
CA LEU C 232 19.31 13.45 27.67
C LEU C 232 19.05 13.36 26.17
N ASN C 233 19.26 12.17 25.63
CA ASN C 233 19.02 11.85 24.22
C ASN C 233 17.52 11.67 24.03
N VAL C 234 16.86 12.70 23.50
CA VAL C 234 15.43 12.62 23.23
C VAL C 234 15.17 11.88 21.92
N ASN C 235 16.08 12.01 20.94
CA ASN C 235 15.86 11.38 19.65
C ASN C 235 15.56 9.90 19.81
N ASP C 236 16.28 9.22 20.70
CA ASP C 236 16.20 7.78 20.82
C ASP C 236 15.18 7.28 21.85
N SER C 237 14.31 8.15 22.37
CA SER C 237 13.06 7.64 22.87
C SER C 237 12.37 6.90 21.72
N VAL C 238 11.77 5.75 22.02
CA VAL C 238 11.03 5.04 20.99
C VAL C 238 9.97 5.94 20.37
N THR C 239 9.24 6.66 21.23
CA THR C 239 8.15 7.49 20.76
C THR C 239 8.61 8.72 20.01
N LYS C 240 9.91 8.97 19.94
CA LYS C 240 10.43 10.03 19.08
C LYS C 240 10.95 9.40 17.77
N SER C 241 12.07 8.68 17.85
CA SER C 241 12.73 8.13 16.66
C SER C 241 11.79 7.36 15.74
N LYS C 242 10.92 6.52 16.29
CA LYS C 242 10.07 5.65 15.48
CA LYS C 242 10.10 5.67 15.44
C LYS C 242 8.77 6.31 15.06
N PHE C 243 8.56 7.59 15.42
CA PHE C 243 7.33 8.30 15.07
C PHE C 243 7.62 9.61 14.35
N ASP C 244 8.30 10.54 15.03
CA ASP C 244 8.75 11.79 14.41
C ASP C 244 9.61 11.50 13.18
N ASN C 245 10.72 10.77 13.34
CA ASN C 245 11.65 10.64 12.23
C ASN C 245 11.00 9.91 11.06
N VAL C 246 10.11 8.96 11.35
CA VAL C 246 9.45 8.17 10.31
C VAL C 246 8.19 8.86 9.82
N TYR C 247 7.14 8.91 10.65
CA TYR C 247 5.84 9.42 10.20
C TYR C 247 5.85 10.93 10.00
N GLY C 248 6.67 11.65 10.76
CA GLY C 248 6.81 13.07 10.52
C GLY C 248 7.29 13.36 9.11
N CYS C 249 8.36 12.66 8.68
CA CYS C 249 8.86 12.84 7.33
C CYS C 249 7.89 12.31 6.28
N ARG C 250 7.16 11.22 6.58
CA ARG C 250 6.14 10.75 5.66
C ARG C 250 5.15 11.87 5.33
N HIS C 251 4.81 12.68 6.33
CA HIS C 251 3.94 13.83 6.12
C HIS C 251 4.67 14.98 5.43
N SER C 252 5.80 15.41 6.00
CA SER C 252 6.33 16.73 5.66
C SER C 252 7.29 16.75 4.47
N LEU C 253 7.82 15.61 4.03
CA LEU C 253 8.69 15.64 2.86
C LEU C 253 7.90 15.96 1.60
N VAL C 254 6.87 15.16 1.29
CA VAL C 254 6.07 15.39 0.10
C VAL C 254 5.38 16.75 0.19
N ASP C 255 4.97 17.15 1.39
CA ASP C 255 4.36 18.45 1.60
C ASP C 255 5.28 19.54 1.06
N ALA C 256 6.55 19.50 1.46
CA ALA C 256 7.51 20.52 1.01
C ALA C 256 7.76 20.44 -0.50
N ILE C 257 7.89 19.23 -1.05
CA ILE C 257 8.12 19.12 -2.49
C ILE C 257 6.93 19.70 -3.26
N MET C 258 5.72 19.39 -2.81
CA MET C 258 4.53 19.92 -3.48
C MET C 258 4.48 21.44 -3.40
N ARG C 259 4.66 21.99 -2.19
CA ARG C 259 4.59 23.45 -2.09
C ARG C 259 5.66 24.13 -2.93
N ALA C 260 6.87 23.56 -2.95
CA ALA C 260 7.98 24.22 -3.61
C ALA C 260 7.87 24.15 -5.13
N THR C 261 7.36 23.03 -5.66
CA THR C 261 7.46 22.74 -7.09
C THR C 261 6.15 22.38 -7.75
N ASP C 262 5.14 21.93 -7.01
CA ASP C 262 3.90 21.44 -7.60
C ASP C 262 4.14 20.38 -8.68
N VAL C 263 5.18 19.59 -8.53
CA VAL C 263 5.51 18.56 -9.52
C VAL C 263 4.76 17.27 -9.17
N MET C 264 4.19 16.62 -10.18
CA MET C 264 3.57 15.31 -9.96
C MET C 264 4.64 14.27 -9.63
N LEU C 265 4.44 13.55 -8.52
CA LEU C 265 5.36 12.48 -8.17
CA LEU C 265 5.35 12.48 -8.15
C LEU C 265 5.04 11.19 -8.89
N SER C 266 3.77 10.97 -9.25
CA SER C 266 3.34 9.70 -9.83
C SER C 266 4.14 9.36 -11.08
N GLY C 267 4.60 8.12 -11.15
CA GLY C 267 5.34 7.64 -12.30
C GLY C 267 6.79 8.05 -12.37
N LYS C 268 7.20 9.05 -11.59
CA LYS C 268 8.59 9.46 -11.61
C LYS C 268 9.44 8.53 -10.77
N VAL C 269 10.71 8.42 -11.13
CA VAL C 269 11.70 7.76 -10.30
C VAL C 269 12.22 8.78 -9.30
N ALA C 270 12.11 8.45 -8.01
CA ALA C 270 12.55 9.32 -6.93
C ALA C 270 13.64 8.56 -6.17
N CYS C 271 14.81 9.17 -6.03
CA CYS C 271 15.94 8.54 -5.38
C CYS C 271 16.04 9.06 -3.94
N VAL C 272 15.87 8.16 -2.98
CA VAL C 272 15.99 8.46 -1.56
C VAL C 272 17.34 7.91 -1.13
N LEU C 273 18.23 8.79 -0.68
CA LEU C 273 19.59 8.41 -0.32
C LEU C 273 19.63 8.25 1.18
N GLY C 274 19.84 7.01 1.65
CA GLY C 274 19.66 6.66 3.04
C GLY C 274 18.33 5.98 3.29
N TYR C 275 18.35 5.01 4.19
CA TYR C 275 17.16 4.24 4.54
C TYR C 275 17.17 3.91 6.02
N GLY C 276 17.57 4.89 6.84
CA GLY C 276 17.33 4.86 8.27
C GLY C 276 15.93 5.32 8.56
N ASP C 277 15.71 5.91 9.73
CA ASP C 277 14.36 6.30 10.09
C ASP C 277 13.79 7.35 9.13
N VAL C 278 14.58 8.39 8.86
CA VAL C 278 14.13 9.46 7.95
C VAL C 278 13.96 8.94 6.54
N GLY C 279 14.90 8.12 6.06
CA GLY C 279 14.77 7.57 4.73
C GLY C 279 13.55 6.65 4.60
N LYS C 280 13.27 5.86 5.65
CA LYS C 280 12.08 5.02 5.61
C LYS C 280 10.83 5.87 5.47
N GLY C 281 10.70 6.91 6.29
CA GLY C 281 9.52 7.76 6.19
C GLY C 281 9.47 8.52 4.88
N SER C 282 10.63 8.97 4.40
CA SER C 282 10.69 9.70 3.14
C SER C 282 10.26 8.83 1.97
N ALA C 283 10.74 7.58 1.92
CA ALA C 283 10.31 6.68 0.86
C ALA C 283 8.81 6.48 0.88
N GLU C 284 8.22 6.33 2.08
CA GLU C 284 6.77 6.20 2.16
CA GLU C 284 6.77 6.20 2.15
C GLU C 284 6.07 7.47 1.69
N SER C 285 6.64 8.64 2.00
CA SER C 285 6.04 9.90 1.57
C SER C 285 5.86 9.93 0.06
N LEU C 286 6.88 9.48 -0.66
CA LEU C 286 6.85 9.52 -2.12
CA LEU C 286 6.83 9.54 -2.12
C LEU C 286 6.05 8.37 -2.70
N LYS C 287 6.18 7.18 -2.11
CA LYS C 287 5.45 6.01 -2.61
C LYS C 287 3.95 6.24 -2.58
N GLY C 288 3.45 6.96 -1.58
CA GLY C 288 2.03 7.21 -1.47
C GLY C 288 1.45 7.98 -2.64
N GLN C 289 2.30 8.69 -3.39
CA GLN C 289 1.88 9.41 -4.56
C GLN C 289 2.17 8.67 -5.86
N GLY C 290 2.53 7.39 -5.78
CA GLY C 290 2.78 6.63 -6.98
C GLY C 290 4.15 6.85 -7.60
N ALA C 291 5.07 7.50 -6.89
CA ALA C 291 6.45 7.53 -7.33
C ALA C 291 7.04 6.14 -7.27
N ARG C 292 8.02 5.89 -8.13
CA ARG C 292 8.81 4.67 -8.08
C ARG C 292 10.10 5.02 -7.34
N VAL C 293 10.18 4.61 -6.09
CA VAL C 293 11.29 5.01 -5.22
C VAL C 293 12.45 4.04 -5.37
N VAL C 294 13.64 4.58 -5.55
CA VAL C 294 14.87 3.81 -5.54
C VAL C 294 15.70 4.34 -4.37
N VAL C 295 16.43 3.46 -3.72
CA VAL C 295 17.05 3.75 -2.42
C VAL C 295 18.55 3.49 -2.50
N THR C 296 19.36 4.39 -1.96
CA THR C 296 20.78 4.11 -1.74
C THR C 296 21.05 3.88 -0.25
N GLU C 297 22.08 3.06 0.04
CA GLU C 297 22.43 2.79 1.43
C GLU C 297 23.87 2.30 1.49
N VAL C 298 24.51 2.56 2.64
CA VAL C 298 25.78 1.92 2.97
C VAL C 298 25.61 0.76 3.94
N ASP C 299 24.47 0.67 4.63
CA ASP C 299 24.26 -0.33 5.67
C ASP C 299 23.49 -1.48 5.06
N PRO C 300 24.05 -2.70 5.06
CA PRO C 300 23.37 -3.81 4.37
C PRO C 300 22.05 -4.21 5.01
N ILE C 301 21.90 -4.00 6.33
CA ILE C 301 20.62 -4.32 6.96
C ILE C 301 19.53 -3.37 6.46
N CYS C 302 19.82 -2.07 6.46
CA CYS C 302 18.84 -1.11 5.97
C CYS C 302 18.57 -1.32 4.49
N ALA C 303 19.61 -1.64 3.70
CA ALA C 303 19.39 -1.96 2.30
C ALA C 303 18.46 -3.15 2.13
N LEU C 304 18.64 -4.21 2.91
CA LEU C 304 17.78 -5.36 2.79
C LEU C 304 16.34 -5.02 3.19
N GLN C 305 16.16 -4.18 4.20
CA GLN C 305 14.82 -3.70 4.54
C GLN C 305 14.16 -3.02 3.35
N ALA C 306 14.92 -2.16 2.64
CA ALA C 306 14.35 -1.48 1.49
C ALA C 306 13.92 -2.47 0.41
N CYS C 307 14.75 -3.49 0.16
CA CYS C 307 14.36 -4.53 -0.80
C CYS C 307 13.08 -5.22 -0.38
N MET C 308 12.95 -5.52 0.91
CA MET C 308 11.77 -6.24 1.39
C MET C 308 10.51 -5.40 1.29
N ALA C 309 10.66 -4.08 1.19
CA ALA C 309 9.54 -3.17 0.97
C ALA C 309 9.22 -2.99 -0.50
N GLY C 310 9.95 -3.66 -1.39
CA GLY C 310 9.70 -3.58 -2.81
C GLY C 310 10.42 -2.46 -3.53
N TYR C 311 11.43 -1.85 -2.90
CA TYR C 311 12.21 -0.80 -3.54
C TYR C 311 13.48 -1.40 -4.15
N GLU C 312 13.87 -0.86 -5.31
CA GLU C 312 15.16 -1.18 -5.88
C GLU C 312 16.25 -0.42 -5.12
N VAL C 313 17.31 -1.12 -4.72
CA VAL C 313 18.45 -0.52 -4.05
C VAL C 313 19.55 -0.30 -5.09
N VAL C 314 19.98 0.96 -5.23
CA VAL C 314 20.86 1.39 -6.31
C VAL C 314 22.00 2.23 -5.74
N ARG C 315 23.07 2.35 -6.53
CA ARG C 315 23.98 3.47 -6.33
C ARG C 315 23.48 4.64 -7.18
N ILE C 316 23.70 5.86 -6.66
CA ILE C 316 23.13 7.03 -7.33
C ILE C 316 23.54 7.09 -8.80
N GLU C 317 24.77 6.65 -9.13
CA GLU C 317 25.26 6.74 -10.50
C GLU C 317 24.41 5.94 -11.48
N ASP C 318 23.66 4.93 -11.03
CA ASP C 318 22.83 4.16 -11.94
C ASP C 318 21.45 4.78 -12.18
N VAL C 319 21.12 5.89 -11.52
CA VAL C 319 19.80 6.50 -11.73
C VAL C 319 19.89 7.98 -12.12
N LEU C 320 21.09 8.47 -12.42
CA LEU C 320 21.22 9.87 -12.83
C LEU C 320 20.48 10.14 -14.15
N ASP C 321 20.34 9.13 -15.01
CA ASP C 321 19.58 9.34 -16.24
C ASP C 321 18.10 8.97 -16.11
N LYS C 322 17.62 8.73 -14.88
CA LYS C 322 16.26 8.25 -14.65
C LYS C 322 15.52 9.10 -13.62
N ALA C 323 16.14 9.30 -12.45
CA ALA C 323 15.43 9.96 -11.37
C ALA C 323 15.21 11.44 -11.68
N GLU C 324 14.07 11.95 -11.21
CA GLU C 324 13.79 13.36 -11.32
C GLU C 324 13.61 14.03 -9.96
N ILE C 325 13.75 13.27 -8.88
CA ILE C 325 13.72 13.78 -7.51
C ILE C 325 14.81 13.07 -6.76
N PHE C 326 15.60 13.81 -5.96
CA PHE C 326 16.65 13.27 -5.12
C PHE C 326 16.47 13.85 -3.72
N VAL C 327 16.45 12.97 -2.71
CA VAL C 327 16.25 13.41 -1.33
C VAL C 327 17.31 12.75 -0.46
N THR C 328 18.16 13.57 0.16
CA THR C 328 19.18 13.04 1.08
C THR C 328 18.64 12.96 2.50
N THR C 329 18.91 11.83 3.16
CA THR C 329 18.35 11.53 4.48
C THR C 329 19.41 11.01 5.45
N THR C 330 20.69 11.28 5.21
CA THR C 330 21.74 10.45 5.80
C THR C 330 22.35 11.00 7.09
N GLY C 331 22.36 12.31 7.31
CA GLY C 331 23.21 12.84 8.38
C GLY C 331 24.69 12.81 8.06
N ASN C 332 25.06 12.53 6.82
CA ASN C 332 26.43 12.34 6.36
C ASN C 332 26.72 13.43 5.33
N CYS C 333 27.99 13.55 4.93
CA CYS C 333 28.40 14.60 4.00
C CYS C 333 28.56 14.05 2.59
N ASP C 334 28.43 14.94 1.60
CA ASP C 334 28.81 14.66 0.22
C ASP C 334 28.03 13.49 -0.39
N ILE C 335 26.71 13.52 -0.19
CA ILE C 335 25.83 12.48 -0.72
C ILE C 335 25.48 12.76 -2.17
N ILE C 336 25.17 14.01 -2.49
CA ILE C 336 24.91 14.43 -3.86
C ILE C 336 26.03 15.37 -4.25
N ARG C 337 26.89 14.90 -5.15
CA ARG C 337 28.09 15.62 -5.53
C ARG C 337 27.87 16.43 -6.80
N ILE C 338 28.76 17.41 -7.02
CA ILE C 338 28.64 18.23 -8.21
C ILE C 338 28.68 17.38 -9.48
N GLU C 339 29.51 16.32 -9.51
CA GLU C 339 29.58 15.49 -10.71
C GLU C 339 28.29 14.72 -10.94
N HIS C 340 27.53 14.46 -9.88
CA HIS C 340 26.19 13.89 -10.04
C HIS C 340 25.24 14.91 -10.66
N MET C 341 25.22 16.12 -10.11
CA MET C 341 24.29 17.15 -10.59
C MET C 341 24.57 17.53 -12.04
N GLU C 342 25.83 17.44 -12.47
CA GLU C 342 26.16 17.67 -13.88
C GLU C 342 25.49 16.66 -14.80
N LYS C 343 25.09 15.49 -14.29
CA LYS C 343 24.53 14.42 -15.10
C LYS C 343 23.03 14.25 -14.92
N MET C 344 22.39 15.10 -14.14
CA MET C 344 20.98 14.90 -13.83
C MET C 344 20.06 15.27 -14.99
N ARG C 345 18.87 14.69 -14.95
CA ARG C 345 17.82 15.04 -15.89
C ARG C 345 17.39 16.50 -15.69
N HIS C 346 16.84 17.09 -16.75
CA HIS C 346 16.49 18.49 -16.72
C HIS C 346 15.44 18.79 -15.65
N ASN C 347 15.72 19.82 -14.85
CA ASN C 347 14.86 20.29 -13.76
C ASN C 347 14.68 19.27 -12.65
N ALA C 348 15.58 18.29 -12.55
CA ALA C 348 15.51 17.36 -11.43
C ALA C 348 15.55 18.13 -10.12
N ILE C 349 14.69 17.69 -9.19
CA ILE C 349 14.56 18.33 -7.88
C ILE C 349 15.58 17.70 -6.95
N VAL C 350 16.35 18.55 -6.27
CA VAL C 350 17.42 18.11 -5.37
C VAL C 350 17.16 18.73 -4.00
N CYS C 351 17.03 17.91 -2.98
CA CYS C 351 16.72 18.43 -1.66
C CYS C 351 17.29 17.54 -0.57
N ASN C 352 17.30 18.08 0.65
CA ASN C 352 17.91 17.44 1.81
C ASN C 352 16.94 17.55 2.97
N ILE C 353 16.64 16.41 3.60
CA ILE C 353 15.84 16.37 4.82
C ILE C 353 16.65 15.90 6.01
N GLY C 354 17.94 15.63 5.83
N GLY C 354 17.98 15.83 5.89
CA GLY C 354 18.80 15.12 6.88
CA GLY C 354 18.90 15.57 6.99
C GLY C 354 19.41 16.17 7.77
C GLY C 354 19.75 16.74 7.47
N HIS C 355 20.59 16.67 7.44
N HIS C 355 19.64 17.03 8.77
CA HIS C 355 21.24 17.61 8.34
CA HIS C 355 20.03 18.25 9.50
C HIS C 355 21.99 18.70 7.58
C HIS C 355 20.79 19.44 8.87
N PHE C 356 22.09 19.85 8.25
N PHE C 356 21.86 19.24 8.08
CA PHE C 356 22.93 20.99 7.92
CA PHE C 356 22.82 20.31 7.72
C PHE C 356 22.70 21.35 6.45
C PHE C 356 22.65 20.91 6.30
N ASP C 357 23.72 21.44 5.67
CA ASP C 357 23.64 21.88 4.27
C ASP C 357 24.72 21.24 3.43
N ASN C 358 25.38 20.18 3.95
CA ASN C 358 26.51 19.56 3.29
C ASN C 358 26.21 18.15 2.79
N GLU C 359 24.95 17.70 2.89
CA GLU C 359 24.62 16.45 2.23
C GLU C 359 24.69 16.61 0.72
N ILE C 360 24.25 17.77 0.23
CA ILE C 360 24.40 18.17 -1.16
C ILE C 360 25.58 19.13 -1.24
N GLN C 361 26.37 19.01 -2.31
CA GLN C 361 27.51 19.92 -2.53
C GLN C 361 27.01 21.25 -3.10
N VAL C 362 26.32 22.00 -2.23
CA VAL C 362 25.73 23.29 -2.62
C VAL C 362 26.81 24.29 -2.99
N LYS C 363 27.92 24.31 -2.24
CA LYS C 363 28.99 25.26 -2.53
C LYS C 363 29.58 25.00 -3.91
N ALA C 364 29.89 23.73 -4.21
CA ALA C 364 30.44 23.40 -5.51
C ALA C 364 29.44 23.71 -6.63
N LEU C 365 28.15 23.55 -6.36
CA LEU C 365 27.13 23.91 -7.34
C LEU C 365 27.13 25.41 -7.60
N LYS C 366 27.12 26.22 -6.53
CA LYS C 366 27.07 27.67 -6.70
C LYS C 366 28.32 28.18 -7.41
N GLU C 367 29.46 27.51 -7.22
CA GLU C 367 30.73 27.93 -7.81
C GLU C 367 31.05 27.23 -9.13
N PHE C 368 30.13 26.41 -9.65
CA PHE C 368 30.41 25.69 -10.88
C PHE C 368 30.60 26.67 -12.05
N PRO C 369 31.63 26.48 -12.87
CA PRO C 369 31.93 27.47 -13.92
C PRO C 369 30.79 27.63 -14.91
N GLY C 370 30.35 28.88 -15.09
CA GLY C 370 29.31 29.18 -16.06
C GLY C 370 27.90 28.92 -15.59
N ILE C 371 27.70 28.40 -14.37
CA ILE C 371 26.35 28.14 -13.90
C ILE C 371 25.59 29.45 -13.71
N LYS C 372 24.28 29.39 -13.93
CA LYS C 372 23.38 30.53 -13.75
C LYS C 372 22.33 30.15 -12.71
N ARG C 373 22.13 31.00 -11.73
CA ARG C 373 21.15 30.76 -10.69
C ARG C 373 19.94 31.66 -10.93
N ILE C 374 18.76 31.06 -10.97
CA ILE C 374 17.52 31.80 -11.14
C ILE C 374 16.62 31.44 -9.97
N GLU C 375 16.27 32.42 -9.16
CA GLU C 375 15.31 32.16 -8.09
C GLU C 375 13.92 32.07 -8.68
N ILE C 376 13.29 30.90 -8.55
CA ILE C 376 11.89 30.78 -8.97
C ILE C 376 11.00 31.50 -7.98
N LYS C 377 11.23 31.24 -6.70
CA LYS C 377 10.59 31.91 -5.58
C LYS C 377 11.44 31.58 -4.36
N PRO C 378 11.21 32.24 -3.22
CA PRO C 378 12.08 31.99 -2.06
C PRO C 378 12.25 30.51 -1.74
N GLN C 379 13.51 30.09 -1.60
CA GLN C 379 13.91 28.72 -1.28
C GLN C 379 13.70 27.74 -2.42
N VAL C 380 13.49 28.22 -3.65
CA VAL C 380 13.39 27.37 -4.83
C VAL C 380 14.27 27.99 -5.90
N ASP C 381 15.41 27.37 -6.17
CA ASP C 381 16.43 27.97 -7.04
C ASP C 381 16.73 27.01 -8.18
N GLN C 382 16.61 27.49 -9.41
CA GLN C 382 16.99 26.72 -10.59
C GLN C 382 18.43 27.06 -10.94
N PHE C 383 19.27 26.05 -11.02
CA PHE C 383 20.65 26.20 -11.44
C PHE C 383 20.79 25.67 -12.87
N VAL C 384 21.07 26.55 -13.81
CA VAL C 384 21.15 26.21 -15.21
C VAL C 384 22.62 26.05 -15.57
N PHE C 385 22.98 24.84 -16.03
CA PHE C 385 24.35 24.55 -16.43
C PHE C 385 24.62 25.04 -17.85
N PRO C 386 25.89 25.26 -18.19
CA PRO C 386 26.23 25.71 -19.56
C PRO C 386 25.69 24.83 -20.67
N ASP C 387 25.55 23.53 -20.45
CA ASP C 387 25.03 22.65 -21.50
C ASP C 387 23.52 22.75 -21.67
N GLY C 388 22.84 23.56 -20.86
CA GLY C 388 21.42 23.79 -21.02
C GLY C 388 20.56 23.05 -20.01
N HIS C 389 21.05 21.99 -19.40
CA HIS C 389 20.23 21.32 -18.41
C HIS C 389 20.27 22.08 -17.10
N ALA C 390 19.18 21.99 -16.35
CA ALA C 390 19.09 22.65 -15.06
C ALA C 390 18.72 21.62 -14.00
N ILE C 391 18.99 21.99 -12.75
CA ILE C 391 18.41 21.31 -11.59
CA ILE C 391 18.40 21.30 -11.60
C ILE C 391 17.70 22.34 -10.74
N VAL C 392 16.78 21.86 -9.92
CA VAL C 392 16.01 22.71 -9.02
C VAL C 392 16.41 22.35 -7.59
N LEU C 393 17.11 23.25 -6.91
CA LEU C 393 17.56 23.04 -5.54
C LEU C 393 16.57 23.66 -4.57
N LEU C 394 16.17 22.89 -3.57
CA LEU C 394 15.21 23.38 -2.57
C LEU C 394 15.94 23.82 -1.30
N ALA C 395 15.55 24.99 -0.78
CA ALA C 395 15.97 25.47 0.53
C ALA C 395 17.49 25.57 0.67
N GLU C 396 18.18 25.84 -0.45
CA GLU C 396 19.65 25.91 -0.47
C GLU C 396 20.29 24.68 0.17
N GLY C 397 19.64 23.53 0.04
CA GLY C 397 20.17 22.30 0.58
C GLY C 397 19.99 22.11 2.06
N ARG C 398 19.25 22.99 2.73
CA ARG C 398 18.90 22.86 4.14
C ARG C 398 17.58 22.11 4.30
N LEU C 399 17.27 21.72 5.54
CA LEU C 399 16.11 20.87 5.83
C LEU C 399 14.89 21.27 5.02
N VAL C 400 14.47 20.44 4.08
CA VAL C 400 13.47 20.85 3.11
C VAL C 400 12.07 20.91 3.71
N ASN C 401 11.76 20.01 4.64
CA ASN C 401 10.41 20.00 5.20
C ASN C 401 10.13 21.28 5.98
N LEU C 402 11.11 21.74 6.74
CA LEU C 402 10.96 22.97 7.51
C LEU C 402 11.20 24.21 6.66
N GLY C 403 12.04 24.11 5.63
CA GLY C 403 12.39 25.30 4.86
C GLY C 403 11.39 25.65 3.78
N CYS C 404 10.75 24.63 3.19
CA CYS C 404 9.77 24.83 2.11
C CYS C 404 8.34 24.50 2.51
N ALA C 405 8.11 23.97 3.71
CA ALA C 405 6.76 23.80 4.22
C ALA C 405 6.75 24.19 5.69
N THR C 406 6.08 23.42 6.56
CA THR C 406 5.95 23.80 7.96
C THR C 406 6.54 22.75 8.90
N GLY C 407 7.37 21.85 8.38
CA GLY C 407 7.86 20.74 9.18
C GLY C 407 6.77 19.74 9.53
N HIS C 408 7.09 18.90 10.52
CA HIS C 408 6.17 17.85 10.91
C HIS C 408 4.88 18.44 11.47
N PRO C 409 3.78 17.71 11.37
CA PRO C 409 2.51 18.19 11.94
C PRO C 409 2.46 18.07 13.45
N SER C 410 1.55 18.86 14.04
CA SER C 410 1.47 18.99 15.49
C SER C 410 1.34 17.65 16.21
N PHE C 411 0.50 16.74 15.69
CA PHE C 411 0.21 15.53 16.44
C PHE C 411 1.46 14.70 16.68
N VAL C 412 2.32 14.56 15.68
CA VAL C 412 3.53 13.78 15.91
C VAL C 412 4.54 14.57 16.73
N MET C 413 4.59 15.90 16.57
CA MET C 413 5.48 16.70 17.41
C MET C 413 5.07 16.65 18.87
N SER C 414 3.80 16.36 19.16
CA SER C 414 3.38 16.15 20.53
C SER C 414 4.13 14.98 21.16
N ASN C 415 4.42 13.92 20.40
CA ASN C 415 5.28 12.86 20.90
C ASN C 415 6.67 13.40 21.24
N SER C 416 7.31 14.07 20.28
CA SER C 416 8.67 14.52 20.48
C SER C 416 8.76 15.50 21.63
N PHE C 417 7.77 16.38 21.74
CA PHE C 417 7.84 17.47 22.70
C PHE C 417 7.33 17.08 24.07
N THR C 418 6.48 16.06 24.16
CA THR C 418 6.25 15.46 25.47
C THR C 418 7.53 14.83 26.00
N ASN C 419 8.29 14.15 25.12
CA ASN C 419 9.60 13.64 25.51
C ASN C 419 10.53 14.77 25.95
N GLN C 420 10.56 15.88 25.20
CA GLN C 420 11.40 17.01 25.58
C GLN C 420 11.02 17.54 26.96
N THR C 421 9.71 17.70 27.20
CA THR C 421 9.24 18.21 28.49
C THR C 421 9.67 17.29 29.63
N LEU C 422 9.42 15.98 29.46
CA LEU C 422 9.85 15.01 30.48
C LEU C 422 11.36 14.98 30.65
N ALA C 423 12.11 15.18 29.56
CA ALA C 423 13.56 15.18 29.66
C ALA C 423 14.06 16.39 30.45
N GLN C 424 13.47 17.57 30.21
CA GLN C 424 13.83 18.75 30.97
C GLN C 424 13.53 18.58 32.46
N ILE C 425 12.35 18.06 32.79
CA ILE C 425 12.00 17.75 34.17
C ILE C 425 13.05 16.82 34.78
N SER C 426 13.40 15.75 34.05
CA SER C 426 14.32 14.76 34.58
C SER C 426 15.70 15.36 34.82
N LEU C 427 16.21 16.11 33.84
CA LEU C 427 17.53 16.76 34.01
C LEU C 427 17.55 17.69 35.20
N TRP C 428 16.43 18.36 35.48
CA TRP C 428 16.41 19.29 36.61
C TRP C 428 16.30 18.57 37.95
N LYS C 429 15.54 17.49 38.01
CA LYS C 429 15.23 16.87 39.28
C LYS C 429 16.21 15.76 39.67
N GLU C 430 16.80 15.08 38.71
CA GLU C 430 17.67 13.95 38.98
C GLU C 430 19.14 14.35 38.91
N LYS C 431 19.97 13.58 39.61
CA LYS C 431 21.41 13.85 39.69
C LYS C 431 22.14 12.98 38.67
N TYR C 432 22.07 13.39 37.41
CA TYR C 432 22.80 12.69 36.36
C TYR C 432 24.29 12.99 36.46
N GLU C 433 25.10 11.99 36.12
CA GLU C 433 26.54 12.19 35.95
C GLU C 433 26.83 12.65 34.53
N LEU C 434 28.11 12.89 34.24
CA LEU C 434 28.51 13.23 32.88
C LEU C 434 28.30 12.03 31.98
N GLY C 435 27.40 12.17 31.01
CA GLY C 435 27.10 11.08 30.09
C GLY C 435 25.86 11.41 29.29
N VAL C 436 25.49 10.47 28.43
CA VAL C 436 24.31 10.58 27.57
C VAL C 436 23.30 9.52 28.00
N TYR C 437 22.08 9.94 28.28
CA TYR C 437 21.05 9.09 28.87
C TYR C 437 19.78 9.12 28.02
N THR C 438 18.94 8.12 28.21
CA THR C 438 17.61 8.11 27.63
C THR C 438 16.57 7.99 28.75
N LEU C 439 15.34 8.37 28.43
CA LEU C 439 14.25 8.28 29.40
C LEU C 439 13.90 6.81 29.66
N PRO C 440 13.44 6.49 30.87
CA PRO C 440 13.00 5.11 31.16
C PRO C 440 11.86 4.68 30.26
N LYS C 441 11.80 3.37 29.99
CA LYS C 441 10.81 2.84 29.06
C LYS C 441 9.38 3.14 29.51
N LYS C 442 9.11 3.09 30.82
CA LYS C 442 7.75 3.35 31.27
C LYS C 442 7.29 4.77 30.92
N LEU C 443 8.20 5.75 30.94
CA LEU C 443 7.84 7.10 30.54
C LEU C 443 7.64 7.20 29.03
N ASP C 444 8.52 6.52 28.27
CA ASP C 444 8.36 6.43 26.82
C ASP C 444 6.99 5.88 26.47
N GLU C 445 6.59 4.79 27.14
CA GLU C 445 5.26 4.22 26.96
C GLU C 445 4.18 5.22 27.31
N GLU C 446 4.37 5.99 28.38
CA GLU C 446 3.37 6.99 28.77
C GLU C 446 3.16 8.02 27.66
N VAL C 447 4.25 8.44 26.99
CA VAL C 447 4.10 9.38 25.88
C VAL C 447 3.11 8.83 24.85
N ALA C 448 3.29 7.57 24.45
CA ALA C 448 2.39 6.98 23.48
C ALA C 448 0.97 6.88 24.03
N ARG C 449 0.85 6.43 25.29
CA ARG C 449 -0.46 6.22 25.90
C ARG C 449 -1.31 7.49 25.88
N LEU C 450 -0.68 8.64 26.11
CA LEU C 450 -1.41 9.91 26.15
C LEU C 450 -2.06 10.28 24.84
N HIS C 451 -1.66 9.67 23.72
CA HIS C 451 -2.16 10.02 22.40
C HIS C 451 -3.25 9.08 21.90
N LEU C 452 -3.54 8.00 22.65
CA LEU C 452 -4.47 6.99 22.17
C LEU C 452 -5.92 7.47 22.21
N GLU C 453 -6.29 8.24 23.24
CA GLU C 453 -7.69 8.66 23.37
C GLU C 453 -8.14 9.48 22.17
N LYS C 454 -7.32 10.46 21.74
CA LYS C 454 -7.74 11.27 20.60
C LYS C 454 -7.90 10.43 19.34
N LEU C 455 -7.10 9.38 19.20
CA LEU C 455 -7.20 8.50 18.05
C LEU C 455 -8.34 7.50 18.17
N GLY C 456 -8.99 7.43 19.33
CA GLY C 456 -10.04 6.45 19.53
C GLY C 456 -9.54 5.05 19.73
N ALA C 457 -8.25 4.87 19.95
CA ALA C 457 -7.67 3.55 20.11
C ALA C 457 -8.03 2.98 21.47
N LYS C 458 -8.44 1.70 21.49
CA LYS C 458 -8.87 1.04 22.71
C LYS C 458 -7.79 0.05 23.12
N LEU C 459 -7.06 0.36 24.19
CA LEU C 459 -5.99 -0.50 24.65
C LEU C 459 -6.56 -1.62 25.52
N THR C 460 -6.04 -2.83 25.33
CA THR C 460 -6.40 -3.98 26.14
C THR C 460 -5.56 -3.98 27.42
N VAL C 461 -6.15 -4.44 28.51
CA VAL C 461 -5.45 -4.52 29.80
C VAL C 461 -5.18 -5.99 30.10
N LEU C 462 -3.92 -6.31 30.43
CA LEU C 462 -3.57 -7.68 30.79
C LEU C 462 -4.34 -8.13 32.02
N THR C 463 -4.76 -9.40 32.02
CA THR C 463 -5.30 -9.98 33.23
C THR C 463 -4.16 -10.29 34.19
N ASP C 464 -4.52 -10.57 35.45
CA ASP C 464 -3.50 -11.00 36.41
C ASP C 464 -2.78 -12.24 35.91
N LYS C 465 -3.52 -13.19 35.33
CA LYS C 465 -2.89 -14.42 34.82
C LYS C 465 -1.93 -14.11 33.68
N GLN C 466 -2.32 -13.22 32.77
CA GLN C 466 -1.45 -12.88 31.65
C GLN C 466 -0.21 -12.13 32.10
N ALA C 467 -0.37 -11.19 33.05
CA ALA C 467 0.79 -10.47 33.57
C ALA C 467 1.78 -11.44 34.19
N LYS C 468 1.28 -12.41 34.96
CA LYS C 468 2.16 -13.42 35.54
C LYS C 468 2.80 -14.28 34.46
N TYR C 469 2.03 -14.62 33.42
CA TYR C 469 2.54 -15.47 32.34
C TYR C 469 3.72 -14.81 31.64
N LEU C 470 3.60 -13.51 31.36
CA LEU C 470 4.67 -12.78 30.69
C LEU C 470 5.73 -12.26 31.65
N GLY C 471 5.45 -12.22 32.95
CA GLY C 471 6.42 -11.70 33.88
C GLY C 471 6.57 -10.20 33.81
N ILE C 472 5.48 -9.48 33.55
CA ILE C 472 5.52 -8.03 33.50
C ILE C 472 4.35 -7.48 34.31
N ALA C 473 4.45 -6.19 34.62
CA ALA C 473 3.39 -5.51 35.34
C ALA C 473 2.29 -5.08 34.38
N LYS C 474 1.05 -5.07 34.89
CA LYS C 474 -0.07 -4.65 34.04
C LYS C 474 0.14 -3.25 33.47
N ASP C 475 0.80 -2.37 34.21
CA ASP C 475 1.00 -1.00 33.76
CA ASP C 475 1.02 -0.99 33.79
C ASP C 475 2.35 -0.79 33.09
N GLY C 476 3.04 -1.88 32.72
CA GLY C 476 4.31 -1.78 32.03
C GLY C 476 5.47 -1.62 32.98
N PRO C 477 6.71 -1.57 32.44
CA PRO C 477 7.00 -1.62 31.00
C PRO C 477 6.71 -2.97 30.38
N TYR C 478 6.34 -2.96 29.10
CA TYR C 478 5.88 -4.17 28.43
C TYR C 478 6.96 -4.93 27.69
N LYS C 479 8.11 -4.30 27.43
CA LYS C 479 9.09 -4.86 26.51
C LYS C 479 10.45 -4.86 27.17
N PRO C 480 11.33 -5.79 26.77
CA PRO C 480 12.71 -5.77 27.27
C PRO C 480 13.42 -4.49 26.85
N ASP C 481 14.49 -4.18 27.59
CA ASP C 481 15.20 -2.91 27.43
C ASP C 481 15.65 -2.70 25.99
N HIS C 482 16.05 -3.76 25.30
CA HIS C 482 16.65 -3.77 23.97
CA HIS C 482 16.60 -3.55 23.97
C HIS C 482 15.63 -3.96 22.85
N TYR C 483 14.35 -3.99 23.17
CA TYR C 483 13.33 -4.24 22.15
C TYR C 483 13.37 -3.14 21.10
N ARG C 484 13.19 -3.53 19.84
CA ARG C 484 13.39 -2.61 18.72
C ARG C 484 12.11 -2.06 18.11
N TYR C 485 10.94 -2.60 18.47
CA TYR C 485 9.65 -2.15 17.93
C TYR C 485 9.61 -2.21 16.40
N THR D 11 -4.42 -40.74 -15.96
CA THR D 11 -5.25 -40.69 -14.75
C THR D 11 -6.46 -41.62 -14.88
N GLN D 12 -6.54 -42.59 -13.96
CA GLN D 12 -7.63 -43.56 -13.97
C GLN D 12 -8.90 -42.94 -13.43
N THR D 13 -10.01 -43.10 -14.16
CA THR D 13 -11.27 -42.47 -13.81
C THR D 13 -12.30 -43.52 -13.41
N GLN D 14 -13.41 -43.01 -12.89
CA GLN D 14 -14.59 -43.81 -12.57
C GLN D 14 -15.75 -43.32 -13.43
N THR D 15 -16.37 -44.23 -14.17
CA THR D 15 -17.59 -43.92 -14.88
C THR D 15 -18.77 -44.51 -14.12
N GLN D 16 -19.98 -44.08 -14.49
CA GLN D 16 -21.17 -44.59 -13.84
C GLN D 16 -21.28 -46.10 -14.06
N PRO D 17 -21.85 -46.82 -13.09
CA PRO D 17 -22.13 -48.25 -13.31
C PRO D 17 -23.10 -48.42 -14.48
N ALA D 18 -22.96 -49.54 -15.19
CA ALA D 18 -23.90 -49.82 -16.26
C ALA D 18 -25.32 -49.84 -15.72
N GLY D 19 -26.25 -49.27 -16.47
CA GLY D 19 -27.61 -49.18 -16.00
C GLY D 19 -27.86 -48.13 -14.94
N ASN D 20 -26.87 -47.27 -14.65
CA ASN D 20 -27.10 -46.16 -13.74
C ASN D 20 -28.14 -45.23 -14.33
N ALA D 21 -28.85 -44.51 -13.45
CA ALA D 21 -29.86 -43.57 -13.94
C ALA D 21 -29.25 -42.44 -14.74
N PHE D 22 -27.98 -42.11 -14.53
CA PHE D 22 -27.33 -41.02 -15.25
C PHE D 22 -25.85 -41.33 -15.43
N GLN D 23 -25.23 -40.62 -16.37
CA GLN D 23 -23.83 -40.83 -16.74
C GLN D 23 -22.91 -39.85 -16.01
N TYR D 24 -21.68 -40.29 -15.77
CA TYR D 24 -20.65 -39.39 -15.26
C TYR D 24 -19.27 -40.00 -15.51
N GLU D 25 -18.25 -39.16 -15.40
CA GLU D 25 -16.87 -39.64 -15.37
C GLU D 25 -16.05 -38.66 -14.52
N ILE D 26 -15.55 -39.15 -13.39
CA ILE D 26 -14.83 -38.34 -12.42
C ILE D 26 -13.67 -39.14 -11.87
N ARG D 27 -12.86 -38.51 -11.03
CA ARG D 27 -11.71 -39.19 -10.46
C ARG D 27 -12.09 -40.20 -9.38
N ASP D 28 -12.89 -39.77 -8.39
CA ASP D 28 -13.05 -40.58 -7.18
C ASP D 28 -14.30 -40.14 -6.44
N ILE D 29 -15.35 -40.96 -6.50
CA ILE D 29 -16.61 -40.65 -5.83
C ILE D 29 -16.46 -40.58 -4.31
N SER D 30 -15.43 -41.23 -3.75
CA SER D 30 -15.25 -41.21 -2.30
C SER D 30 -14.91 -39.83 -1.75
N LEU D 31 -14.56 -38.88 -2.63
CA LEU D 31 -14.28 -37.52 -2.22
C LEU D 31 -15.54 -36.71 -1.97
N ALA D 32 -16.72 -37.31 -2.16
CA ALA D 32 -17.96 -36.54 -2.17
C ALA D 32 -18.24 -35.89 -0.82
N GLU D 33 -18.03 -36.61 0.28
CA GLU D 33 -18.31 -36.05 1.60
C GLU D 33 -17.45 -34.82 1.87
N PHE D 34 -16.16 -34.88 1.50
CA PHE D 34 -15.27 -33.74 1.66
C PHE D 34 -15.72 -32.58 0.79
N GLY D 35 -16.05 -32.86 -0.48
CA GLY D 35 -16.55 -31.82 -1.34
C GLY D 35 -17.81 -31.15 -0.80
N ARG D 36 -18.74 -31.95 -0.26
CA ARG D 36 -19.98 -31.39 0.24
C ARG D 36 -19.73 -30.49 1.44
N LYS D 37 -18.79 -30.86 2.32
CA LYS D 37 -18.43 -29.97 3.42
C LYS D 37 -17.94 -28.61 2.91
N GLU D 38 -17.08 -28.62 1.88
CA GLU D 38 -16.58 -27.34 1.37
C GLU D 38 -17.64 -26.58 0.60
N ILE D 39 -18.59 -27.29 -0.04
CA ILE D 39 -19.70 -26.59 -0.67
C ILE D 39 -20.55 -25.89 0.37
N ASN D 40 -20.83 -26.56 1.50
CA ASN D 40 -21.61 -25.93 2.56
C ASN D 40 -20.95 -24.66 3.05
N LEU D 41 -19.62 -24.70 3.25
CA LEU D 41 -18.90 -23.49 3.63
C LEU D 41 -18.99 -22.42 2.55
N ALA D 42 -18.83 -22.82 1.29
CA ALA D 42 -18.85 -21.85 0.19
C ALA D 42 -20.21 -21.18 0.05
N GLU D 43 -21.30 -21.91 0.31
CA GLU D 43 -22.63 -21.30 0.22
C GLU D 43 -22.74 -20.07 1.11
N HIS D 44 -22.17 -20.14 2.32
CA HIS D 44 -22.20 -19.00 3.22
CA HIS D 44 -22.22 -18.99 3.20
C HIS D 44 -21.37 -17.84 2.68
N GLU D 45 -20.36 -18.13 1.86
CA GLU D 45 -19.53 -17.10 1.25
C GLU D 45 -20.08 -16.59 -0.08
N MET D 46 -21.25 -17.08 -0.52
CA MET D 46 -21.82 -16.70 -1.81
C MET D 46 -23.24 -16.17 -1.65
N PRO D 47 -23.40 -15.07 -0.89
CA PRO D 47 -24.77 -14.58 -0.61
C PRO D 47 -25.53 -14.15 -1.85
N GLY D 48 -24.85 -13.64 -2.87
CA GLY D 48 -25.56 -13.28 -4.09
C GLY D 48 -26.21 -14.49 -4.75
N LEU D 49 -25.45 -15.58 -4.85
CA LEU D 49 -25.99 -16.80 -5.45
CA LEU D 49 -25.98 -16.80 -5.45
C LEU D 49 -27.12 -17.36 -4.62
N MET D 50 -26.93 -17.44 -3.29
CA MET D 50 -27.96 -18.05 -2.45
C MET D 50 -29.22 -17.20 -2.40
N GLN D 51 -29.08 -15.87 -2.39
CA GLN D 51 -30.27 -15.02 -2.40
C GLN D 51 -30.98 -15.07 -3.74
N THR D 52 -30.24 -15.23 -4.83
CA THR D 52 -30.87 -15.38 -6.13
C THR D 52 -31.66 -16.68 -6.20
N ARG D 53 -31.17 -17.75 -5.56
CA ARG D 53 -31.96 -18.98 -5.45
C ARG D 53 -33.29 -18.72 -4.80
N GLU D 54 -33.29 -18.02 -3.66
CA GLU D 54 -34.53 -17.76 -2.93
C GLU D 54 -35.46 -16.89 -3.77
N LYS D 55 -34.90 -15.88 -4.45
CA LYS D 55 -35.74 -14.94 -5.19
C LYS D 55 -36.50 -15.62 -6.31
N TYR D 56 -35.85 -16.51 -7.06
CA TYR D 56 -36.47 -17.12 -8.23
C TYR D 56 -37.00 -18.52 -7.98
N GLY D 57 -36.92 -19.01 -6.74
CA GLY D 57 -37.30 -20.39 -6.46
C GLY D 57 -38.76 -20.69 -6.77
N ALA D 58 -39.67 -19.77 -6.41
CA ALA D 58 -41.08 -20.02 -6.67
C ALA D 58 -41.38 -20.01 -8.17
N GLU D 59 -40.75 -19.12 -8.91
CA GLU D 59 -41.03 -18.97 -10.34
C GLU D 59 -40.54 -20.17 -11.15
N GLN D 60 -39.46 -20.82 -10.71
CA GLN D 60 -38.81 -21.88 -11.48
C GLN D 60 -38.56 -21.44 -12.92
N PRO D 61 -37.79 -20.37 -13.12
CA PRO D 61 -37.64 -19.81 -14.47
C PRO D 61 -36.94 -20.74 -15.45
N LEU D 62 -36.20 -21.72 -14.98
CA LEU D 62 -35.48 -22.65 -15.84
C LEU D 62 -36.08 -24.05 -15.82
N LYS D 63 -37.37 -24.16 -15.49
CA LYS D 63 -38.03 -25.45 -15.35
C LYS D 63 -37.81 -26.33 -16.58
N GLY D 64 -37.19 -27.49 -16.35
CA GLY D 64 -36.98 -28.50 -17.37
C GLY D 64 -35.97 -28.17 -18.45
N VAL D 65 -35.29 -27.02 -18.36
CA VAL D 65 -34.38 -26.61 -19.43
C VAL D 65 -33.14 -27.49 -19.43
N ARG D 66 -32.82 -28.07 -20.59
CA ARG D 66 -31.57 -28.80 -20.75
C ARG D 66 -30.41 -27.79 -20.79
N LEU D 67 -29.52 -27.88 -19.81
CA LEU D 67 -28.49 -26.88 -19.62
C LEU D 67 -27.14 -27.57 -19.53
N ALA D 68 -26.25 -27.28 -20.47
CA ALA D 68 -24.89 -27.81 -20.45
C ALA D 68 -23.93 -26.70 -20.02
N GLY D 69 -23.04 -27.02 -19.09
CA GLY D 69 -22.00 -26.08 -18.67
C GLY D 69 -20.62 -26.63 -18.98
N SER D 70 -19.77 -25.77 -19.53
CA SER D 70 -18.35 -26.04 -19.70
C SER D 70 -17.61 -24.93 -18.96
N LEU D 71 -17.21 -25.22 -17.74
CA LEU D 71 -16.65 -24.19 -16.87
C LEU D 71 -16.00 -24.88 -15.68
N HIS D 72 -14.76 -24.47 -15.36
CA HIS D 72 -13.93 -25.05 -14.29
C HIS D 72 -14.76 -25.70 -13.18
N MET D 73 -14.63 -27.00 -13.00
CA MET D 73 -15.47 -27.75 -12.06
C MET D 73 -14.89 -27.63 -10.65
N THR D 74 -15.08 -26.44 -10.07
CA THR D 74 -14.60 -26.11 -8.74
C THR D 74 -15.75 -26.14 -7.73
N ILE D 75 -15.38 -25.96 -6.45
CA ILE D 75 -16.38 -25.82 -5.38
C ILE D 75 -17.34 -24.67 -5.69
N GLN D 76 -16.81 -23.58 -6.23
CA GLN D 76 -17.66 -22.42 -6.54
C GLN D 76 -18.64 -22.76 -7.65
N THR D 77 -18.18 -23.46 -8.68
CA THR D 77 -19.06 -23.88 -9.76
C THR D 77 -20.13 -24.85 -9.27
N ALA D 78 -19.81 -25.67 -8.26
CA ALA D 78 -20.83 -26.54 -7.68
C ALA D 78 -22.01 -25.74 -7.14
N VAL D 79 -21.73 -24.59 -6.54
CA VAL D 79 -22.82 -23.76 -6.02
C VAL D 79 -23.64 -23.16 -7.16
N LEU D 80 -22.96 -22.82 -8.28
CA LEU D 80 -23.68 -22.36 -9.47
C LEU D 80 -24.57 -23.47 -10.04
N ILE D 81 -24.00 -24.68 -10.19
CA ILE D 81 -24.77 -25.82 -10.71
C ILE D 81 -26.04 -26.01 -9.90
N GLU D 82 -25.91 -26.01 -8.57
CA GLU D 82 -27.05 -26.27 -7.72
C GLU D 82 -28.01 -25.08 -7.65
N THR D 83 -27.54 -23.88 -7.97
CA THR D 83 -28.45 -22.75 -8.14
C THR D 83 -29.29 -22.93 -9.39
N LEU D 84 -28.66 -23.29 -10.52
CA LEU D 84 -29.40 -23.52 -11.74
C LEU D 84 -30.41 -24.65 -11.57
N GLN D 85 -30.01 -25.72 -10.86
CA GLN D 85 -30.94 -26.81 -10.58
C GLN D 85 -32.07 -26.37 -9.67
N ALA D 86 -31.76 -25.53 -8.66
CA ALA D 86 -32.80 -25.03 -7.76
C ALA D 86 -33.83 -24.18 -8.49
N LEU D 87 -33.49 -23.64 -9.65
CA LEU D 87 -34.43 -22.88 -10.46
C LEU D 87 -35.07 -23.72 -11.56
N GLY D 88 -34.79 -25.02 -11.60
CA GLY D 88 -35.50 -25.95 -12.46
C GLY D 88 -34.68 -26.63 -13.54
N ALA D 89 -33.42 -26.24 -13.74
CA ALA D 89 -32.67 -26.70 -14.90
C ALA D 89 -32.25 -28.17 -14.78
N ASN D 90 -32.11 -28.81 -15.93
CA ASN D 90 -31.65 -30.19 -16.07
C ASN D 90 -30.21 -30.12 -16.59
N VAL D 91 -29.23 -30.30 -15.69
CA VAL D 91 -27.86 -29.84 -15.89
C VAL D 91 -26.92 -31.00 -16.14
N ARG D 92 -25.99 -30.80 -17.08
CA ARG D 92 -24.80 -31.63 -17.26
C ARG D 92 -23.60 -30.70 -17.31
N TRP D 93 -22.44 -31.17 -16.83
CA TRP D 93 -21.32 -30.26 -16.64
C TRP D 93 -19.98 -30.92 -16.95
N CYS D 94 -19.07 -30.11 -17.50
CA CYS D 94 -17.66 -30.47 -17.66
C CYS D 94 -16.82 -29.26 -17.32
N SER D 95 -15.52 -29.50 -17.14
CA SER D 95 -14.61 -28.38 -16.94
C SER D 95 -14.19 -27.81 -18.29
N CYS D 96 -13.72 -26.56 -18.26
CA CYS D 96 -13.16 -25.92 -19.45
C CYS D 96 -11.64 -25.89 -19.44
N ASN D 97 -11.01 -26.64 -18.55
CA ASN D 97 -9.55 -26.68 -18.48
C ASN D 97 -9.16 -28.05 -17.93
N ILE D 98 -8.06 -28.61 -18.44
CA ILE D 98 -7.63 -29.95 -18.07
C ILE D 98 -7.10 -30.05 -16.64
N PHE D 99 -6.71 -28.94 -16.03
CA PHE D 99 -6.15 -28.98 -14.67
C PHE D 99 -7.02 -28.29 -13.62
N SER D 100 -8.14 -27.70 -13.99
CA SER D 100 -8.86 -26.83 -13.06
C SER D 100 -9.91 -27.54 -12.21
N THR D 101 -10.29 -28.77 -12.54
CA THR D 101 -11.30 -29.45 -11.74
C THR D 101 -10.78 -29.68 -10.33
N GLN D 102 -11.67 -29.46 -9.35
CA GLN D 102 -11.45 -29.88 -7.97
C GLN D 102 -12.21 -31.19 -7.82
N ASP D 103 -11.47 -32.30 -7.65
CA ASP D 103 -12.09 -33.62 -7.74
C ASP D 103 -13.12 -33.83 -6.64
N HIS D 104 -12.96 -33.17 -5.48
CA HIS D 104 -13.96 -33.31 -4.43
C HIS D 104 -15.25 -32.60 -4.78
N ALA D 105 -15.16 -31.46 -5.47
CA ALA D 105 -16.35 -30.76 -5.94
C ALA D 105 -17.09 -31.61 -6.97
N ALA D 106 -16.36 -32.17 -7.94
CA ALA D 106 -16.98 -33.05 -8.93
C ALA D 106 -17.68 -34.22 -8.27
N ALA D 107 -17.02 -34.86 -7.30
CA ALA D 107 -17.63 -36.00 -6.61
C ALA D 107 -18.88 -35.61 -5.85
N ALA D 108 -18.85 -34.45 -5.18
CA ALA D 108 -20.02 -34.04 -4.41
C ALA D 108 -21.22 -33.77 -5.31
N ILE D 109 -20.98 -33.25 -6.50
CA ILE D 109 -22.07 -32.98 -7.44
C ILE D 109 -22.61 -34.28 -8.04
N VAL D 110 -21.71 -35.23 -8.37
CA VAL D 110 -22.17 -36.54 -8.84
C VAL D 110 -22.96 -37.25 -7.75
N ALA D 111 -22.51 -37.14 -6.49
CA ALA D 111 -23.22 -37.81 -5.41
C ALA D 111 -24.63 -37.26 -5.24
N ALA D 112 -24.84 -36.01 -5.62
CA ALA D 112 -26.16 -35.39 -5.60
C ALA D 112 -27.01 -35.76 -6.82
N GLY D 113 -26.47 -36.55 -7.75
CA GLY D 113 -27.23 -37.03 -8.88
C GLY D 113 -27.01 -36.32 -10.20
N THR D 114 -25.93 -35.57 -10.35
CA THR D 114 -25.76 -34.71 -11.52
C THR D 114 -24.67 -35.25 -12.43
N PRO D 115 -24.92 -35.34 -13.73
CA PRO D 115 -23.86 -35.73 -14.68
C PRO D 115 -22.72 -34.72 -14.69
N VAL D 116 -21.52 -35.20 -14.38
CA VAL D 116 -20.29 -34.43 -14.45
C VAL D 116 -19.25 -35.26 -15.18
N PHE D 117 -18.52 -34.63 -16.09
CA PHE D 117 -17.45 -35.28 -16.85
C PHE D 117 -16.23 -34.40 -16.67
N ALA D 118 -15.46 -34.65 -15.61
CA ALA D 118 -14.39 -33.72 -15.24
C ALA D 118 -13.51 -34.35 -14.17
N TRP D 119 -12.20 -34.20 -14.35
CA TRP D 119 -11.24 -34.57 -13.32
C TRP D 119 -9.97 -33.75 -13.54
N LYS D 120 -9.20 -33.60 -12.48
CA LYS D 120 -7.93 -32.87 -12.57
C LYS D 120 -6.90 -33.73 -13.28
N GLY D 121 -6.28 -33.18 -14.32
CA GLY D 121 -5.26 -33.91 -15.06
C GLY D 121 -5.76 -34.67 -16.28
N GLU D 122 -6.78 -34.17 -16.96
CA GLU D 122 -7.22 -34.77 -18.21
C GLU D 122 -6.18 -34.60 -19.31
N THR D 123 -6.17 -35.54 -20.26
CA THR D 123 -5.49 -35.28 -21.52
C THR D 123 -6.39 -34.43 -22.42
N LEU D 124 -5.80 -33.86 -23.46
CA LEU D 124 -6.58 -33.06 -24.41
C LEU D 124 -7.65 -33.92 -25.08
N GLU D 125 -7.32 -35.16 -25.44
CA GLU D 125 -8.33 -36.04 -26.00
C GLU D 125 -9.48 -36.27 -25.03
N GLU D 126 -9.16 -36.53 -23.76
CA GLU D 126 -10.20 -36.74 -22.76
C GLU D 126 -11.01 -35.49 -22.56
N TYR D 127 -10.36 -34.32 -22.58
CA TYR D 127 -11.04 -33.04 -22.39
C TYR D 127 -12.18 -32.88 -23.39
N TRP D 128 -11.90 -33.14 -24.67
CA TRP D 128 -12.92 -32.96 -25.69
C TRP D 128 -13.97 -34.07 -25.65
N GLU D 129 -13.58 -35.29 -25.26
CA GLU D 129 -14.59 -36.32 -25.04
C GLU D 129 -15.55 -35.92 -23.93
N CYS D 130 -15.04 -35.27 -22.88
CA CYS D 130 -15.90 -34.80 -21.80
C CYS D 130 -16.86 -33.72 -22.27
N THR D 131 -16.39 -32.80 -23.14
CA THR D 131 -17.27 -31.78 -23.70
C THR D 131 -18.42 -32.43 -24.46
N TRP D 132 -18.13 -33.46 -25.25
CA TRP D 132 -19.16 -34.16 -26.00
C TRP D 132 -20.17 -34.82 -25.08
N LYS D 133 -19.69 -35.54 -24.04
CA LYS D 133 -20.61 -36.18 -23.10
C LYS D 133 -21.52 -35.16 -22.42
N THR D 134 -21.03 -33.94 -22.20
CA THR D 134 -21.84 -32.92 -21.55
C THR D 134 -22.93 -32.41 -22.48
N LEU D 135 -22.59 -32.18 -23.75
CA LEU D 135 -23.55 -31.67 -24.72
C LEU D 135 -24.62 -32.70 -25.08
N LEU D 136 -24.27 -33.99 -25.06
CA LEU D 136 -25.17 -35.05 -25.52
C LEU D 136 -26.14 -35.40 -24.40
N PHE D 137 -27.37 -34.92 -24.52
CA PHE D 137 -28.42 -35.28 -23.58
C PHE D 137 -29.07 -36.60 -23.99
N PRO D 138 -29.72 -37.29 -23.06
CA PRO D 138 -30.39 -38.55 -23.40
C PRO D 138 -31.38 -38.39 -24.55
N ASP D 139 -31.60 -39.49 -25.27
CA ASP D 139 -32.47 -39.50 -26.46
C ASP D 139 -31.91 -38.62 -27.59
N ASP D 140 -30.58 -38.55 -27.67
CA ASP D 140 -29.90 -37.78 -28.71
C ASP D 140 -30.40 -36.34 -28.78
N MET D 141 -30.55 -35.72 -27.62
CA MET D 141 -30.91 -34.33 -27.53
C MET D 141 -29.66 -33.49 -27.25
N GLY D 142 -29.84 -32.18 -27.22
CA GLY D 142 -28.75 -31.27 -26.94
C GLY D 142 -29.17 -30.24 -25.93
N PRO D 143 -28.25 -29.35 -25.55
CA PRO D 143 -28.61 -28.31 -24.57
C PRO D 143 -29.55 -27.28 -25.19
N GLN D 144 -30.47 -26.80 -24.38
CA GLN D 144 -31.27 -25.63 -24.73
C GLN D 144 -30.62 -24.33 -24.30
N LEU D 145 -29.71 -24.39 -23.34
CA LEU D 145 -28.88 -23.27 -22.92
C LEU D 145 -27.50 -23.82 -22.58
N ILE D 146 -26.48 -23.00 -22.80
CA ILE D 146 -25.10 -23.33 -22.47
C ILE D 146 -24.53 -22.24 -21.57
N VAL D 147 -23.83 -22.66 -20.52
CA VAL D 147 -22.92 -21.80 -19.77
C VAL D 147 -21.52 -22.14 -20.25
N ASP D 148 -20.77 -21.15 -20.71
CA ASP D 148 -19.48 -21.41 -21.34
C ASP D 148 -18.44 -20.48 -20.71
N ASP D 149 -17.21 -20.97 -20.63
CA ASP D 149 -16.10 -20.21 -20.10
C ASP D 149 -14.94 -20.48 -21.06
N GLY D 150 -14.65 -19.53 -21.94
CA GLY D 150 -13.60 -19.66 -22.92
C GLY D 150 -14.07 -20.04 -24.30
N GLY D 151 -15.33 -20.47 -24.45
CA GLY D 151 -15.91 -20.70 -25.76
C GLY D 151 -15.70 -22.06 -26.37
N ASP D 152 -15.14 -23.03 -25.65
CA ASP D 152 -14.87 -24.34 -26.26
C ASP D 152 -16.15 -25.08 -26.60
N ALA D 153 -17.14 -25.05 -25.70
CA ALA D 153 -18.41 -25.72 -26.00
C ALA D 153 -19.11 -25.04 -27.17
N THR D 154 -19.10 -23.70 -27.18
CA THR D 154 -19.66 -22.94 -28.29
C THR D 154 -18.93 -23.28 -29.59
N LEU D 155 -17.60 -23.40 -29.54
CA LEU D 155 -16.82 -23.76 -30.72
C LEU D 155 -17.24 -25.12 -31.26
N MET D 156 -17.41 -26.11 -30.38
CA MET D 156 -17.76 -27.45 -30.84
C MET D 156 -19.13 -27.46 -31.52
N VAL D 157 -20.11 -26.75 -30.93
CA VAL D 157 -21.44 -26.71 -31.52
C VAL D 157 -21.38 -26.10 -32.92
N HIS D 158 -20.70 -24.96 -33.06
CA HIS D 158 -20.63 -24.31 -34.35
C HIS D 158 -19.88 -25.16 -35.37
N ARG D 159 -18.73 -25.71 -34.98
CA ARG D 159 -17.95 -26.50 -35.93
C ARG D 159 -18.72 -27.75 -36.34
N GLY D 160 -19.39 -28.40 -35.38
CA GLY D 160 -20.19 -29.56 -35.73
C GLY D 160 -21.28 -29.23 -36.71
N PHE D 161 -21.99 -28.12 -36.48
CA PHE D 161 -23.06 -27.69 -37.37
C PHE D 161 -22.54 -27.42 -38.78
N TYR D 162 -21.51 -26.57 -38.89
CA TYR D 162 -21.01 -26.21 -40.21
C TYR D 162 -20.34 -27.39 -40.90
N ALA D 163 -19.71 -28.29 -40.14
CA ALA D 163 -19.11 -29.47 -40.74
C ALA D 163 -20.16 -30.43 -41.30
N GLU D 164 -21.37 -30.45 -40.74
CA GLU D 164 -22.42 -31.27 -41.35
C GLU D 164 -22.78 -30.77 -42.74
N ASP D 165 -22.69 -29.47 -42.96
CA ASP D 165 -22.91 -28.94 -44.31
C ASP D 165 -21.69 -29.15 -45.20
N ASN D 166 -20.49 -29.15 -44.63
CA ASN D 166 -19.25 -29.27 -45.39
C ASN D 166 -18.29 -30.15 -44.61
N PRO D 167 -18.39 -31.47 -44.77
CA PRO D 167 -17.53 -32.37 -43.97
C PRO D 167 -16.04 -32.23 -44.24
N SER D 168 -15.66 -31.63 -45.36
CA SER D 168 -14.23 -31.41 -45.61
C SER D 168 -13.60 -30.48 -44.58
N ILE D 169 -14.42 -29.74 -43.84
CA ILE D 169 -13.91 -28.93 -42.72
C ILE D 169 -13.15 -29.81 -41.74
N LEU D 170 -13.62 -31.04 -41.54
CA LEU D 170 -13.00 -31.96 -40.58
C LEU D 170 -11.70 -32.56 -41.09
N ASP D 171 -11.33 -32.35 -42.35
CA ASP D 171 -10.06 -32.81 -42.86
C ASP D 171 -8.97 -31.75 -42.78
N ASP D 172 -9.29 -30.59 -42.26
CA ASP D 172 -8.35 -29.47 -42.18
C ASP D 172 -8.05 -29.23 -40.71
N ASP D 173 -6.91 -29.75 -40.25
CA ASP D 173 -6.49 -29.56 -38.87
C ASP D 173 -5.91 -28.17 -38.62
N GLU D 174 -5.69 -27.38 -39.67
CA GLU D 174 -5.15 -26.02 -39.55
C GLU D 174 -3.83 -25.99 -38.78
N GLY D 175 -3.06 -27.08 -38.88
CA GLY D 175 -1.78 -27.19 -38.20
C GLY D 175 -1.86 -27.41 -36.70
N SER D 176 -3.04 -27.59 -36.14
CA SER D 176 -3.23 -27.66 -34.70
C SER D 176 -3.46 -29.11 -34.29
N GLU D 177 -2.61 -29.62 -33.38
CA GLU D 177 -2.84 -30.94 -32.84
C GLU D 177 -4.17 -31.02 -32.08
N GLU D 178 -4.57 -29.93 -31.43
CA GLU D 178 -5.84 -29.96 -30.71
C GLU D 178 -7.03 -29.92 -31.65
N LEU D 179 -6.93 -29.16 -32.75
CA LEU D 179 -8.03 -29.15 -33.71
C LEU D 179 -8.18 -30.51 -34.38
N ALA D 180 -7.08 -31.25 -34.53
CA ALA D 180 -7.17 -32.61 -35.05
C ALA D 180 -7.96 -33.50 -34.10
N ILE D 181 -7.78 -33.31 -32.79
CA ILE D 181 -8.57 -34.05 -31.81
C ILE D 181 -10.05 -33.73 -31.97
N VAL D 182 -10.37 -32.44 -32.09
CA VAL D 182 -11.76 -32.02 -32.30
C VAL D 182 -12.31 -32.57 -33.61
N ASN D 183 -11.49 -32.49 -34.68
CA ASN D 183 -11.96 -32.99 -35.97
C ASN D 183 -12.24 -34.49 -35.93
N LYS D 184 -11.36 -35.25 -35.29
CA LYS D 184 -11.55 -36.71 -35.21
C LYS D 184 -12.81 -37.04 -34.44
N LEU D 185 -13.07 -36.31 -33.35
CA LEU D 185 -14.27 -36.52 -32.57
C LEU D 185 -15.52 -36.18 -33.38
N LEU D 186 -15.50 -35.05 -34.09
CA LEU D 186 -16.65 -34.68 -34.92
C LEU D 186 -16.87 -35.67 -36.06
N LYS D 187 -15.78 -36.22 -36.63
CA LYS D 187 -15.95 -37.27 -37.63
C LYS D 187 -16.67 -38.49 -37.06
N ARG D 188 -16.31 -38.88 -35.83
CA ARG D 188 -16.99 -40.01 -35.20
C ARG D 188 -18.47 -39.72 -35.01
N ILE D 189 -18.80 -38.50 -34.57
CA ILE D 189 -20.19 -38.14 -34.35
C ILE D 189 -20.97 -38.11 -35.66
N GLN D 190 -20.34 -37.70 -36.77
CA GLN D 190 -21.03 -37.79 -38.05
C GLN D 190 -21.36 -39.23 -38.43
N LYS D 191 -20.53 -40.19 -38.02
CA LYS D 191 -20.79 -41.58 -38.34
C LYS D 191 -21.83 -42.18 -37.41
N GLU D 192 -21.79 -41.82 -36.12
CA GLU D 192 -22.68 -42.41 -35.14
C GLU D 192 -24.02 -41.68 -35.09
N LYS D 193 -24.02 -40.35 -35.23
CA LYS D 193 -25.22 -39.54 -35.13
C LYS D 193 -25.23 -38.51 -36.25
N PRO D 194 -25.44 -38.96 -37.49
CA PRO D 194 -25.50 -38.01 -38.61
C PRO D 194 -26.62 -37.00 -38.42
N GLY D 195 -26.32 -35.74 -38.70
CA GLY D 195 -27.29 -34.67 -38.57
C GLY D 195 -27.58 -34.22 -37.15
N TYR D 196 -26.80 -34.69 -36.17
CA TYR D 196 -27.05 -34.33 -34.78
C TYR D 196 -27.02 -32.82 -34.56
N TRP D 197 -26.04 -32.13 -35.15
CA TRP D 197 -25.90 -30.72 -34.86
C TRP D 197 -27.03 -29.91 -35.47
N HIS D 198 -27.48 -30.30 -36.66
CA HIS D 198 -28.64 -29.64 -37.25
C HIS D 198 -29.92 -29.93 -36.49
N LYS D 199 -29.98 -31.07 -35.79
CA LYS D 199 -31.12 -31.37 -34.95
C LYS D 199 -31.15 -30.48 -33.71
N ILE D 200 -29.99 -30.27 -33.08
CA ILE D 200 -29.99 -29.62 -31.77
C ILE D 200 -29.87 -28.10 -31.84
N VAL D 201 -29.21 -27.56 -32.86
CA VAL D 201 -29.03 -26.11 -32.94
C VAL D 201 -30.35 -25.32 -32.90
N PRO D 202 -31.41 -25.72 -33.60
CA PRO D 202 -32.66 -24.96 -33.52
C PRO D 202 -33.27 -24.90 -32.12
N GLU D 203 -32.93 -25.83 -31.24
CA GLU D 203 -33.45 -25.82 -29.88
C GLU D 203 -32.50 -25.16 -28.88
N LEU D 204 -31.31 -24.77 -29.31
CA LEU D 204 -30.33 -24.12 -28.44
C LEU D 204 -30.61 -22.62 -28.47
N LYS D 205 -31.11 -22.08 -27.35
CA LYS D 205 -31.60 -20.71 -27.32
C LYS D 205 -30.57 -19.66 -26.95
N GLY D 206 -29.43 -20.05 -26.39
CA GLY D 206 -28.41 -19.05 -26.09
C GLY D 206 -27.26 -19.65 -25.30
N VAL D 207 -26.18 -18.86 -25.22
CA VAL D 207 -25.01 -19.18 -24.42
C VAL D 207 -24.65 -17.96 -23.60
N SER D 208 -24.28 -18.16 -22.34
CA SER D 208 -23.74 -17.10 -21.50
C SER D 208 -22.26 -17.37 -21.31
N GLU D 209 -21.42 -16.41 -21.67
CA GLU D 209 -19.98 -16.60 -21.76
C GLU D 209 -19.28 -15.83 -20.66
N GLU D 210 -18.43 -16.54 -19.92
CA GLU D 210 -17.83 -16.07 -18.68
C GLU D 210 -16.64 -15.13 -18.88
N THR D 211 -15.84 -15.31 -19.91
CA THR D 211 -14.50 -14.74 -19.86
C THR D 211 -14.14 -13.94 -21.11
N THR D 212 -13.16 -13.04 -20.93
CA THR D 212 -12.76 -12.09 -21.96
C THR D 212 -12.45 -12.80 -23.28
N THR D 213 -11.66 -13.88 -23.23
CA THR D 213 -11.30 -14.61 -24.45
C THR D 213 -12.52 -15.22 -25.13
N GLY D 214 -13.46 -15.75 -24.35
CA GLY D 214 -14.67 -16.31 -24.94
C GLY D 214 -15.52 -15.25 -25.61
N VAL D 215 -15.60 -14.06 -24.99
CA VAL D 215 -16.34 -12.96 -25.61
C VAL D 215 -15.68 -12.55 -26.92
N HIS D 216 -14.34 -12.51 -26.94
CA HIS D 216 -13.65 -12.19 -28.18
C HIS D 216 -13.99 -13.20 -29.29
N ARG D 217 -14.09 -14.48 -28.94
CA ARG D 217 -14.48 -15.49 -29.92
C ARG D 217 -15.90 -15.25 -30.43
N LEU D 218 -16.80 -14.83 -29.55
CA LEU D 218 -18.17 -14.52 -29.98
C LEU D 218 -18.18 -13.41 -31.00
N TYR D 219 -17.34 -12.39 -30.82
CA TYR D 219 -17.29 -11.29 -31.77
C TYR D 219 -16.62 -11.68 -33.08
N GLU D 220 -15.62 -12.57 -33.02
CA GLU D 220 -15.04 -13.07 -34.26
C GLU D 220 -16.07 -13.81 -35.09
N MET D 221 -16.95 -14.57 -34.43
CA MET D 221 -18.01 -15.27 -35.15
C MET D 221 -19.03 -14.30 -35.73
N MET D 222 -19.31 -13.20 -35.02
CA MET D 222 -20.19 -12.18 -35.60
C MET D 222 -19.54 -11.51 -36.80
N LYS D 223 -18.23 -11.24 -36.72
CA LYS D 223 -17.53 -10.64 -37.86
C LYS D 223 -17.65 -11.49 -39.11
N GLU D 224 -17.84 -12.80 -38.96
CA GLU D 224 -18.01 -13.71 -40.08
C GLU D 224 -19.48 -14.03 -40.36
N GLY D 225 -20.41 -13.46 -39.61
CA GLY D 225 -21.81 -13.79 -39.78
C GLY D 225 -22.14 -15.24 -39.46
N LYS D 226 -21.36 -15.86 -38.58
CA LYS D 226 -21.47 -17.29 -38.32
C LYS D 226 -22.11 -17.64 -36.98
N LEU D 227 -22.38 -16.67 -36.11
CA LEU D 227 -22.97 -16.98 -34.81
C LEU D 227 -24.37 -17.57 -34.99
N LEU D 228 -24.61 -18.71 -34.33
CA LEU D 228 -25.82 -19.50 -34.56
C LEU D 228 -26.94 -19.23 -33.57
N PHE D 229 -26.64 -18.63 -32.42
CA PHE D 229 -27.64 -18.38 -31.39
C PHE D 229 -27.19 -17.18 -30.56
N PRO D 230 -28.11 -16.52 -29.85
CA PRO D 230 -27.73 -15.32 -29.08
C PRO D 230 -26.75 -15.65 -27.96
N ALA D 231 -25.98 -14.64 -27.57
CA ALA D 231 -24.99 -14.79 -26.52
C ALA D 231 -25.15 -13.67 -25.50
N LEU D 232 -25.07 -14.02 -24.23
CA LEU D 232 -25.02 -13.06 -23.15
C LEU D 232 -23.58 -12.98 -22.67
N ASN D 233 -22.96 -11.82 -22.82
CA ASN D 233 -21.59 -11.56 -22.40
C ASN D 233 -21.60 -11.27 -20.89
N VAL D 234 -21.26 -12.29 -20.10
CA VAL D 234 -21.18 -12.16 -18.65
C VAL D 234 -19.90 -11.46 -18.21
N ASN D 235 -18.80 -11.67 -18.93
CA ASN D 235 -17.52 -11.08 -18.53
C ASN D 235 -17.66 -9.58 -18.33
N ASP D 236 -18.38 -8.91 -19.22
CA ASP D 236 -18.44 -7.46 -19.23
C ASP D 236 -19.58 -6.88 -18.41
N SER D 237 -20.28 -7.67 -17.61
CA SER D 237 -20.95 -7.07 -16.46
C SER D 237 -19.90 -6.34 -15.64
N VAL D 238 -20.26 -5.16 -15.13
CA VAL D 238 -19.33 -4.43 -14.27
C VAL D 238 -18.93 -5.29 -13.09
N THR D 239 -19.90 -5.96 -12.48
CA THR D 239 -19.66 -6.75 -11.28
C THR D 239 -18.90 -8.03 -11.55
N LYS D 240 -18.65 -8.37 -12.82
CA LYS D 240 -17.76 -9.48 -13.14
C LYS D 240 -16.38 -8.94 -13.47
N SER D 241 -16.24 -8.26 -14.61
CA SER D 241 -14.93 -7.80 -15.12
C SER D 241 -14.14 -7.02 -14.08
N LYS D 242 -14.77 -6.11 -13.34
CA LYS D 242 -14.06 -5.25 -12.41
CA LYS D 242 -14.02 -5.27 -12.42
C LYS D 242 -13.87 -5.87 -11.03
N PHE D 243 -14.32 -7.11 -10.84
CA PHE D 243 -14.23 -7.76 -9.53
C PHE D 243 -13.53 -9.11 -9.64
N ASP D 244 -14.13 -10.03 -10.38
CA ASP D 244 -13.51 -11.33 -10.68
C ASP D 244 -12.14 -11.13 -11.32
N ASN D 245 -12.07 -10.43 -12.45
CA ASN D 245 -10.82 -10.39 -13.20
C ASN D 245 -9.73 -9.68 -12.40
N VAL D 246 -10.11 -8.69 -11.61
CA VAL D 246 -9.15 -7.90 -10.83
C VAL D 246 -8.91 -8.54 -9.47
N TYR D 247 -9.90 -8.48 -8.56
CA TYR D 247 -9.69 -8.93 -7.19
C TYR D 247 -9.58 -10.45 -7.10
N GLY D 248 -10.23 -11.18 -8.01
CA GLY D 248 -10.04 -12.62 -8.04
C GLY D 248 -8.57 -12.99 -8.25
N CYS D 249 -7.95 -12.37 -9.26
CA CYS D 249 -6.54 -12.64 -9.53
C CYS D 249 -5.64 -12.11 -8.43
N ARG D 250 -6.00 -10.99 -7.80
CA ARG D 250 -5.23 -10.51 -6.65
C ARG D 250 -5.13 -11.60 -5.58
N HIS D 251 -6.21 -12.35 -5.38
CA HIS D 251 -6.20 -13.46 -4.45
C HIS D 251 -5.46 -14.67 -5.02
N SER D 252 -5.84 -15.13 -6.20
CA SER D 252 -5.50 -16.48 -6.62
C SER D 252 -4.16 -16.60 -7.38
N LEU D 253 -3.60 -15.51 -7.90
CA LEU D 253 -2.29 -15.62 -8.56
C LEU D 253 -1.19 -15.97 -7.55
N VAL D 254 -1.03 -15.13 -6.52
CA VAL D 254 0.01 -15.38 -5.53
C VAL D 254 -0.25 -16.69 -4.79
N ASP D 255 -1.53 -17.02 -4.57
CA ASP D 255 -1.89 -18.29 -3.94
C ASP D 255 -1.27 -19.45 -4.72
N ALA D 256 -1.45 -19.44 -6.04
CA ALA D 256 -0.91 -20.51 -6.87
C ALA D 256 0.61 -20.52 -6.87
N ILE D 257 1.24 -19.34 -6.98
CA ILE D 257 2.71 -19.31 -6.97
C ILE D 257 3.25 -19.85 -5.66
N MET D 258 2.64 -19.46 -4.53
CA MET D 258 3.09 -19.96 -3.24
C MET D 258 2.93 -21.47 -3.13
N ARG D 259 1.75 -21.99 -3.47
CA ARG D 259 1.56 -23.44 -3.36
C ARG D 259 2.52 -24.19 -4.25
N ALA D 260 2.77 -23.69 -5.47
CA ALA D 260 3.56 -24.44 -6.42
C ALA D 260 5.05 -24.41 -6.09
N THR D 261 5.55 -23.30 -5.53
CA THR D 261 6.99 -23.08 -5.44
C THR D 261 7.46 -22.66 -4.06
N ASP D 262 6.58 -22.13 -3.21
CA ASP D 262 6.99 -21.61 -1.90
C ASP D 262 8.13 -20.59 -2.00
N VAL D 263 8.20 -19.85 -3.09
CA VAL D 263 9.26 -18.87 -3.28
CA VAL D 263 9.26 -18.87 -3.27
C VAL D 263 8.85 -17.54 -2.65
N MET D 264 9.80 -16.90 -1.97
CA MET D 264 9.54 -15.57 -1.44
C MET D 264 9.42 -14.58 -2.59
N LEU D 265 8.34 -13.79 -2.58
CA LEU D 265 8.20 -12.79 -3.61
CA LEU D 265 8.14 -12.76 -3.58
C LEU D 265 8.89 -11.48 -3.24
N SER D 266 9.06 -11.21 -1.96
CA SER D 266 9.59 -9.93 -1.49
C SER D 266 10.95 -9.65 -2.11
N GLY D 267 11.11 -8.43 -2.63
CA GLY D 267 12.37 -7.97 -3.18
C GLY D 267 12.66 -8.44 -4.58
N LYS D 268 12.01 -9.50 -5.05
CA LYS D 268 12.26 -10.00 -6.40
C LYS D 268 11.60 -9.10 -7.43
N VAL D 269 12.17 -9.11 -8.63
CA VAL D 269 11.52 -8.48 -9.78
C VAL D 269 10.55 -9.50 -10.37
N ALA D 270 9.28 -9.11 -10.47
CA ALA D 270 8.24 -9.96 -11.04
C ALA D 270 7.69 -9.24 -12.25
N CYS D 271 7.75 -9.89 -13.42
CA CYS D 271 7.31 -9.29 -14.67
C CYS D 271 5.89 -9.76 -14.96
N VAL D 272 4.95 -8.80 -14.95
CA VAL D 272 3.56 -9.04 -15.31
C VAL D 272 3.37 -8.53 -16.73
N LEU D 273 3.03 -9.45 -17.62
CA LEU D 273 2.91 -9.14 -19.05
C LEU D 273 1.43 -8.90 -19.34
N GLY D 274 1.10 -7.66 -19.67
CA GLY D 274 -0.28 -7.24 -19.77
C GLY D 274 -0.70 -6.48 -18.54
N TYR D 275 -1.52 -5.45 -18.72
CA TYR D 275 -2.02 -4.63 -17.63
C TYR D 275 -3.47 -4.24 -17.89
N GLY D 276 -4.26 -5.21 -18.38
CA GLY D 276 -5.70 -5.11 -18.40
C GLY D 276 -6.26 -5.46 -17.04
N ASP D 277 -7.49 -5.99 -17.00
CA ASP D 277 -8.09 -6.30 -15.71
C ASP D 277 -7.29 -7.36 -14.95
N VAL D 278 -6.94 -8.45 -15.63
CA VAL D 278 -6.18 -9.53 -15.01
C VAL D 278 -4.77 -9.07 -14.63
N GLY D 279 -4.11 -8.31 -15.51
CA GLY D 279 -2.78 -7.80 -15.18
C GLY D 279 -2.80 -6.84 -14.00
N LYS D 280 -3.82 -5.98 -13.93
CA LYS D 280 -3.96 -5.08 -12.78
C LYS D 280 -4.06 -5.87 -11.48
N GLY D 281 -4.92 -6.89 -11.44
CA GLY D 281 -5.05 -7.68 -10.23
C GLY D 281 -3.83 -8.52 -9.94
N SER D 282 -3.17 -9.01 -10.98
CA SER D 282 -1.96 -9.81 -10.82
C SER D 282 -0.84 -8.96 -10.23
N ALA D 283 -0.67 -7.74 -10.73
CA ALA D 283 0.36 -6.86 -10.17
C ALA D 283 0.11 -6.60 -8.69
N GLU D 284 -1.16 -6.36 -8.30
CA GLU D 284 -1.48 -6.15 -6.89
CA GLU D 284 -1.50 -6.16 -6.90
C GLU D 284 -1.20 -7.41 -6.08
N SER D 285 -1.46 -8.58 -6.66
CA SER D 285 -1.21 -9.85 -5.96
C SER D 285 0.26 -9.94 -5.55
N LEU D 286 1.16 -9.56 -6.44
CA LEU D 286 2.59 -9.65 -6.19
CA LEU D 286 2.59 -9.66 -6.16
C LEU D 286 3.08 -8.49 -5.33
N LYS D 287 2.58 -7.27 -5.59
CA LYS D 287 3.00 -6.10 -4.83
C LYS D 287 2.69 -6.25 -3.34
N GLY D 288 1.59 -6.92 -3.00
CA GLY D 288 1.24 -7.11 -1.60
C GLY D 288 2.29 -7.88 -0.82
N GLN D 289 3.12 -8.66 -1.51
CA GLN D 289 4.19 -9.41 -0.86
C GLN D 289 5.53 -8.71 -0.95
N GLY D 290 5.56 -7.45 -1.37
CA GLY D 290 6.83 -6.74 -1.47
C GLY D 290 7.63 -7.05 -2.72
N ALA D 291 7.04 -7.72 -3.71
CA ALA D 291 7.72 -7.86 -4.98
C ALA D 291 7.81 -6.49 -5.65
N ARG D 292 8.85 -6.34 -6.48
CA ARG D 292 9.00 -5.16 -7.33
C ARG D 292 8.48 -5.56 -8.71
N VAL D 293 7.29 -5.10 -9.02
CA VAL D 293 6.57 -5.51 -10.23
C VAL D 293 6.97 -4.60 -11.39
N VAL D 294 7.33 -5.22 -12.51
CA VAL D 294 7.54 -4.54 -13.78
C VAL D 294 6.49 -5.05 -14.74
N VAL D 295 6.01 -4.17 -15.62
CA VAL D 295 4.82 -4.44 -16.42
C VAL D 295 5.16 -4.26 -17.89
N THR D 296 4.69 -5.18 -18.73
CA THR D 296 4.73 -4.96 -20.18
C THR D 296 3.33 -4.66 -20.69
N GLU D 297 3.26 -3.87 -21.76
CA GLU D 297 1.97 -3.54 -22.37
C GLU D 297 2.17 -3.12 -23.81
N VAL D 298 1.14 -3.35 -24.62
CA VAL D 298 1.05 -2.78 -25.96
C VAL D 298 0.10 -1.58 -26.02
N ASP D 299 -0.77 -1.42 -25.02
CA ASP D 299 -1.77 -0.36 -25.02
C ASP D 299 -1.24 0.81 -24.22
N PRO D 300 -1.06 1.99 -24.83
CA PRO D 300 -0.45 3.11 -24.09
C PRO D 300 -1.28 3.61 -22.93
N ILE D 301 -2.61 3.47 -22.98
CA ILE D 301 -3.42 3.87 -21.84
C ILE D 301 -3.15 2.96 -20.65
N CYS D 302 -3.18 1.65 -20.86
CA CYS D 302 -2.89 0.71 -19.79
C CYS D 302 -1.46 0.88 -19.28
N ALA D 303 -0.51 1.12 -20.19
CA ALA D 303 0.86 1.39 -19.76
C ALA D 303 0.94 2.61 -18.86
N LEU D 304 0.22 3.68 -19.21
CA LEU D 304 0.26 4.89 -18.39
C LEU D 304 -0.38 4.64 -17.04
N GLN D 305 -1.45 3.84 -16.99
CA GLN D 305 -2.00 3.45 -15.69
C GLN D 305 -0.96 2.76 -14.84
N ALA D 306 -0.20 1.83 -15.43
CA ALA D 306 0.83 1.12 -14.66
C ALA D 306 1.86 2.09 -14.11
N CYS D 307 2.28 3.07 -14.92
CA CYS D 307 3.22 4.08 -14.44
C CYS D 307 2.64 4.86 -13.27
N MET D 308 1.37 5.24 -13.36
CA MET D 308 0.75 6.03 -12.31
C MET D 308 0.61 5.23 -11.01
N ALA D 309 0.68 3.91 -11.09
CA ALA D 309 0.68 3.06 -9.90
C ALA D 309 2.09 2.81 -9.36
N GLY D 310 3.09 3.40 -10.00
CA GLY D 310 4.46 3.28 -9.54
C GLY D 310 5.20 2.07 -10.08
N TYR D 311 4.67 1.40 -11.10
CA TYR D 311 5.38 0.28 -11.72
C TYR D 311 6.23 0.76 -12.89
N GLU D 312 7.39 0.15 -13.06
CA GLU D 312 8.22 0.38 -14.23
C GLU D 312 7.62 -0.39 -15.41
N VAL D 313 7.45 0.29 -16.54
CA VAL D 313 6.92 -0.34 -17.74
C VAL D 313 8.07 -0.68 -18.68
N VAL D 314 8.23 -1.97 -18.97
CA VAL D 314 9.39 -2.50 -19.67
C VAL D 314 8.94 -3.40 -20.81
N ARG D 315 9.86 -3.67 -21.73
CA ARG D 315 9.71 -4.81 -22.63
CA ARG D 315 9.71 -4.81 -22.63
C ARG D 315 10.37 -6.02 -22.00
N ILE D 316 9.83 -7.21 -22.29
CA ILE D 316 10.32 -8.42 -21.61
C ILE D 316 11.83 -8.58 -21.75
N GLU D 317 12.38 -8.25 -22.93
CA GLU D 317 13.82 -8.40 -23.12
C GLU D 317 14.62 -7.55 -22.15
N ASP D 318 14.04 -6.46 -21.64
CA ASP D 318 14.74 -5.57 -20.74
C ASP D 318 14.99 -6.18 -19.37
N VAL D 319 14.28 -7.26 -19.01
CA VAL D 319 14.33 -7.77 -17.65
C VAL D 319 14.69 -9.24 -17.58
N LEU D 320 15.18 -9.81 -18.68
CA LEU D 320 15.54 -11.23 -18.67
C LEU D 320 16.68 -11.52 -17.71
N ASP D 321 17.56 -10.54 -17.44
CA ASP D 321 18.62 -10.73 -16.46
C ASP D 321 18.23 -10.26 -15.06
N LYS D 322 16.96 -9.93 -14.84
CA LYS D 322 16.52 -9.35 -13.57
C LYS D 322 15.34 -10.11 -12.97
N ALA D 323 14.29 -10.31 -13.75
CA ALA D 323 13.07 -10.91 -13.22
C ALA D 323 13.28 -12.38 -12.85
N GLU D 324 12.63 -12.80 -11.79
CA GLU D 324 12.61 -14.21 -11.42
C GLU D 324 11.23 -14.81 -11.43
N ILE D 325 10.20 -14.03 -11.77
CA ILE D 325 8.84 -14.51 -11.95
C ILE D 325 8.30 -13.80 -13.18
N PHE D 326 7.64 -14.55 -14.06
CA PHE D 326 6.96 -14.01 -15.24
C PHE D 326 5.54 -14.53 -15.25
N VAL D 327 4.57 -13.62 -15.41
CA VAL D 327 3.16 -13.96 -15.40
C VAL D 327 2.49 -13.34 -16.62
N THR D 328 1.96 -14.17 -17.52
CA THR D 328 1.25 -13.66 -18.69
C THR D 328 -0.23 -13.48 -18.40
N THR D 329 -0.79 -12.34 -18.84
CA THR D 329 -2.16 -11.97 -18.52
C THR D 329 -2.91 -11.45 -19.74
N THR D 330 -2.46 -11.80 -20.95
CA THR D 330 -2.82 -11.00 -22.12
C THR D 330 -4.03 -11.49 -22.90
N GLY D 331 -4.32 -12.79 -22.91
CA GLY D 331 -5.26 -13.31 -23.89
C GLY D 331 -4.70 -13.43 -25.30
N ASN D 332 -3.40 -13.21 -25.46
CA ASN D 332 -2.70 -13.14 -26.74
C ASN D 332 -1.70 -14.29 -26.83
N CYS D 333 -1.12 -14.46 -28.00
CA CYS D 333 -0.20 -15.57 -28.25
C CYS D 333 1.25 -15.08 -28.21
N ASP D 334 2.17 -16.00 -27.87
CA ASP D 334 3.60 -15.79 -28.05
C ASP D 334 4.12 -14.60 -27.24
N ILE D 335 3.73 -14.57 -25.96
CA ILE D 335 4.16 -13.51 -25.05
C ILE D 335 5.52 -13.84 -24.45
N ILE D 336 5.72 -15.07 -24.03
CA ILE D 336 7.01 -15.54 -23.52
C ILE D 336 7.51 -16.58 -24.53
N ARG D 337 8.55 -16.22 -25.27
CA ARG D 337 9.05 -17.03 -26.35
C ARG D 337 10.24 -17.87 -25.89
N ILE D 338 10.56 -18.90 -26.68
CA ILE D 338 11.68 -19.78 -26.31
C ILE D 338 12.97 -18.98 -26.19
N GLU D 339 13.19 -18.00 -27.07
CA GLU D 339 14.42 -17.23 -26.98
C GLU D 339 14.48 -16.37 -25.72
N HIS D 340 13.32 -16.04 -25.14
CA HIS D 340 13.31 -15.38 -23.84
C HIS D 340 13.71 -16.36 -22.74
N MET D 341 13.10 -17.54 -22.74
CA MET D 341 13.39 -18.52 -21.69
C MET D 341 14.84 -18.98 -21.73
N GLU D 342 15.46 -18.98 -22.91
CA GLU D 342 16.88 -19.31 -23.02
C GLU D 342 17.76 -18.32 -22.27
N LYS D 343 17.27 -17.10 -22.03
CA LYS D 343 18.05 -16.05 -21.39
C LYS D 343 17.65 -15.75 -19.95
N MET D 344 16.72 -16.53 -19.39
CA MET D 344 16.20 -16.19 -18.06
C MET D 344 17.18 -16.57 -16.95
N ARG D 345 16.98 -15.93 -15.80
CA ARG D 345 17.71 -16.28 -14.58
C ARG D 345 17.36 -17.69 -14.12
N HIS D 346 18.29 -18.30 -13.39
CA HIS D 346 18.15 -19.69 -13.01
C HIS D 346 16.92 -19.90 -12.13
N ASN D 347 16.12 -20.90 -12.51
CA ASN D 347 14.89 -21.29 -11.81
C ASN D 347 13.81 -20.20 -11.85
N ALA D 348 13.91 -19.27 -12.80
CA ALA D 348 12.84 -18.29 -12.97
C ALA D 348 11.51 -19.00 -13.16
N ILE D 349 10.47 -18.49 -12.49
CA ILE D 349 9.14 -19.07 -12.54
C ILE D 349 8.39 -18.47 -13.71
N VAL D 350 7.82 -19.32 -14.55
CA VAL D 350 7.10 -18.90 -15.75
C VAL D 350 5.69 -19.47 -15.68
N CYS D 351 4.69 -18.59 -15.77
CA CYS D 351 3.31 -19.02 -15.65
C CYS D 351 2.38 -18.10 -16.40
N ASN D 352 1.15 -18.58 -16.57
CA ASN D 352 0.14 -17.94 -17.39
C ASN D 352 -1.17 -17.95 -16.62
N ILE D 353 -1.78 -16.78 -16.50
CA ILE D 353 -3.10 -16.64 -15.89
C ILE D 353 -4.14 -16.14 -16.89
N GLY D 354 -3.76 -16.00 -18.16
N GLY D 354 -3.81 -16.17 -18.19
CA GLY D 354 -4.64 -15.48 -19.17
CA GLY D 354 -4.73 -15.88 -19.28
C GLY D 354 -5.50 -16.53 -19.85
C GLY D 354 -5.14 -17.07 -20.16
N HIS D 355 -5.00 -17.10 -20.94
N HIS D 355 -6.44 -17.36 -20.15
CA HIS D 355 -5.83 -18.03 -21.70
CA HIS D 355 -7.15 -18.56 -20.62
C HIS D 355 -5.03 -19.19 -22.24
C HIS D 355 -6.48 -19.83 -21.18
N PHE D 356 -5.73 -20.32 -22.34
N PHE D 356 -5.51 -19.76 -22.12
CA PHE D 356 -5.28 -21.53 -23.01
CA PHE D 356 -5.11 -20.93 -22.93
C PHE D 356 -3.86 -21.90 -22.61
C PHE D 356 -3.70 -21.45 -22.60
N ASP D 357 -3.00 -22.07 -23.58
CA ASP D 357 -1.64 -22.56 -23.31
C ASP D 357 -0.60 -21.98 -24.26
N ASN D 358 -0.95 -20.95 -25.03
CA ASN D 358 -0.07 -20.44 -26.07
C ASN D 358 0.46 -19.05 -25.75
N GLU D 359 0.20 -18.53 -24.55
CA GLU D 359 0.85 -17.29 -24.15
C GLU D 359 2.35 -17.52 -23.94
N ILE D 360 2.71 -18.67 -23.38
CA ILE D 360 4.08 -19.14 -23.30
C ILE D 360 4.29 -20.16 -24.40
N GLN D 361 5.47 -20.14 -25.03
CA GLN D 361 5.80 -21.12 -26.07
C GLN D 361 6.20 -22.45 -25.42
N VAL D 362 5.20 -23.13 -24.84
CA VAL D 362 5.45 -24.39 -24.14
C VAL D 362 5.93 -25.46 -25.10
N LYS D 363 5.35 -25.51 -26.30
CA LYS D 363 5.76 -26.51 -27.29
C LYS D 363 7.23 -26.35 -27.66
N ALA D 364 7.63 -25.11 -27.96
CA ALA D 364 9.03 -24.87 -28.31
C ALA D 364 9.97 -25.17 -27.14
N LEU D 365 9.52 -24.89 -25.92
CA LEU D 365 10.31 -25.25 -24.75
C LEU D 365 10.49 -26.77 -24.64
N LYS D 366 9.39 -27.52 -24.75
CA LYS D 366 9.47 -28.96 -24.61
C LYS D 366 10.32 -29.58 -25.71
N GLU D 367 10.36 -28.96 -26.88
CA GLU D 367 11.09 -29.47 -28.04
C GLU D 367 12.48 -28.86 -28.18
N PHE D 368 12.92 -28.04 -27.24
CA PHE D 368 14.22 -27.39 -27.36
C PHE D 368 15.33 -28.45 -27.34
N PRO D 369 16.29 -28.39 -28.27
CA PRO D 369 17.29 -29.45 -28.37
C PRO D 369 18.07 -29.63 -27.09
N GLY D 370 18.12 -30.86 -26.60
CA GLY D 370 18.88 -31.19 -25.42
C GLY D 370 18.26 -30.80 -24.09
N ILE D 371 17.07 -30.20 -24.09
CA ILE D 371 16.46 -29.81 -22.83
C ILE D 371 16.08 -31.05 -22.03
N LYS D 372 16.08 -30.90 -20.70
CA LYS D 372 15.69 -31.97 -19.79
C LYS D 372 14.54 -31.48 -18.92
N ARG D 373 13.47 -32.25 -18.86
CA ARG D 373 12.31 -31.92 -18.06
C ARG D 373 12.30 -32.78 -16.80
N ILE D 374 12.19 -32.12 -15.65
CA ILE D 374 12.13 -32.81 -14.35
C ILE D 374 10.87 -32.33 -13.65
N GLU D 375 9.96 -33.26 -13.36
CA GLU D 375 8.78 -32.90 -12.61
C GLU D 375 9.17 -32.75 -11.15
N ILE D 376 9.03 -31.54 -10.61
CA ILE D 376 9.22 -31.35 -9.17
C ILE D 376 8.07 -32.01 -8.41
N LYS D 377 6.86 -31.70 -8.85
CA LYS D 377 5.62 -32.30 -8.38
C LYS D 377 4.56 -31.97 -9.41
N PRO D 378 3.39 -32.59 -9.35
CA PRO D 378 2.37 -32.34 -10.38
C PRO D 378 2.16 -30.86 -10.66
N GLN D 379 2.25 -30.50 -11.95
CA GLN D 379 2.05 -29.15 -12.47
C GLN D 379 3.19 -28.19 -12.12
N VAL D 380 4.33 -28.71 -11.68
CA VAL D 380 5.52 -27.89 -11.42
C VAL D 380 6.68 -28.59 -12.10
N ASP D 381 7.14 -28.07 -13.23
CA ASP D 381 8.11 -28.74 -14.07
C ASP D 381 9.34 -27.87 -14.23
N GLN D 382 10.50 -28.40 -13.89
CA GLN D 382 11.76 -27.71 -14.11
C GLN D 382 12.33 -28.13 -15.47
N PHE D 383 12.62 -27.15 -16.31
CA PHE D 383 13.23 -27.40 -17.62
C PHE D 383 14.68 -26.95 -17.54
N VAL D 384 15.59 -27.91 -17.65
CA VAL D 384 17.03 -27.65 -17.53
C VAL D 384 17.62 -27.59 -18.93
N PHE D 385 18.18 -26.43 -19.28
CA PHE D 385 18.80 -26.23 -20.58
C PHE D 385 20.20 -26.82 -20.61
N PRO D 386 20.72 -27.12 -21.81
CA PRO D 386 22.09 -27.66 -21.89
C PRO D 386 23.16 -26.77 -21.24
N ASP D 387 22.98 -25.45 -21.24
CA ASP D 387 23.96 -24.57 -20.60
C ASP D 387 23.89 -24.58 -19.07
N GLY D 388 22.96 -25.32 -18.48
CA GLY D 388 22.89 -25.48 -17.04
C GLY D 388 21.81 -24.67 -16.37
N HIS D 389 21.35 -23.59 -16.99
CA HIS D 389 20.27 -22.83 -16.37
C HIS D 389 18.94 -23.53 -16.57
N ALA D 390 18.04 -23.33 -15.61
CA ALA D 390 16.73 -23.93 -15.67
C ALA D 390 15.67 -22.86 -15.51
N ILE D 391 14.46 -23.18 -15.95
CA ILE D 391 13.27 -22.41 -15.59
CA ILE D 391 13.27 -22.41 -15.58
C ILE D 391 12.26 -23.38 -14.99
N VAL D 392 11.30 -22.82 -14.25
CA VAL D 392 10.25 -23.60 -13.61
C VAL D 392 8.93 -23.17 -14.23
N LEU D 393 8.29 -24.09 -14.96
CA LEU D 393 7.03 -23.84 -15.65
C LEU D 393 5.89 -24.39 -14.80
N LEU D 394 4.86 -23.57 -14.59
CA LEU D 394 3.73 -23.96 -13.76
C LEU D 394 2.55 -24.37 -14.65
N ALA D 395 1.92 -25.49 -14.30
CA ALA D 395 0.67 -25.96 -14.93
C ALA D 395 0.79 -26.12 -16.45
N GLU D 396 2.00 -26.45 -16.93
CA GLU D 396 2.26 -26.59 -18.36
C GLU D 396 1.79 -25.37 -19.15
N GLY D 397 1.88 -24.18 -18.53
CA GLY D 397 1.48 -22.96 -19.19
C GLY D 397 -0.01 -22.70 -19.25
N ARG D 398 -0.83 -23.52 -18.61
CA ARG D 398 -2.27 -23.29 -18.52
C ARG D 398 -2.60 -22.50 -17.26
N LEU D 399 -3.85 -22.02 -17.16
CA LEU D 399 -4.25 -21.10 -16.08
C LEU D 399 -3.68 -21.48 -14.73
N VAL D 400 -2.78 -20.65 -14.21
CA VAL D 400 -2.00 -21.07 -13.05
C VAL D 400 -2.82 -21.03 -11.77
N ASN D 401 -3.75 -20.08 -11.66
CA ASN D 401 -4.51 -19.95 -10.43
C ASN D 401 -5.41 -21.16 -10.20
N LEU D 402 -6.01 -21.68 -11.27
CA LEU D 402 -6.84 -22.89 -11.19
C LEU D 402 -6.04 -24.17 -11.27
N GLY D 403 -4.89 -24.15 -11.95
CA GLY D 403 -4.11 -25.37 -12.12
C GLY D 403 -3.24 -25.71 -10.94
N CYS D 404 -2.72 -24.70 -10.23
CA CYS D 404 -1.84 -24.90 -9.09
C CYS D 404 -2.43 -24.47 -7.76
N ALA D 405 -3.61 -23.85 -7.75
CA ALA D 405 -4.33 -23.60 -6.51
C ALA D 405 -5.81 -23.93 -6.72
N THR D 406 -6.72 -23.09 -6.24
CA THR D 406 -8.15 -23.41 -6.34
C THR D 406 -8.93 -22.34 -7.11
N GLY D 407 -8.23 -21.49 -7.86
CA GLY D 407 -8.90 -20.39 -8.52
C GLY D 407 -9.38 -19.32 -7.54
N HIS D 408 -10.26 -18.47 -8.04
CA HIS D 408 -10.75 -17.35 -7.25
C HIS D 408 -11.55 -17.85 -6.06
N PRO D 409 -11.59 -17.08 -4.97
CA PRO D 409 -12.38 -17.49 -3.80
C PRO D 409 -13.87 -17.31 -4.01
N SER D 410 -14.63 -18.05 -3.18
CA SER D 410 -16.09 -18.10 -3.35
C SER D 410 -16.75 -16.72 -3.39
N PHE D 411 -16.33 -15.79 -2.52
CA PHE D 411 -17.07 -14.53 -2.41
C PHE D 411 -17.06 -13.75 -3.71
N VAL D 412 -15.92 -13.70 -4.41
CA VAL D 412 -15.92 -12.96 -5.67
C VAL D 412 -16.61 -13.77 -6.77
N MET D 413 -16.51 -15.11 -6.73
CA MET D 413 -17.22 -15.93 -7.71
C MET D 413 -18.73 -15.80 -7.56
N SER D 414 -19.19 -15.41 -6.38
CA SER D 414 -20.62 -15.13 -6.21
C SER D 414 -21.07 -13.98 -7.12
N ASN D 415 -20.22 -12.97 -7.32
CA ASN D 415 -20.53 -11.95 -8.32
C ASN D 415 -20.66 -12.57 -9.70
N SER D 416 -19.63 -13.29 -10.14
CA SER D 416 -19.60 -13.82 -11.50
C SER D 416 -20.76 -14.77 -11.73
N PHE D 417 -21.06 -15.60 -10.73
CA PHE D 417 -22.05 -16.65 -10.90
C PHE D 417 -23.47 -16.18 -10.66
N THR D 418 -23.66 -15.09 -9.90
CA THR D 418 -24.96 -14.44 -9.90
C THR D 418 -25.25 -13.86 -11.28
N ASN D 419 -24.24 -13.22 -11.89
CA ASN D 419 -24.39 -12.79 -13.28
C ASN D 419 -24.71 -13.95 -14.20
N GLN D 420 -24.03 -15.09 -14.04
CA GLN D 420 -24.33 -16.25 -14.89
C GLN D 420 -25.77 -16.70 -14.72
N THR D 421 -26.24 -16.78 -13.46
CA THR D 421 -27.61 -17.22 -13.21
C THR D 421 -28.62 -16.28 -13.85
N LEU D 422 -28.43 -14.96 -13.64
CA LEU D 422 -29.32 -13.98 -14.26
C LEU D 422 -29.24 -14.02 -15.78
N ALA D 423 -28.05 -14.29 -16.34
CA ALA D 423 -27.91 -14.38 -17.79
C ALA D 423 -28.69 -15.57 -18.34
N GLN D 424 -28.60 -16.73 -17.67
CA GLN D 424 -29.34 -17.90 -18.10
C GLN D 424 -30.84 -17.66 -18.06
N ILE D 425 -31.33 -17.03 -16.98
CA ILE D 425 -32.74 -16.66 -16.88
C ILE D 425 -33.13 -15.75 -18.04
N SER D 426 -32.32 -14.73 -18.30
CA SER D 426 -32.62 -13.76 -19.35
C SER D 426 -32.66 -14.43 -20.72
N LEU D 427 -31.66 -15.28 -21.02
CA LEU D 427 -31.65 -15.97 -22.30
C LEU D 427 -32.90 -16.82 -22.49
N TRP D 428 -33.39 -17.43 -21.42
CA TRP D 428 -34.56 -18.29 -21.54
C TRP D 428 -35.86 -17.52 -21.64
N LYS D 429 -35.96 -16.36 -21.01
CA LYS D 429 -37.21 -15.61 -20.94
C LYS D 429 -37.35 -14.53 -22.01
N GLU D 430 -36.24 -13.94 -22.45
CA GLU D 430 -36.30 -12.84 -23.41
C GLU D 430 -36.16 -13.37 -24.83
N LYS D 431 -36.65 -12.57 -25.78
CA LYS D 431 -36.54 -12.89 -27.20
C LYS D 431 -35.35 -12.11 -27.76
N TYR D 432 -34.15 -12.65 -27.54
CA TYR D 432 -32.95 -12.05 -28.10
C TYR D 432 -32.80 -12.43 -29.56
N GLU D 433 -32.36 -11.48 -30.37
CA GLU D 433 -31.95 -11.78 -31.73
C GLU D 433 -30.50 -12.26 -31.74
N LEU D 434 -30.04 -12.67 -32.91
CA LEU D 434 -28.65 -13.08 -33.04
C LEU D 434 -27.75 -11.89 -32.76
N GLY D 435 -26.86 -12.06 -31.79
CA GLY D 435 -25.99 -10.98 -31.36
C GLY D 435 -25.45 -11.29 -29.98
N VAL D 436 -24.63 -10.36 -29.49
CA VAL D 436 -24.00 -10.47 -28.17
C VAL D 436 -24.51 -9.32 -27.31
N TYR D 437 -25.04 -9.66 -26.13
CA TYR D 437 -25.71 -8.71 -25.27
C TYR D 437 -25.08 -8.72 -23.89
N THR D 438 -25.33 -7.65 -23.12
CA THR D 438 -24.97 -7.60 -21.71
C THR D 438 -26.23 -7.39 -20.88
N LEU D 439 -26.12 -7.72 -19.59
CA LEU D 439 -27.23 -7.49 -18.67
C LEU D 439 -27.45 -6.00 -18.46
N PRO D 440 -28.69 -5.59 -18.22
CA PRO D 440 -28.96 -4.17 -17.94
C PRO D 440 -28.26 -3.72 -16.66
N LYS D 441 -27.94 -2.43 -16.61
CA LYS D 441 -27.17 -1.90 -15.49
C LYS D 441 -27.87 -2.10 -14.15
N LYS D 442 -29.19 -1.97 -14.13
CA LYS D 442 -29.88 -2.13 -12.85
C LYS D 442 -29.69 -3.53 -12.27
N LEU D 443 -29.62 -4.56 -13.13
CA LEU D 443 -29.34 -5.90 -12.65
C LEU D 443 -27.89 -6.05 -12.21
N ASP D 444 -26.97 -5.46 -12.99
CA ASP D 444 -25.56 -5.41 -12.62
C ASP D 444 -25.40 -4.80 -11.23
N GLU D 445 -26.07 -3.67 -10.98
CA GLU D 445 -26.05 -3.05 -9.66
C GLU D 445 -26.61 -3.98 -8.59
N GLU D 446 -27.68 -4.72 -8.92
CA GLU D 446 -28.26 -5.64 -7.95
C GLU D 446 -27.27 -6.72 -7.53
N VAL D 447 -26.45 -7.21 -8.46
CA VAL D 447 -25.43 -8.19 -8.08
C VAL D 447 -24.56 -7.64 -6.96
N ALA D 448 -24.07 -6.40 -7.13
CA ALA D 448 -23.24 -5.80 -6.10
C ALA D 448 -24.02 -5.61 -4.80
N ARG D 449 -25.25 -5.10 -4.92
CA ARG D 449 -26.06 -4.81 -3.74
C ARG D 449 -26.24 -6.05 -2.86
N LEU D 450 -26.40 -7.22 -3.49
CA LEU D 450 -26.63 -8.45 -2.75
C LEU D 450 -25.45 -8.86 -1.86
N HIS D 451 -24.26 -8.30 -2.09
CA HIS D 451 -23.08 -8.68 -1.33
C HIS D 451 -22.72 -7.70 -0.22
N LEU D 452 -23.44 -6.59 -0.11
CA LEU D 452 -23.05 -5.56 0.84
C LEU D 452 -23.36 -5.95 2.28
N GLU D 453 -24.46 -6.68 2.51
CA GLU D 453 -24.85 -7.01 3.88
C GLU D 453 -23.79 -7.85 4.58
N LYS D 454 -23.30 -8.89 3.90
CA LYS D 454 -22.30 -9.74 4.54
C LYS D 454 -21.06 -8.94 4.92
N LEU D 455 -20.71 -7.94 4.11
CA LEU D 455 -19.55 -7.09 4.38
C LEU D 455 -19.84 -6.03 5.43
N GLY D 456 -21.08 -5.89 5.87
CA GLY D 456 -21.42 -4.82 6.79
C GLY D 456 -21.44 -3.44 6.17
N ALA D 457 -21.44 -3.35 4.84
CA ALA D 457 -21.39 -2.05 4.18
C ALA D 457 -22.76 -1.39 4.25
N LYS D 458 -22.79 -0.12 4.65
CA LYS D 458 -24.02 0.63 4.81
C LYS D 458 -24.19 1.57 3.63
N LEU D 459 -25.18 1.28 2.78
CA LEU D 459 -25.43 2.10 1.62
C LEU D 459 -26.34 3.28 1.99
N THR D 460 -25.99 4.46 1.48
CA THR D 460 -26.80 5.66 1.64
C THR D 460 -27.87 5.68 0.56
N VAL D 461 -29.05 6.20 0.90
CA VAL D 461 -30.18 6.33 -0.01
C VAL D 461 -30.37 7.80 -0.35
N LEU D 462 -30.46 8.09 -1.65
CA LEU D 462 -30.71 9.45 -2.11
C LEU D 462 -32.02 9.98 -1.57
N THR D 463 -32.03 11.25 -1.18
CA THR D 463 -33.29 11.94 -0.89
C THR D 463 -34.01 12.24 -2.20
N ASP D 464 -35.30 12.59 -2.07
CA ASP D 464 -36.06 13.05 -3.23
C ASP D 464 -35.36 14.21 -3.91
N LYS D 465 -34.87 15.17 -3.12
CA LYS D 465 -34.20 16.33 -3.70
C LYS D 465 -32.93 15.91 -4.45
N GLN D 466 -32.14 15.02 -3.86
CA GLN D 466 -30.92 14.57 -4.52
C GLN D 466 -31.21 13.78 -5.79
N ALA D 467 -32.23 12.92 -5.74
CA ALA D 467 -32.60 12.16 -6.93
C ALA D 467 -32.98 13.10 -8.07
N LYS D 468 -33.76 14.14 -7.77
CA LYS D 468 -34.13 15.12 -8.79
C LYS D 468 -32.92 15.91 -9.25
N TYR D 469 -32.01 16.26 -8.33
CA TYR D 469 -30.82 17.00 -8.69
C TYR D 469 -29.98 16.23 -9.70
N LEU D 470 -29.80 14.92 -9.49
CA LEU D 470 -29.00 14.11 -10.39
C LEU D 470 -29.80 13.59 -11.58
N GLY D 471 -31.12 13.64 -11.51
CA GLY D 471 -31.95 13.10 -12.57
C GLY D 471 -31.90 11.58 -12.66
N ILE D 472 -31.85 10.89 -11.53
CA ILE D 472 -31.89 9.43 -11.51
C ILE D 472 -32.90 8.97 -10.47
N ALA D 473 -33.23 7.69 -10.53
CA ALA D 473 -34.16 7.09 -9.60
C ALA D 473 -33.41 6.64 -8.36
N LYS D 474 -34.11 6.68 -7.21
CA LYS D 474 -33.47 6.30 -5.95
C LYS D 474 -32.96 4.88 -5.98
N ASP D 475 -33.62 3.99 -6.72
CA ASP D 475 -33.19 2.60 -6.79
C ASP D 475 -32.31 2.32 -8.01
N GLY D 476 -31.81 3.35 -8.68
CA GLY D 476 -30.93 3.18 -9.79
C GLY D 476 -31.67 3.01 -11.12
N PRO D 477 -30.92 2.89 -12.23
CA PRO D 477 -29.44 2.86 -12.27
C PRO D 477 -28.81 4.21 -11.92
N TYR D 478 -27.59 4.16 -11.36
CA TYR D 478 -26.96 5.37 -10.83
C TYR D 478 -26.01 6.05 -11.80
N LYS D 479 -25.62 5.38 -12.88
CA LYS D 479 -24.53 5.83 -13.72
C LYS D 479 -24.95 5.80 -15.19
N PRO D 480 -24.37 6.67 -16.01
CA PRO D 480 -24.61 6.61 -17.46
C PRO D 480 -24.20 5.26 -18.03
N ASP D 481 -24.81 4.90 -19.17
CA ASP D 481 -24.60 3.58 -19.74
CA ASP D 481 -24.59 3.59 -19.77
C ASP D 481 -23.12 3.28 -19.96
N HIS D 482 -22.32 4.30 -20.30
CA HIS D 482 -20.93 4.03 -20.64
CA HIS D 482 -20.92 4.20 -20.69
C HIS D 482 -19.96 4.41 -19.52
N TYR D 483 -20.45 4.51 -18.29
CA TYR D 483 -19.57 4.79 -17.16
C TYR D 483 -18.58 3.65 -16.96
N ARG D 484 -17.36 4.00 -16.58
CA ARG D 484 -16.27 3.03 -16.55
C ARG D 484 -15.90 2.52 -15.16
N TYR D 485 -16.42 3.13 -14.10
CA TYR D 485 -16.11 2.72 -12.72
C TYR D 485 -14.61 2.71 -12.46
#